data_1MAW
#
_entry.id   1MAW
#
_cell.length_a   228.550
_cell.length_b   91.980
_cell.length_c   156.890
_cell.angle_alpha   90.00
_cell.angle_beta   132.34
_cell.angle_gamma   90.00
#
_symmetry.space_group_name_H-M   'C 1 2 1'
#
loop_
_entity.id
_entity.type
_entity.pdbx_description
1 polymer 'TRYPTOPHAN-TRNA LIGASE'
2 non-polymer "ADENOSINE-5'-TRIPHOSPHATE"
#
_entity_poly.entity_id   1
_entity_poly.type   'polypeptide(L)'
_entity_poly.pdbx_seq_one_letter_code
;MKTIFSGIQPSGVITIGNYIGALRQFVELQHEYNCYFCIVDQHAITVWQDPHELRQNIRRLAALYLAVGIDPTQATLFIQ
SEVPAHAQAAWMLQCIVYIGELERMTQFKEKSAGKEAVSAGLLTYPPLMAADILLYNTDIVPVGEDQKQHIELTRDLAER
FNKRYGELFTIPEARIPKVGARIMSLVDPTKKMSKSDPNPKAYITLLDDAKTIEKKIKSAVTDSEGTIRYDKEAKPGISN
LLNIYSTLSGQSIEELERQYEGKGYGVFKADLAQVVIETLRPIQERYHHWMESEELDRVLDEGAEKANRVASEMVRKMEQ
AMGLGRRR
;
_entity_poly.pdbx_strand_id   A,B,C,D,E,F
#
loop_
_chem_comp.id
_chem_comp.type
_chem_comp.name
_chem_comp.formula
ATP non-polymer ADENOSINE-5'-TRIPHOSPHATE 'C10 H16 N5 O13 P3'
#
# COMPACT_ATOMS: atom_id res chain seq x y z
N MET A 1 2.17 -7.74 18.91
CA MET A 1 2.85 -8.94 19.48
C MET A 1 1.79 -10.00 19.75
N LYS A 2 2.12 -11.29 19.63
CA LYS A 2 1.17 -12.38 19.91
C LYS A 2 0.39 -12.12 21.21
N THR A 3 -0.82 -12.66 21.33
CA THR A 3 -1.61 -12.46 22.54
C THR A 3 -1.56 -13.70 23.39
N ILE A 4 -1.64 -13.55 24.70
CA ILE A 4 -1.62 -14.73 25.56
C ILE A 4 -2.70 -14.63 26.61
N PHE A 5 -3.58 -15.62 26.65
CA PHE A 5 -4.62 -15.62 27.64
C PHE A 5 -4.27 -16.58 28.77
N SER A 6 -4.58 -16.25 30.03
CA SER A 6 -4.28 -17.12 31.16
C SER A 6 -5.34 -16.94 32.25
N GLY A 7 -6.22 -17.92 32.40
CA GLY A 7 -7.26 -17.84 33.41
C GLY A 7 -6.76 -18.34 34.76
N ILE A 8 -6.88 -17.52 35.81
CA ILE A 8 -6.40 -17.89 37.12
C ILE A 8 -7.57 -18.19 38.02
N GLN A 9 -7.68 -19.44 38.43
CA GLN A 9 -8.73 -19.85 39.31
C GLN A 9 -8.47 -19.23 40.68
N PRO A 10 -9.42 -18.47 41.24
CA PRO A 10 -9.22 -17.88 42.56
C PRO A 10 -9.13 -18.96 43.64
N SER A 11 -8.01 -18.95 44.35
CA SER A 11 -7.79 -19.91 45.42
C SER A 11 -6.96 -19.34 46.57
N GLY A 12 -6.48 -18.09 46.46
CA GLY A 12 -5.71 -17.48 47.54
C GLY A 12 -4.44 -18.21 48.02
N VAL A 13 -4.00 -19.20 47.24
CA VAL A 13 -2.82 -19.98 47.56
C VAL A 13 -2.20 -20.57 46.30
N ILE A 14 -0.98 -20.16 46.00
CA ILE A 14 -0.22 -20.65 44.85
C ILE A 14 1.08 -21.20 45.45
N THR A 15 1.52 -22.37 45.01
CA THR A 15 2.73 -22.93 45.61
C THR A 15 4.04 -22.53 44.94
N ILE A 16 5.12 -22.71 45.70
CA ILE A 16 6.47 -22.42 45.23
C ILE A 16 6.73 -23.18 43.93
N GLY A 17 5.93 -24.21 43.68
CA GLY A 17 6.07 -24.99 42.47
C GLY A 17 5.40 -24.31 41.30
N ASN A 18 4.27 -23.67 41.58
CA ASN A 18 3.53 -22.93 40.56
C ASN A 18 4.33 -21.70 40.18
N TYR A 19 4.94 -21.08 41.19
CA TYR A 19 5.74 -19.91 41.00
C TYR A 19 6.91 -20.28 40.09
N ILE A 20 7.65 -21.30 40.47
CA ILE A 20 8.79 -21.76 39.68
C ILE A 20 8.36 -22.21 38.29
N GLY A 21 7.33 -23.05 38.28
CA GLY A 21 6.84 -23.65 37.03
C GLY A 21 6.32 -22.75 35.93
N ALA A 22 5.53 -21.78 36.32
CA ALA A 22 4.95 -20.89 35.37
C ALA A 22 5.06 -19.44 35.76
N LEU A 23 4.34 -19.08 36.82
CA LEU A 23 4.26 -17.70 37.27
C LEU A 23 5.53 -16.88 37.10
N ARG A 24 6.63 -17.34 37.69
CA ARG A 24 7.92 -16.66 37.61
C ARG A 24 8.36 -16.28 36.19
N GLN A 25 8.06 -17.13 35.22
CA GLN A 25 8.45 -16.85 33.84
C GLN A 25 7.50 -15.88 33.16
N PHE A 26 6.32 -15.71 33.73
CA PHE A 26 5.35 -14.79 33.15
C PHE A 26 5.88 -13.36 33.18
N VAL A 27 6.41 -12.95 34.33
CA VAL A 27 6.97 -11.59 34.52
C VAL A 27 7.97 -11.26 33.40
N GLU A 28 8.53 -12.30 32.80
CA GLU A 28 9.45 -12.15 31.69
C GLU A 28 8.61 -11.99 30.43
N LEU A 29 7.84 -13.04 30.12
CA LEU A 29 6.98 -13.10 28.93
C LEU A 29 6.17 -11.84 28.67
N GLN A 30 5.62 -11.32 29.76
CA GLN A 30 4.81 -10.12 29.79
C GLN A 30 5.41 -8.94 29.01
N HIS A 31 6.58 -9.10 28.42
CA HIS A 31 7.16 -8.01 27.66
C HIS A 31 7.26 -8.37 26.19
N GLU A 32 7.18 -9.66 25.88
CA GLU A 32 7.32 -10.09 24.51
C GLU A 32 5.97 -10.40 23.85
N TYR A 33 4.93 -10.50 24.67
CA TYR A 33 3.60 -10.79 24.18
C TYR A 33 2.56 -9.89 24.81
N ASN A 34 1.32 -10.04 24.39
CA ASN A 34 0.23 -9.26 24.95
C ASN A 34 -0.50 -10.21 25.90
N CYS A 35 -0.31 -10.01 27.19
CA CYS A 35 -0.91 -10.88 28.18
C CYS A 35 -2.17 -10.40 28.86
N TYR A 36 -3.08 -11.34 29.06
CA TYR A 36 -4.35 -11.11 29.74
C TYR A 36 -4.39 -12.12 30.91
N PHE A 37 -4.41 -11.65 32.15
CA PHE A 37 -4.47 -12.56 33.27
C PHE A 37 -5.84 -12.41 33.84
N CYS A 38 -6.71 -13.37 33.54
CA CYS A 38 -8.08 -13.29 34.01
C CYS A 38 -8.34 -14.11 35.25
N ILE A 39 -8.78 -13.48 36.33
CA ILE A 39 -9.13 -14.22 37.54
C ILE A 39 -10.52 -14.72 37.26
N VAL A 40 -10.60 -15.95 36.75
CA VAL A 40 -11.86 -16.59 36.36
C VAL A 40 -12.80 -17.01 37.49
N ASP A 41 -13.49 -16.06 38.09
CA ASP A 41 -14.40 -16.35 39.19
C ASP A 41 -15.72 -17.02 38.81
N GLN A 42 -16.18 -16.83 37.56
CA GLN A 42 -17.43 -17.45 37.11
C GLN A 42 -17.29 -18.98 37.02
N HIS A 43 -16.08 -19.43 36.69
CA HIS A 43 -15.81 -20.85 36.61
C HIS A 43 -15.72 -21.43 38.04
N ALA A 44 -15.18 -20.64 38.95
CA ALA A 44 -14.98 -21.07 40.33
C ALA A 44 -16.28 -21.28 41.08
N ILE A 45 -17.38 -20.91 40.44
CA ILE A 45 -18.67 -21.04 41.07
C ILE A 45 -19.42 -22.30 40.60
N THR A 46 -18.76 -23.16 39.82
CA THR A 46 -19.39 -24.41 39.38
C THR A 46 -19.40 -25.40 40.53
N VAL A 47 -18.62 -25.14 41.57
CA VAL A 47 -18.55 -26.01 42.76
C VAL A 47 -18.85 -25.17 43.98
N TRP A 48 -19.30 -25.78 45.07
CA TRP A 48 -19.62 -25.03 46.26
C TRP A 48 -18.51 -24.06 46.60
N GLN A 49 -18.91 -22.88 47.07
CA GLN A 49 -17.96 -21.86 47.47
C GLN A 49 -18.58 -21.14 48.64
N ASP A 50 -17.75 -20.57 49.50
CA ASP A 50 -18.28 -19.79 50.59
C ASP A 50 -18.17 -18.38 49.97
N PRO A 51 -19.26 -17.59 49.97
CA PRO A 51 -19.17 -16.26 49.36
C PRO A 51 -18.05 -15.41 49.87
N HIS A 52 -17.91 -15.35 51.19
CA HIS A 52 -16.88 -14.52 51.75
C HIS A 52 -15.49 -15.03 51.39
N GLU A 53 -15.33 -16.35 51.41
CA GLU A 53 -14.05 -16.94 51.06
C GLU A 53 -13.70 -16.60 49.63
N LEU A 54 -14.68 -16.74 48.75
CA LEU A 54 -14.48 -16.46 47.34
C LEU A 54 -14.17 -15.01 47.05
N ARG A 55 -14.82 -14.10 47.78
CA ARG A 55 -14.61 -12.68 47.56
C ARG A 55 -13.18 -12.38 47.96
N GLN A 56 -12.74 -13.03 49.04
CA GLN A 56 -11.39 -12.84 49.55
C GLN A 56 -10.30 -13.43 48.66
N ASN A 57 -10.47 -14.66 48.23
CA ASN A 57 -9.50 -15.33 47.39
C ASN A 57 -9.31 -14.63 46.05
N ILE A 58 -10.24 -13.76 45.68
CA ILE A 58 -10.14 -13.02 44.41
C ILE A 58 -9.17 -11.86 44.55
N ARG A 59 -9.18 -11.22 45.72
CA ARG A 59 -8.27 -10.11 45.98
C ARG A 59 -6.88 -10.72 46.17
N ARG A 60 -6.78 -11.75 47.01
CA ARG A 60 -5.53 -12.42 47.29
C ARG A 60 -4.75 -12.77 46.03
N LEU A 61 -5.44 -13.41 45.11
CA LEU A 61 -4.80 -13.80 43.86
C LEU A 61 -4.28 -12.59 43.07
N ALA A 62 -5.04 -11.50 43.07
CA ALA A 62 -4.65 -10.28 42.36
C ALA A 62 -3.51 -9.59 43.08
N ALA A 63 -3.59 -9.54 44.41
CA ALA A 63 -2.54 -8.93 45.21
C ALA A 63 -1.26 -9.69 44.87
N LEU A 64 -1.33 -11.01 44.93
CA LEU A 64 -0.19 -11.86 44.64
C LEU A 64 0.37 -11.78 43.22
N TYR A 65 -0.46 -11.67 42.20
CA TYR A 65 0.09 -11.64 40.86
C TYR A 65 0.95 -10.41 40.64
N LEU A 66 0.52 -9.30 41.25
CA LEU A 66 1.25 -8.04 41.16
C LEU A 66 2.49 -8.17 42.03
N ALA A 67 2.33 -8.68 43.26
CA ALA A 67 3.47 -8.86 44.15
C ALA A 67 4.59 -9.59 43.41
N VAL A 68 4.27 -10.76 42.86
CA VAL A 68 5.25 -11.55 42.11
C VAL A 68 5.87 -10.76 40.96
N GLY A 69 5.30 -9.62 40.60
CA GLY A 69 5.88 -8.84 39.53
C GLY A 69 5.13 -8.71 38.21
N ILE A 70 3.80 -8.76 38.23
CA ILE A 70 3.05 -8.60 36.98
C ILE A 70 2.75 -7.11 36.88
N ASP A 71 3.08 -6.55 35.72
CA ASP A 71 2.92 -5.11 35.49
C ASP A 71 1.56 -4.71 34.96
N PRO A 72 0.71 -4.19 35.85
CA PRO A 72 -0.62 -3.79 35.38
C PRO A 72 -0.60 -2.86 34.18
N THR A 73 0.54 -2.25 33.86
CA THR A 73 0.56 -1.37 32.71
C THR A 73 0.96 -2.13 31.47
N GLN A 74 1.79 -3.14 31.67
CA GLN A 74 2.27 -3.94 30.56
C GLN A 74 1.28 -5.01 30.13
N ALA A 75 0.69 -5.68 31.11
CA ALA A 75 -0.26 -6.75 30.89
C ALA A 75 -1.62 -6.37 31.47
N THR A 76 -2.65 -7.15 31.17
CA THR A 76 -3.97 -6.83 31.67
C THR A 76 -4.42 -7.82 32.72
N LEU A 77 -4.78 -7.33 33.90
CA LEU A 77 -5.23 -8.18 34.98
C LEU A 77 -6.69 -7.84 35.37
N PHE A 78 -7.64 -8.72 35.07
CA PHE A 78 -9.06 -8.45 35.37
C PHE A 78 -9.87 -9.63 35.89
N ILE A 79 -10.92 -9.35 36.65
CA ILE A 79 -11.80 -10.38 37.15
C ILE A 79 -12.68 -10.79 35.98
N GLN A 80 -13.03 -12.07 35.89
CA GLN A 80 -13.84 -12.55 34.78
C GLN A 80 -15.24 -11.97 34.70
N SER A 81 -15.92 -11.86 35.84
CA SER A 81 -17.29 -11.39 35.83
C SER A 81 -17.51 -9.90 35.66
N GLU A 82 -16.44 -9.12 35.66
CA GLU A 82 -16.58 -7.69 35.50
C GLU A 82 -16.54 -7.33 34.03
N VAL A 83 -16.53 -8.36 33.19
CA VAL A 83 -16.55 -8.14 31.75
C VAL A 83 -17.66 -9.04 31.26
N PRO A 84 -18.88 -8.49 31.14
CA PRO A 84 -20.09 -9.20 30.70
C PRO A 84 -19.98 -9.98 29.39
N ALA A 85 -19.12 -9.54 28.50
CA ALA A 85 -18.99 -10.25 27.22
C ALA A 85 -18.71 -11.73 27.40
N HIS A 86 -18.02 -12.10 28.48
CA HIS A 86 -17.72 -13.52 28.71
C HIS A 86 -19.00 -14.32 28.83
N ALA A 87 -19.85 -13.90 29.76
CA ALA A 87 -21.12 -14.54 30.00
C ALA A 87 -22.02 -14.52 28.79
N GLN A 88 -21.87 -13.51 27.95
CA GLN A 88 -22.73 -13.42 26.79
C GLN A 88 -22.28 -14.36 25.69
N ALA A 89 -21.00 -14.31 25.34
CA ALA A 89 -20.45 -15.17 24.30
C ALA A 89 -20.52 -16.62 24.74
N ALA A 90 -20.60 -16.85 26.04
CA ALA A 90 -20.69 -18.21 26.58
C ALA A 90 -21.99 -18.83 26.06
N TRP A 91 -23.08 -18.09 26.21
CA TRP A 91 -24.35 -18.54 25.73
C TRP A 91 -24.37 -18.79 24.24
N MET A 92 -23.76 -17.91 23.46
CA MET A 92 -23.75 -18.10 22.01
C MET A 92 -22.96 -19.30 21.55
N LEU A 93 -21.92 -19.64 22.30
CA LEU A 93 -21.09 -20.79 21.97
C LEU A 93 -21.85 -22.05 22.37
N GLN A 94 -22.47 -22.04 23.56
CA GLN A 94 -23.29 -23.16 24.00
C GLN A 94 -24.26 -23.50 22.89
N CYS A 95 -24.66 -22.50 22.12
CA CYS A 95 -25.60 -22.76 21.06
C CYS A 95 -24.99 -23.36 19.82
N ILE A 96 -23.68 -23.53 19.77
CA ILE A 96 -23.10 -24.12 18.57
C ILE A 96 -22.27 -25.36 18.88
N VAL A 97 -22.32 -25.81 20.13
CA VAL A 97 -21.59 -27.00 20.54
C VAL A 97 -22.60 -28.12 20.80
N TYR A 98 -22.30 -29.32 20.31
CA TYR A 98 -23.19 -30.46 20.49
C TYR A 98 -23.09 -31.05 21.90
N ILE A 99 -24.19 -31.62 22.40
CA ILE A 99 -24.20 -32.20 23.74
C ILE A 99 -23.15 -33.31 23.88
N GLY A 100 -23.06 -34.10 22.82
CA GLY A 100 -22.09 -35.17 22.78
C GLY A 100 -20.74 -34.59 23.11
N GLU A 101 -20.34 -33.53 22.41
CA GLU A 101 -19.05 -32.90 22.64
C GLU A 101 -18.78 -32.59 24.10
N LEU A 102 -19.81 -32.12 24.80
CA LEU A 102 -19.61 -31.79 26.20
C LEU A 102 -19.47 -33.03 27.08
N GLU A 103 -20.29 -34.04 26.82
CA GLU A 103 -20.26 -35.28 27.59
C GLU A 103 -18.98 -36.07 27.39
N ARG A 104 -18.47 -36.09 26.17
CA ARG A 104 -17.25 -36.83 25.90
C ARG A 104 -16.06 -36.07 26.45
N MET A 105 -16.30 -35.03 27.23
CA MET A 105 -15.18 -34.28 27.79
C MET A 105 -14.49 -35.14 28.87
N THR A 106 -13.23 -35.48 28.63
CA THR A 106 -12.39 -36.29 29.53
C THR A 106 -12.15 -35.59 30.85
N GLN A 107 -13.19 -35.50 31.67
CA GLN A 107 -13.13 -34.82 32.94
C GLN A 107 -14.52 -34.83 33.55
N PHE A 108 -15.52 -35.05 32.70
CA PHE A 108 -16.90 -35.07 33.16
C PHE A 108 -17.23 -36.35 33.92
N LYS A 109 -16.22 -37.19 34.14
CA LYS A 109 -16.40 -38.41 34.89
C LYS A 109 -16.81 -38.07 36.32
N GLU A 110 -16.77 -36.78 36.65
CA GLU A 110 -17.16 -36.27 37.96
C GLU A 110 -18.62 -36.60 38.22
N LYS A 111 -19.30 -37.13 37.19
CA LYS A 111 -20.70 -37.54 37.28
C LYS A 111 -20.89 -38.69 38.25
N SER A 112 -19.77 -39.11 38.84
CA SER A 112 -19.74 -40.14 39.86
C SER A 112 -20.65 -41.34 39.80
N ALA A 113 -20.42 -42.20 38.82
CA ALA A 113 -21.17 -43.43 38.64
C ALA A 113 -22.65 -43.32 39.03
N GLY A 114 -23.29 -42.24 38.59
CA GLY A 114 -24.70 -42.04 38.88
C GLY A 114 -25.03 -41.04 39.97
N LYS A 115 -24.16 -40.04 40.14
CA LYS A 115 -24.35 -39.00 41.17
C LYS A 115 -25.49 -38.04 40.87
N GLU A 116 -25.55 -37.54 39.64
CA GLU A 116 -26.59 -36.60 39.16
C GLU A 116 -26.80 -35.31 39.97
N ALA A 117 -26.30 -35.27 41.20
CA ALA A 117 -26.41 -34.10 42.08
C ALA A 117 -25.22 -33.20 41.75
N VAL A 118 -25.00 -32.98 40.47
CA VAL A 118 -23.92 -32.16 39.98
C VAL A 118 -24.49 -30.96 39.24
N SER A 119 -23.94 -29.78 39.54
CA SER A 119 -24.37 -28.55 38.90
C SER A 119 -24.20 -28.64 37.38
N ALA A 120 -25.12 -28.02 36.65
CA ALA A 120 -25.05 -28.00 35.20
C ALA A 120 -23.78 -27.26 34.87
N GLY A 121 -23.22 -26.60 35.89
CA GLY A 121 -21.98 -25.85 35.71
C GLY A 121 -20.87 -26.79 35.30
N LEU A 122 -20.78 -27.92 36.00
CA LEU A 122 -19.76 -28.91 35.69
C LEU A 122 -19.82 -29.34 34.23
N LEU A 123 -21.02 -29.50 33.66
CA LEU A 123 -21.11 -29.94 32.27
C LEU A 123 -20.91 -28.85 31.20
N THR A 124 -21.34 -27.64 31.51
CA THR A 124 -21.30 -26.55 30.55
C THR A 124 -20.18 -25.51 30.59
N TYR A 125 -19.28 -25.58 31.58
CA TYR A 125 -18.21 -24.57 31.66
C TYR A 125 -17.32 -24.45 30.41
N PRO A 126 -17.11 -25.53 29.64
CA PRO A 126 -16.27 -25.41 28.45
C PRO A 126 -16.64 -24.25 27.53
N PRO A 127 -17.91 -24.13 27.09
CA PRO A 127 -18.30 -23.02 26.22
C PRO A 127 -17.90 -21.65 26.82
N LEU A 128 -17.86 -21.57 28.15
CA LEU A 128 -17.47 -20.32 28.81
C LEU A 128 -15.97 -20.07 28.69
N MET A 129 -15.17 -21.11 28.99
CA MET A 129 -13.72 -21.06 28.89
C MET A 129 -13.30 -20.90 27.43
N ALA A 130 -14.17 -21.26 26.53
CA ALA A 130 -13.88 -21.10 25.12
C ALA A 130 -14.04 -19.63 24.83
N ALA A 131 -15.03 -19.02 25.45
CA ALA A 131 -15.30 -17.59 25.26
C ALA A 131 -14.15 -16.81 25.87
N ASP A 132 -13.84 -17.14 27.13
CA ASP A 132 -12.77 -16.51 27.89
C ASP A 132 -11.65 -16.29 26.91
N ILE A 133 -11.25 -17.39 26.27
CA ILE A 133 -10.18 -17.34 25.30
C ILE A 133 -10.59 -16.57 24.02
N LEU A 134 -11.37 -17.18 23.14
CA LEU A 134 -11.76 -16.58 21.87
C LEU A 134 -12.03 -15.07 21.84
N LEU A 135 -12.69 -14.56 22.88
CA LEU A 135 -13.02 -13.15 22.98
C LEU A 135 -11.84 -12.20 22.84
N TYR A 136 -10.63 -12.69 23.05
CA TYR A 136 -9.48 -11.80 22.93
C TYR A 136 -8.55 -12.10 21.75
N ASN A 137 -9.08 -12.71 20.71
CA ASN A 137 -8.29 -13.06 19.55
C ASN A 137 -6.93 -13.58 19.98
N THR A 138 -6.90 -14.37 21.04
CA THR A 138 -5.63 -14.87 21.55
C THR A 138 -4.96 -15.93 20.69
N ASP A 139 -3.64 -15.94 20.74
CA ASP A 139 -2.86 -16.90 19.99
C ASP A 139 -2.40 -18.08 20.81
N ILE A 140 -1.91 -17.81 22.01
CA ILE A 140 -1.39 -18.89 22.81
C ILE A 140 -2.09 -18.99 24.13
N VAL A 141 -2.45 -20.20 24.51
CA VAL A 141 -3.09 -20.44 25.79
C VAL A 141 -2.12 -21.35 26.52
N PRO A 142 -1.37 -20.81 27.47
CA PRO A 142 -0.40 -21.58 28.25
C PRO A 142 -1.10 -22.53 29.20
N VAL A 143 -1.23 -23.79 28.80
CA VAL A 143 -1.91 -24.80 29.62
C VAL A 143 -1.00 -25.92 30.09
N GLY A 144 -1.59 -26.84 30.85
CA GLY A 144 -0.88 -28.00 31.35
C GLY A 144 -1.12 -29.19 30.44
N GLU A 145 -0.45 -30.30 30.70
CA GLU A 145 -0.59 -31.51 29.88
C GLU A 145 -2.08 -31.92 29.85
N ASP A 146 -2.70 -31.81 31.03
CA ASP A 146 -4.09 -32.15 31.28
C ASP A 146 -5.12 -31.23 30.64
N GLN A 147 -4.83 -29.95 30.56
CA GLN A 147 -5.77 -29.00 29.99
C GLN A 147 -5.96 -29.08 28.48
N LYS A 148 -4.91 -29.52 27.80
CA LYS A 148 -4.89 -29.63 26.33
C LYS A 148 -6.24 -30.00 25.74
N GLN A 149 -6.83 -31.03 26.30
CA GLN A 149 -8.12 -31.56 25.86
C GLN A 149 -9.20 -30.48 25.70
N HIS A 150 -9.15 -29.46 26.54
CA HIS A 150 -10.10 -28.37 26.47
C HIS A 150 -9.80 -27.37 25.36
N ILE A 151 -8.53 -27.18 25.10
CA ILE A 151 -8.12 -26.28 24.04
C ILE A 151 -8.64 -26.81 22.71
N GLU A 152 -8.60 -28.14 22.59
CA GLU A 152 -9.05 -28.85 21.38
C GLU A 152 -10.46 -28.44 21.03
N LEU A 153 -11.35 -28.56 22.00
CA LEU A 153 -12.75 -28.21 21.82
C LEU A 153 -12.92 -26.76 21.41
N THR A 154 -12.29 -25.84 22.15
CA THR A 154 -12.45 -24.42 21.82
C THR A 154 -11.86 -24.12 20.47
N ARG A 155 -10.84 -24.87 20.07
CA ARG A 155 -10.26 -24.64 18.76
C ARG A 155 -11.35 -24.98 17.76
N ASP A 156 -12.03 -26.10 18.03
CA ASP A 156 -13.11 -26.60 17.18
C ASP A 156 -14.23 -25.58 17.08
N LEU A 157 -14.75 -25.19 18.23
CA LEU A 157 -15.83 -24.21 18.28
C LEU A 157 -15.46 -23.00 17.44
N ALA A 158 -14.21 -22.56 17.58
CA ALA A 158 -13.72 -21.42 16.84
C ALA A 158 -13.99 -21.60 15.36
N GLU A 159 -13.46 -22.68 14.81
CA GLU A 159 -13.58 -22.98 13.40
C GLU A 159 -15.02 -23.12 12.90
N ARG A 160 -15.82 -23.89 13.64
CA ARG A 160 -17.22 -24.14 13.29
C ARG A 160 -17.89 -22.80 13.09
N PHE A 161 -17.73 -21.95 14.10
CA PHE A 161 -18.31 -20.61 14.06
C PHE A 161 -17.75 -19.84 12.88
N ASN A 162 -16.45 -19.94 12.62
CA ASN A 162 -15.86 -19.20 11.50
C ASN A 162 -16.38 -19.66 10.14
N LYS A 163 -16.63 -20.94 10.00
CA LYS A 163 -17.11 -21.46 8.74
C LYS A 163 -18.59 -21.16 8.58
N ARG A 164 -19.35 -21.27 9.66
CA ARG A 164 -20.77 -20.99 9.55
C ARG A 164 -21.10 -19.50 9.40
N TYR A 165 -20.45 -18.65 10.20
CA TYR A 165 -20.73 -17.21 10.16
C TYR A 165 -19.64 -16.31 9.55
N GLY A 166 -18.46 -16.86 9.31
CA GLY A 166 -17.37 -16.09 8.73
C GLY A 166 -16.13 -15.98 9.61
N GLU A 167 -14.96 -15.77 9.00
CA GLU A 167 -13.70 -15.64 9.72
C GLU A 167 -13.84 -14.48 10.70
N LEU A 168 -13.81 -14.81 11.98
CA LEU A 168 -13.95 -13.83 13.04
C LEU A 168 -13.01 -14.22 14.18
N PHE A 169 -13.07 -15.48 14.60
CA PHE A 169 -12.23 -15.97 15.68
C PHE A 169 -10.84 -16.38 15.21
N THR A 170 -9.88 -16.35 16.12
CA THR A 170 -8.51 -16.76 15.82
C THR A 170 -8.41 -18.16 16.45
N ILE A 171 -8.01 -19.17 15.69
CA ILE A 171 -7.90 -20.47 16.31
C ILE A 171 -6.72 -20.38 17.30
N PRO A 172 -6.94 -20.63 18.60
CA PRO A 172 -5.83 -20.57 19.55
C PRO A 172 -4.96 -21.82 19.46
N GLU A 173 -3.83 -21.76 20.16
CA GLU A 173 -2.86 -22.83 20.22
C GLU A 173 -2.47 -22.99 21.66
N ALA A 174 -2.42 -24.24 22.09
CA ALA A 174 -2.07 -24.53 23.46
C ALA A 174 -0.58 -24.78 23.64
N ARG A 175 0.13 -23.77 24.14
CA ARG A 175 1.55 -23.94 24.38
C ARG A 175 1.72 -24.66 25.70
N ILE A 176 2.90 -25.24 25.91
CA ILE A 176 3.21 -25.95 27.14
C ILE A 176 4.18 -25.07 27.97
N PRO A 177 4.35 -25.36 29.28
CA PRO A 177 5.23 -24.61 30.19
C PRO A 177 6.75 -24.66 29.89
N LYS A 178 7.48 -23.75 30.53
CA LYS A 178 8.93 -23.61 30.42
C LYS A 178 9.54 -24.75 31.23
N VAL A 179 9.68 -24.49 32.52
CA VAL A 179 10.19 -25.45 33.50
C VAL A 179 11.42 -26.31 33.12
N GLY A 180 11.19 -27.48 32.52
CA GLY A 180 12.27 -28.40 32.18
C GLY A 180 12.76 -29.00 33.49
N ALA A 181 11.91 -28.90 34.50
CA ALA A 181 12.23 -29.36 35.84
C ALA A 181 11.04 -30.07 36.50
N ARG A 182 10.02 -29.33 36.94
CA ARG A 182 8.85 -29.88 37.64
C ARG A 182 9.19 -29.99 39.11
N ILE A 183 8.35 -29.48 39.98
CA ILE A 183 8.66 -29.55 41.41
C ILE A 183 7.83 -30.63 42.12
N MET A 184 8.48 -31.56 42.82
CA MET A 184 7.74 -32.61 43.51
C MET A 184 7.32 -32.23 44.92
N SER A 185 6.56 -33.13 45.55
CA SER A 185 6.07 -32.94 46.89
C SER A 185 7.26 -33.04 47.82
N LEU A 186 7.10 -32.52 49.03
CA LEU A 186 8.15 -32.56 50.04
C LEU A 186 8.00 -33.84 50.82
N VAL A 187 6.79 -34.40 50.82
CA VAL A 187 6.52 -35.63 51.55
C VAL A 187 6.55 -36.89 50.67
N ASP A 188 6.50 -36.71 49.37
CA ASP A 188 6.55 -37.83 48.43
C ASP A 188 7.13 -37.35 47.11
N PRO A 189 8.45 -37.48 46.95
CA PRO A 189 9.21 -37.08 45.76
C PRO A 189 8.78 -37.64 44.41
N THR A 190 7.77 -38.51 44.39
CA THR A 190 7.30 -39.08 43.13
C THR A 190 6.08 -38.33 42.67
N LYS A 191 5.38 -37.70 43.60
CA LYS A 191 4.19 -36.94 43.30
C LYS A 191 4.58 -35.55 42.81
N LYS A 192 3.61 -34.77 42.31
CA LYS A 192 3.84 -33.40 41.84
C LYS A 192 3.43 -32.43 42.94
N MET A 193 4.18 -31.33 43.09
CA MET A 193 3.95 -30.28 44.09
C MET A 193 2.61 -29.59 43.79
N SER A 194 1.69 -29.53 44.75
CA SER A 194 0.41 -28.89 44.48
C SER A 194 -0.44 -28.54 45.67
N LYS A 195 -1.21 -27.48 45.51
CA LYS A 195 -2.11 -26.98 46.56
C LYS A 195 -3.20 -27.97 46.95
N SER A 196 -3.67 -28.76 45.99
CA SER A 196 -4.73 -29.75 46.25
C SER A 196 -4.29 -30.96 47.08
N ASP A 197 -3.05 -30.95 47.55
CA ASP A 197 -2.55 -32.07 48.34
C ASP A 197 -3.17 -32.03 49.74
N PRO A 198 -3.57 -33.18 50.29
CA PRO A 198 -4.17 -33.26 51.63
C PRO A 198 -3.15 -33.08 52.75
N ASN A 199 -1.87 -33.26 52.48
CA ASN A 199 -0.87 -33.05 53.53
C ASN A 199 -0.15 -31.72 53.28
N PRO A 200 -0.37 -30.73 54.16
CA PRO A 200 0.21 -29.38 54.05
C PRO A 200 1.73 -29.38 53.96
N LYS A 201 2.35 -30.34 54.65
CA LYS A 201 3.80 -30.48 54.65
C LYS A 201 4.33 -30.77 53.25
N ALA A 202 3.44 -31.07 52.32
CA ALA A 202 3.89 -31.39 50.96
C ALA A 202 4.27 -30.21 50.08
N TYR A 203 3.90 -28.99 50.48
CA TYR A 203 4.19 -27.83 49.65
C TYR A 203 4.44 -26.56 50.47
N ILE A 204 5.02 -25.56 49.82
CA ILE A 204 5.29 -24.31 50.47
C ILE A 204 4.51 -23.22 49.71
N THR A 205 3.67 -22.50 50.43
CA THR A 205 2.83 -21.42 49.90
C THR A 205 3.57 -20.11 49.91
N LEU A 206 3.50 -19.36 48.81
CA LEU A 206 4.15 -18.08 48.75
C LEU A 206 3.86 -17.19 49.96
N LEU A 207 2.89 -17.56 50.79
CA LEU A 207 2.61 -16.72 51.94
C LEU A 207 2.87 -17.44 53.26
N ASP A 208 3.65 -18.52 53.20
CA ASP A 208 4.00 -19.28 54.39
C ASP A 208 5.09 -18.52 55.16
N ASP A 209 4.83 -18.33 56.45
CA ASP A 209 5.78 -17.63 57.29
C ASP A 209 7.03 -18.48 57.51
N ALA A 210 8.14 -17.78 57.63
CA ALA A 210 9.45 -18.40 57.83
C ALA A 210 9.48 -19.59 58.80
N LYS A 211 8.79 -19.49 59.93
CA LYS A 211 8.76 -20.59 60.90
C LYS A 211 8.17 -21.86 60.25
N THR A 212 7.23 -21.65 59.35
CA THR A 212 6.61 -22.75 58.66
C THR A 212 7.55 -23.25 57.57
N ILE A 213 8.16 -22.33 56.84
CA ILE A 213 9.07 -22.75 55.79
C ILE A 213 10.20 -23.58 56.36
N GLU A 214 10.58 -23.26 57.59
CA GLU A 214 11.65 -23.97 58.27
C GLU A 214 11.12 -25.36 58.55
N LYS A 215 10.04 -25.43 59.33
CA LYS A 215 9.44 -26.69 59.69
C LYS A 215 9.06 -27.62 58.53
N LYS A 216 8.78 -27.07 57.35
CA LYS A 216 8.41 -27.90 56.19
C LYS A 216 9.61 -28.48 55.42
N ILE A 217 10.72 -27.73 55.38
CA ILE A 217 11.93 -28.16 54.68
C ILE A 217 12.67 -29.14 55.57
N LYS A 218 12.43 -29.06 56.88
CA LYS A 218 13.04 -30.00 57.79
C LYS A 218 12.48 -31.35 57.41
N SER A 219 11.15 -31.46 57.48
CA SER A 219 10.42 -32.69 57.16
C SER A 219 10.65 -33.29 55.77
N ALA A 220 10.94 -32.45 54.77
CA ALA A 220 11.16 -32.92 53.41
C ALA A 220 11.93 -34.21 53.37
N VAL A 221 11.46 -35.16 52.58
CA VAL A 221 12.15 -36.45 52.52
C VAL A 221 13.47 -36.39 51.76
N THR A 222 14.42 -37.12 52.32
CA THR A 222 15.75 -37.32 51.79
C THR A 222 15.93 -38.83 51.88
N ASP A 223 17.10 -39.33 51.53
CA ASP A 223 17.34 -40.77 51.62
C ASP A 223 18.19 -41.07 52.84
N SER A 224 18.95 -42.15 52.80
CA SER A 224 19.81 -42.51 53.92
C SER A 224 21.28 -42.46 53.50
N GLU A 225 21.55 -42.36 52.21
CA GLU A 225 22.91 -42.29 51.72
C GLU A 225 23.70 -41.18 52.43
N GLY A 226 23.05 -40.06 52.71
CA GLY A 226 23.74 -38.99 53.38
C GLY A 226 24.59 -38.10 52.47
N THR A 227 24.46 -38.20 51.16
CA THR A 227 25.27 -37.33 50.30
C THR A 227 24.35 -36.42 49.46
N ILE A 228 24.77 -35.18 49.19
CA ILE A 228 23.96 -34.25 48.42
C ILE A 228 24.35 -34.38 46.95
N ARG A 229 23.69 -35.29 46.23
CA ARG A 229 24.00 -35.56 44.85
C ARG A 229 22.73 -35.74 44.05
N TYR A 230 22.73 -35.36 42.77
CA TYR A 230 21.51 -35.51 41.98
C TYR A 230 21.34 -36.90 41.42
N ASP A 231 20.13 -37.41 41.55
CA ASP A 231 19.79 -38.75 41.10
C ASP A 231 18.27 -38.77 41.01
N LYS A 232 17.71 -38.55 39.80
CA LYS A 232 16.26 -38.54 39.62
C LYS A 232 15.71 -39.73 40.38
N GLU A 233 15.97 -40.93 39.86
CA GLU A 233 15.58 -42.17 40.51
C GLU A 233 16.66 -42.34 41.61
N ALA A 234 16.45 -43.23 42.57
CA ALA A 234 17.43 -43.47 43.66
C ALA A 234 17.44 -42.40 44.73
N LYS A 235 17.66 -41.15 44.33
CA LYS A 235 17.68 -40.05 45.30
C LYS A 235 16.65 -39.00 44.90
N PRO A 236 15.34 -39.35 44.92
CA PRO A 236 14.27 -38.43 44.53
C PRO A 236 14.15 -37.20 45.41
N GLY A 237 14.09 -37.44 46.72
CA GLY A 237 13.95 -36.37 47.69
C GLY A 237 15.05 -35.33 47.61
N ILE A 238 16.29 -35.82 47.61
CA ILE A 238 17.45 -34.93 47.52
C ILE A 238 17.46 -34.17 46.20
N SER A 239 17.11 -34.84 45.13
CA SER A 239 17.10 -34.17 43.83
C SER A 239 16.04 -33.09 43.78
N ASN A 240 14.92 -33.34 44.44
CA ASN A 240 13.88 -32.35 44.43
C ASN A 240 14.43 -31.15 45.17
N LEU A 241 14.85 -31.37 46.42
CA LEU A 241 15.43 -30.29 47.18
C LEU A 241 16.41 -29.50 46.32
N LEU A 242 17.42 -30.20 45.79
CA LEU A 242 18.42 -29.58 44.92
C LEU A 242 17.83 -28.79 43.79
N ASN A 243 16.63 -29.17 43.37
CA ASN A 243 15.97 -28.47 42.27
C ASN A 243 15.40 -27.15 42.76
N ILE A 244 14.67 -27.23 43.88
CA ILE A 244 14.09 -26.06 44.50
C ILE A 244 15.23 -25.08 44.77
N TYR A 245 16.29 -25.59 45.40
CA TYR A 245 17.47 -24.78 45.76
C TYR A 245 18.05 -24.06 44.56
N SER A 246 18.54 -24.82 43.60
CA SER A 246 19.13 -24.21 42.42
C SER A 246 18.34 -23.05 41.83
N THR A 247 17.16 -23.33 41.28
CA THR A 247 16.32 -22.32 40.62
C THR A 247 16.17 -20.99 41.34
N LEU A 248 16.07 -21.05 42.65
CA LEU A 248 15.92 -19.85 43.42
C LEU A 248 17.23 -19.08 43.70
N SER A 249 18.35 -19.81 43.75
CA SER A 249 19.65 -19.21 44.05
C SER A 249 20.53 -18.99 42.84
N GLY A 250 20.01 -19.33 41.66
CA GLY A 250 20.78 -19.16 40.44
C GLY A 250 22.01 -20.06 40.33
N GLN A 251 22.21 -20.95 41.31
CA GLN A 251 23.37 -21.84 41.31
C GLN A 251 23.12 -23.17 40.62
N SER A 252 24.02 -23.61 39.76
CA SER A 252 23.82 -24.89 39.09
C SER A 252 23.84 -26.06 40.09
N ILE A 253 23.30 -27.21 39.66
CA ILE A 253 23.27 -28.41 40.48
C ILE A 253 24.69 -28.92 40.68
N GLU A 254 25.48 -28.89 39.61
CA GLU A 254 26.87 -29.33 39.67
C GLU A 254 27.54 -28.56 40.80
N GLU A 255 27.31 -27.26 40.79
CA GLU A 255 27.89 -26.39 41.80
C GLU A 255 27.48 -26.77 43.23
N LEU A 256 26.17 -26.83 43.47
CA LEU A 256 25.65 -27.14 44.79
C LEU A 256 26.19 -28.45 45.36
N GLU A 257 26.34 -29.45 44.50
CA GLU A 257 26.86 -30.75 44.92
C GLU A 257 28.28 -30.53 45.43
N ARG A 258 29.10 -29.96 44.57
CA ARG A 258 30.50 -29.69 44.89
C ARG A 258 30.58 -28.89 46.18
N GLN A 259 29.66 -27.93 46.30
CA GLN A 259 29.61 -27.04 47.46
C GLN A 259 29.37 -27.77 48.77
N TYR A 260 28.45 -28.72 48.75
CA TYR A 260 28.13 -29.46 49.94
C TYR A 260 28.93 -30.76 50.05
N GLU A 261 29.94 -30.87 49.21
CA GLU A 261 30.85 -31.99 49.16
C GLU A 261 30.89 -32.98 50.32
N GLY A 262 31.24 -32.54 51.51
CA GLY A 262 31.31 -33.49 52.60
C GLY A 262 30.29 -33.27 53.68
N LYS A 263 29.34 -32.38 53.41
CA LYS A 263 28.31 -32.06 54.38
C LYS A 263 27.14 -33.04 54.26
N GLY A 264 26.32 -33.07 55.29
CA GLY A 264 25.17 -33.95 55.29
C GLY A 264 23.89 -33.16 55.05
N TYR A 265 22.76 -33.84 55.18
CA TYR A 265 21.48 -33.19 54.96
C TYR A 265 21.15 -32.09 56.01
N GLY A 266 21.54 -32.33 57.26
CA GLY A 266 21.27 -31.41 58.35
C GLY A 266 21.49 -29.94 58.01
N VAL A 267 22.71 -29.60 57.60
CA VAL A 267 23.01 -28.23 57.23
C VAL A 267 22.32 -27.81 55.96
N PHE A 268 22.44 -28.63 54.92
CA PHE A 268 21.84 -28.37 53.60
C PHE A 268 20.42 -27.87 53.70
N LYS A 269 19.58 -28.61 54.43
CA LYS A 269 18.19 -28.22 54.59
C LYS A 269 18.14 -26.84 55.22
N ALA A 270 18.86 -26.65 56.33
CA ALA A 270 18.91 -25.35 57.02
C ALA A 270 19.32 -24.24 56.04
N ASP A 271 20.24 -24.55 55.14
CA ASP A 271 20.63 -23.56 54.15
C ASP A 271 19.46 -23.29 53.24
N LEU A 272 18.86 -24.36 52.73
CA LEU A 272 17.73 -24.22 51.82
C LEU A 272 16.57 -23.42 52.45
N ALA A 273 16.27 -23.75 53.70
CA ALA A 273 15.21 -23.07 54.44
C ALA A 273 15.42 -21.55 54.32
N GLN A 274 16.67 -21.11 54.32
CA GLN A 274 16.99 -19.70 54.20
C GLN A 274 16.78 -19.13 52.77
N VAL A 275 17.40 -19.73 51.77
CA VAL A 275 17.26 -19.22 50.40
C VAL A 275 15.79 -19.08 50.02
N VAL A 276 14.93 -19.92 50.55
CA VAL A 276 13.51 -19.80 50.27
C VAL A 276 12.99 -18.58 51.03
N ILE A 277 13.15 -18.58 52.36
CA ILE A 277 12.68 -17.48 53.20
C ILE A 277 13.08 -16.14 52.60
N GLU A 278 14.33 -16.05 52.19
CA GLU A 278 14.83 -14.83 51.60
C GLU A 278 14.08 -14.55 50.30
N THR A 279 13.97 -15.52 49.42
CA THR A 279 13.27 -15.31 48.16
C THR A 279 11.82 -14.82 48.27
N LEU A 280 11.11 -15.32 49.27
CA LEU A 280 9.71 -14.94 49.42
C LEU A 280 9.48 -13.70 50.24
N ARG A 281 10.41 -13.35 51.11
CA ARG A 281 10.22 -12.20 51.98
C ARG A 281 9.73 -10.94 51.26
N PRO A 282 10.45 -10.49 50.22
CA PRO A 282 9.97 -9.29 49.54
C PRO A 282 8.56 -9.50 49.00
N ILE A 283 8.30 -10.68 48.46
CA ILE A 283 7.00 -10.99 47.91
C ILE A 283 5.94 -10.82 48.98
N GLN A 284 6.11 -11.42 50.15
CA GLN A 284 5.07 -11.23 51.16
C GLN A 284 4.91 -9.76 51.52
N GLU A 285 5.99 -8.99 51.42
CA GLU A 285 5.92 -7.58 51.72
C GLU A 285 5.03 -6.92 50.69
N ARG A 286 5.52 -6.85 49.46
CA ARG A 286 4.77 -6.24 48.38
C ARG A 286 3.31 -6.67 48.42
N TYR A 287 3.08 -7.98 48.48
CA TYR A 287 1.71 -8.47 48.53
C TYR A 287 0.93 -7.71 49.59
N HIS A 288 1.42 -7.69 50.82
CA HIS A 288 0.70 -7.00 51.88
C HIS A 288 0.42 -5.54 51.62
N HIS A 289 1.37 -4.88 50.95
CA HIS A 289 1.20 -3.46 50.61
C HIS A 289 -0.02 -3.34 49.71
N TRP A 290 -0.05 -4.14 48.65
CA TRP A 290 -1.16 -4.14 47.71
C TRP A 290 -2.50 -4.44 48.36
N MET A 291 -2.52 -5.41 49.28
CA MET A 291 -3.74 -5.80 49.97
C MET A 291 -4.41 -4.70 50.76
N GLU A 292 -3.63 -3.83 51.39
CA GLU A 292 -4.21 -2.73 52.15
C GLU A 292 -4.23 -1.43 51.34
N SER A 293 -3.74 -1.49 50.11
CA SER A 293 -3.73 -0.32 49.23
C SER A 293 -4.94 -0.32 48.31
N GLU A 294 -5.56 0.85 48.19
CA GLU A 294 -6.72 1.06 47.34
C GLU A 294 -6.28 1.05 45.88
N GLU A 295 -4.98 1.23 45.63
CA GLU A 295 -4.48 1.18 44.27
C GLU A 295 -4.77 -0.18 43.68
N LEU A 296 -5.06 -1.17 44.52
CA LEU A 296 -5.37 -2.51 44.03
C LEU A 296 -6.62 -2.45 43.16
N ASP A 297 -7.72 -1.97 43.74
CA ASP A 297 -8.97 -1.83 43.02
C ASP A 297 -8.83 -1.01 41.77
N ARG A 298 -8.11 0.09 41.84
CA ARG A 298 -7.94 0.95 40.69
C ARG A 298 -7.30 0.18 39.55
N VAL A 299 -6.44 -0.77 39.90
CA VAL A 299 -5.73 -1.59 38.92
C VAL A 299 -6.68 -2.62 38.29
N LEU A 300 -7.57 -3.18 39.11
CA LEU A 300 -8.51 -4.16 38.60
C LEU A 300 -9.53 -3.43 37.72
N ASP A 301 -9.86 -2.20 38.11
CA ASP A 301 -10.79 -1.34 37.39
C ASP A 301 -10.28 -1.08 35.99
N GLU A 302 -9.08 -0.52 35.90
CA GLU A 302 -8.49 -0.23 34.61
C GLU A 302 -8.16 -1.51 33.86
N GLY A 303 -8.19 -2.63 34.59
CA GLY A 303 -7.93 -3.92 33.98
C GLY A 303 -9.18 -4.34 33.23
N ALA A 304 -10.26 -4.49 33.98
CA ALA A 304 -11.57 -4.86 33.44
C ALA A 304 -11.84 -3.98 32.25
N GLU A 305 -11.69 -2.68 32.52
CA GLU A 305 -11.89 -1.63 31.53
C GLU A 305 -11.04 -1.85 30.28
N LYS A 306 -9.78 -2.22 30.43
CA LYS A 306 -8.96 -2.45 29.24
C LYS A 306 -9.47 -3.64 28.46
N ALA A 307 -9.86 -4.68 29.19
CA ALA A 307 -10.37 -5.93 28.61
C ALA A 307 -11.71 -5.72 27.93
N ASN A 308 -12.65 -5.17 28.69
CA ASN A 308 -13.99 -4.91 28.18
C ASN A 308 -13.96 -4.22 26.84
N ARG A 309 -12.98 -3.35 26.62
CA ARG A 309 -12.84 -2.65 25.36
C ARG A 309 -12.67 -3.61 24.18
N VAL A 310 -12.08 -4.78 24.43
CA VAL A 310 -11.83 -5.76 23.36
C VAL A 310 -12.94 -6.79 23.26
N ALA A 311 -13.44 -7.17 24.43
CA ALA A 311 -14.49 -8.16 24.56
C ALA A 311 -15.78 -7.69 23.91
N SER A 312 -16.15 -6.45 24.19
CA SER A 312 -17.37 -5.88 23.66
C SER A 312 -17.38 -5.86 22.15
N GLU A 313 -16.28 -5.43 21.55
CA GLU A 313 -16.23 -5.38 20.11
C GLU A 313 -16.26 -6.78 19.51
N MET A 314 -15.99 -7.78 20.35
CA MET A 314 -16.02 -9.16 19.90
C MET A 314 -17.48 -9.64 19.94
N VAL A 315 -18.17 -9.38 21.05
CA VAL A 315 -19.57 -9.76 21.21
C VAL A 315 -20.44 -9.05 20.19
N ARG A 316 -20.08 -7.82 19.88
CA ARG A 316 -20.82 -7.03 18.91
C ARG A 316 -20.76 -7.81 17.61
N LYS A 317 -19.57 -8.09 17.12
CA LYS A 317 -19.43 -8.84 15.88
C LYS A 317 -20.10 -10.20 15.98
N MET A 318 -20.05 -10.81 17.17
CA MET A 318 -20.67 -12.10 17.37
C MET A 318 -22.17 -12.03 17.11
N GLU A 319 -22.88 -11.24 17.92
CA GLU A 319 -24.31 -11.03 17.76
C GLU A 319 -24.66 -10.66 16.33
N GLN A 320 -23.79 -9.87 15.70
CA GLN A 320 -23.99 -9.43 14.34
C GLN A 320 -24.18 -10.61 13.38
N ALA A 321 -23.29 -11.60 13.48
CA ALA A 321 -23.34 -12.79 12.64
C ALA A 321 -24.48 -13.73 13.00
N MET A 322 -24.70 -13.94 14.29
CA MET A 322 -25.75 -14.83 14.76
C MET A 322 -27.13 -14.31 14.40
N GLY A 323 -27.22 -13.01 14.12
CA GLY A 323 -28.51 -12.43 13.80
C GLY A 323 -29.30 -11.94 15.01
N LEU A 324 -28.69 -11.83 16.19
CA LEU A 324 -29.39 -11.36 17.39
C LEU A 324 -29.68 -9.86 17.36
N GLY A 325 -30.40 -9.39 18.38
CA GLY A 325 -30.75 -7.99 18.51
C GLY A 325 -31.01 -7.19 17.24
N ARG A 326 -30.64 -5.90 17.25
CA ARG A 326 -30.81 -5.02 16.09
C ARG A 326 -29.53 -4.57 15.39
N MET B 1 54.90 17.76 -16.75
CA MET B 1 55.91 18.59 -16.06
C MET B 1 55.20 19.11 -14.82
N LYS B 2 55.95 19.76 -13.92
CA LYS B 2 55.36 20.34 -12.70
C LYS B 2 54.32 21.39 -13.04
N THR B 3 53.30 21.50 -12.21
CA THR B 3 52.23 22.46 -12.45
C THR B 3 52.31 23.75 -11.64
N ILE B 4 52.18 24.88 -12.35
CA ILE B 4 52.21 26.20 -11.71
C ILE B 4 50.87 26.93 -11.77
N PHE B 5 50.39 27.39 -10.63
CA PHE B 5 49.15 28.13 -10.61
C PHE B 5 49.38 29.59 -10.27
N SER B 6 49.00 30.47 -11.18
CA SER B 6 49.17 31.90 -10.98
C SER B 6 47.86 32.69 -11.07
N GLY B 7 47.34 33.12 -9.92
CA GLY B 7 46.10 33.90 -9.88
C GLY B 7 46.34 35.36 -10.19
N ILE B 8 45.61 35.91 -11.16
CA ILE B 8 45.78 37.29 -11.57
C ILE B 8 44.61 38.14 -11.14
N GLN B 9 44.88 39.18 -10.37
CA GLN B 9 43.83 40.07 -9.90
C GLN B 9 43.49 41.09 -10.98
N PRO B 10 42.23 41.17 -11.41
CA PRO B 10 41.86 42.13 -12.46
C PRO B 10 42.11 43.58 -12.07
N SER B 11 43.09 44.19 -12.73
CA SER B 11 43.45 45.58 -12.47
C SER B 11 43.80 46.32 -13.75
N GLY B 12 43.67 45.65 -14.90
CA GLY B 12 43.93 46.27 -16.19
C GLY B 12 45.26 46.97 -16.40
N VAL B 13 45.92 47.32 -15.31
CA VAL B 13 47.21 48.00 -15.34
C VAL B 13 48.32 47.14 -14.74
N ILE B 14 49.35 46.86 -15.51
CA ILE B 14 50.49 46.10 -15.01
C ILE B 14 51.76 46.88 -15.36
N THR B 15 52.51 47.24 -14.33
CA THR B 15 53.72 48.03 -14.48
C THR B 15 54.95 47.32 -15.06
N ILE B 16 55.78 48.05 -15.79
CA ILE B 16 57.03 47.53 -16.36
C ILE B 16 57.80 46.81 -15.23
N GLY B 17 57.58 47.21 -13.99
CA GLY B 17 58.25 46.57 -12.87
C GLY B 17 57.83 45.11 -12.88
N ASN B 18 56.51 44.94 -12.76
CA ASN B 18 55.89 43.63 -12.81
C ASN B 18 56.30 42.91 -14.10
N TYR B 19 56.29 43.60 -15.23
CA TYR B 19 56.68 42.94 -16.46
C TYR B 19 58.08 42.34 -16.37
N ILE B 20 59.03 43.12 -15.87
CA ILE B 20 60.42 42.70 -15.72
C ILE B 20 60.58 41.69 -14.57
N GLY B 21 59.67 41.76 -13.59
CA GLY B 21 59.76 40.88 -12.44
C GLY B 21 59.11 39.49 -12.48
N ALA B 22 57.96 39.40 -13.13
CA ALA B 22 57.29 38.12 -13.20
C ALA B 22 56.96 37.71 -14.63
N LEU B 23 56.13 38.53 -15.28
CA LEU B 23 55.68 38.24 -16.63
C LEU B 23 56.71 37.70 -17.62
N ARG B 24 57.82 38.41 -17.82
CA ARG B 24 58.82 37.97 -18.77
C ARG B 24 59.20 36.50 -18.70
N GLN B 25 59.70 36.05 -17.56
CA GLN B 25 60.14 34.66 -17.47
C GLN B 25 58.98 33.71 -17.66
N PHE B 26 57.78 34.19 -17.38
CA PHE B 26 56.60 33.38 -17.55
C PHE B 26 56.44 32.93 -19.02
N VAL B 27 56.96 33.72 -19.95
CA VAL B 27 56.87 33.38 -21.36
C VAL B 27 57.79 32.21 -21.72
N GLU B 28 58.97 32.16 -21.15
CA GLU B 28 59.87 31.05 -21.46
C GLU B 28 59.42 29.87 -20.61
N LEU B 29 59.28 30.14 -19.33
CA LEU B 29 58.86 29.17 -18.33
C LEU B 29 57.68 28.32 -18.79
N GLN B 30 56.67 28.97 -19.36
CA GLN B 30 55.46 28.30 -19.80
C GLN B 30 55.66 27.03 -20.64
N HIS B 31 56.83 26.87 -21.24
CA HIS B 31 57.09 25.70 -22.07
C HIS B 31 57.63 24.53 -21.24
N GLU B 32 58.25 24.86 -20.11
CA GLU B 32 58.82 23.85 -19.25
C GLU B 32 57.87 23.33 -18.18
N TYR B 33 56.80 24.06 -17.88
CA TYR B 33 55.86 23.59 -16.88
C TYR B 33 54.45 23.66 -17.41
N ASN B 34 53.51 23.20 -16.60
CA ASN B 34 52.10 23.23 -16.95
C ASN B 34 51.60 24.49 -16.25
N CYS B 35 51.36 25.55 -17.01
CA CYS B 35 50.91 26.81 -16.41
C CYS B 35 49.42 27.11 -16.37
N TYR B 36 48.96 27.65 -15.24
CA TYR B 36 47.58 28.03 -15.08
C TYR B 36 47.58 29.50 -14.72
N PHE B 37 47.11 30.34 -15.64
CA PHE B 37 47.01 31.78 -15.44
C PHE B 37 45.52 32.07 -15.32
N CYS B 38 45.10 32.33 -14.10
CA CYS B 38 43.69 32.52 -13.80
C CYS B 38 43.29 33.90 -13.32
N ILE B 39 42.54 34.63 -14.16
CA ILE B 39 42.05 35.95 -13.81
C ILE B 39 41.04 35.74 -12.67
N VAL B 40 41.45 36.01 -11.43
CA VAL B 40 40.60 35.81 -10.25
C VAL B 40 39.55 36.85 -9.93
N ASP B 41 38.55 37.01 -10.79
CA ASP B 41 37.51 38.00 -10.54
C ASP B 41 36.63 37.74 -9.31
N GLN B 42 36.50 36.49 -8.87
CA GLN B 42 35.69 36.20 -7.67
C GLN B 42 36.32 36.72 -6.40
N HIS B 43 37.62 36.99 -6.47
CA HIS B 43 38.34 37.52 -5.32
C HIS B 43 38.19 39.02 -5.35
N ALA B 44 38.27 39.58 -6.55
CA ALA B 44 38.15 41.02 -6.73
C ALA B 44 36.85 41.52 -6.09
N ILE B 45 35.85 40.67 -6.12
CA ILE B 45 34.55 41.01 -5.56
C ILE B 45 34.56 41.21 -4.05
N THR B 46 35.70 41.05 -3.37
CA THR B 46 35.70 41.23 -1.91
C THR B 46 35.68 42.69 -1.44
N VAL B 47 36.02 43.61 -2.34
CA VAL B 47 36.05 45.03 -2.06
C VAL B 47 35.21 45.71 -3.14
N TRP B 48 34.71 46.91 -2.85
CA TRP B 48 33.88 47.62 -3.80
C TRP B 48 34.44 47.45 -5.19
N GLN B 49 33.56 47.45 -6.16
CA GLN B 49 33.93 47.28 -7.55
C GLN B 49 32.86 47.93 -8.40
N ASP B 50 33.27 48.61 -9.45
CA ASP B 50 32.27 49.17 -10.31
C ASP B 50 32.07 48.10 -11.37
N PRO B 51 30.87 47.53 -11.44
CA PRO B 51 30.53 46.47 -12.40
C PRO B 51 31.17 46.64 -13.78
N HIS B 52 30.94 47.79 -14.40
CA HIS B 52 31.49 48.02 -15.74
C HIS B 52 33.02 47.99 -15.83
N GLU B 53 33.67 48.58 -14.83
CA GLU B 53 35.12 48.64 -14.80
C GLU B 53 35.75 47.26 -14.62
N LEU B 54 35.18 46.50 -13.68
CA LEU B 54 35.66 45.17 -13.39
C LEU B 54 35.59 44.31 -14.64
N ARG B 55 34.37 44.18 -15.16
CA ARG B 55 34.16 43.39 -16.37
C ARG B 55 35.15 43.84 -17.44
N GLN B 56 35.31 45.15 -17.58
CA GLN B 56 36.20 45.68 -18.59
C GLN B 56 37.66 45.34 -18.35
N ASN B 57 38.05 45.34 -17.07
CA ASN B 57 39.42 45.01 -16.70
C ASN B 57 39.76 43.56 -16.98
N ILE B 58 38.82 42.66 -16.67
CA ILE B 58 38.99 41.24 -16.91
C ILE B 58 39.46 40.99 -18.34
N ARG B 59 38.82 41.64 -19.31
CA ARG B 59 39.27 41.45 -20.69
C ARG B 59 40.67 42.04 -20.87
N ARG B 60 40.86 43.29 -20.45
CA ARG B 60 42.14 43.96 -20.60
C ARG B 60 43.30 43.08 -20.15
N LEU B 61 43.20 42.57 -18.92
CA LEU B 61 44.23 41.72 -18.35
C LEU B 61 44.48 40.53 -19.27
N ALA B 62 43.42 39.76 -19.55
CA ALA B 62 43.52 38.61 -20.44
C ALA B 62 44.18 38.96 -21.78
N ALA B 63 43.85 40.13 -22.31
CA ALA B 63 44.42 40.59 -23.58
C ALA B 63 45.91 40.91 -23.39
N LEU B 64 46.23 41.60 -22.29
CA LEU B 64 47.61 41.95 -22.05
C LEU B 64 48.48 40.72 -21.87
N TYR B 65 47.98 39.67 -21.22
CA TYR B 65 48.81 38.49 -21.04
C TYR B 65 49.14 37.81 -22.35
N LEU B 66 48.18 37.81 -23.26
CA LEU B 66 48.42 37.21 -24.55
C LEU B 66 49.45 38.06 -25.26
N ALA B 67 49.19 39.37 -25.31
CA ALA B 67 50.06 40.32 -25.97
C ALA B 67 51.52 40.18 -25.50
N VAL B 68 51.72 40.02 -24.17
CA VAL B 68 53.07 39.87 -23.62
C VAL B 68 53.80 38.64 -24.18
N GLY B 69 53.07 37.55 -24.46
CA GLY B 69 53.71 36.37 -25.01
C GLY B 69 53.11 35.03 -24.60
N ILE B 70 52.26 35.02 -23.58
CA ILE B 70 51.62 33.80 -23.09
C ILE B 70 50.86 33.06 -24.19
N ASP B 71 51.22 31.81 -24.44
CA ASP B 71 50.54 31.04 -25.48
C ASP B 71 49.44 30.12 -24.99
N PRO B 72 48.21 30.38 -25.43
CA PRO B 72 47.02 29.61 -25.06
C PRO B 72 47.03 28.12 -25.39
N THR B 73 47.81 27.70 -26.38
CA THR B 73 47.88 26.29 -26.69
C THR B 73 48.77 25.66 -25.63
N GLN B 74 49.82 26.41 -25.27
CA GLN B 74 50.81 25.96 -24.28
C GLN B 74 50.32 26.14 -22.84
N ALA B 75 49.63 27.23 -22.56
CA ALA B 75 49.14 27.52 -21.22
C ALA B 75 47.62 27.60 -21.15
N THR B 76 47.12 27.56 -19.93
CA THR B 76 45.69 27.61 -19.74
C THR B 76 45.30 28.94 -19.12
N LEU B 77 44.67 29.80 -19.91
CA LEU B 77 44.26 31.11 -19.40
C LEU B 77 42.72 31.24 -19.22
N PHE B 78 42.21 31.34 -17.99
CA PHE B 78 40.76 31.41 -17.79
C PHE B 78 40.24 32.33 -16.68
N ILE B 79 38.96 32.70 -16.75
CA ILE B 79 38.33 33.55 -15.74
C ILE B 79 37.81 32.69 -14.59
N GLN B 80 38.23 33.01 -13.38
CA GLN B 80 37.87 32.24 -12.19
C GLN B 80 36.42 31.88 -11.99
N SER B 81 35.52 32.83 -12.27
CA SER B 81 34.09 32.63 -12.04
C SER B 81 33.44 31.65 -12.99
N GLU B 82 34.05 31.51 -14.15
CA GLU B 82 33.55 30.62 -15.18
C GLU B 82 33.89 29.15 -14.93
N VAL B 83 34.33 28.81 -13.73
CA VAL B 83 34.63 27.44 -13.36
C VAL B 83 34.01 27.35 -11.98
N PRO B 84 32.78 26.83 -11.90
CA PRO B 84 32.06 26.70 -10.63
C PRO B 84 32.78 25.90 -9.55
N ALA B 85 33.63 25.00 -10.00
CA ALA B 85 34.42 24.16 -9.10
C ALA B 85 34.96 24.99 -7.94
N HIS B 86 35.61 26.10 -8.29
CA HIS B 86 36.21 26.96 -7.29
C HIS B 86 35.31 27.28 -6.09
N ALA B 87 34.14 27.87 -6.36
CA ALA B 87 33.19 28.23 -5.31
C ALA B 87 32.71 26.98 -4.59
N GLN B 88 32.66 25.89 -5.34
CA GLN B 88 32.25 24.64 -4.74
C GLN B 88 33.32 24.23 -3.76
N ALA B 89 34.52 24.01 -4.29
CA ALA B 89 35.67 23.60 -3.50
C ALA B 89 35.80 24.47 -2.24
N ALA B 90 35.73 25.78 -2.47
CA ALA B 90 35.84 26.78 -1.40
C ALA B 90 34.85 26.57 -0.24
N TRP B 91 33.63 26.14 -0.54
CA TRP B 91 32.68 25.92 0.55
C TRP B 91 33.08 24.74 1.44
N MET B 92 33.68 23.74 0.81
CA MET B 92 34.13 22.54 1.52
C MET B 92 35.27 22.91 2.43
N LEU B 93 36.31 23.51 1.85
CA LEU B 93 37.47 23.92 2.65
C LEU B 93 37.04 24.83 3.79
N GLN B 94 36.07 25.71 3.53
CA GLN B 94 35.56 26.60 4.55
C GLN B 94 35.06 25.78 5.74
N CYS B 95 34.77 24.52 5.48
CA CYS B 95 34.28 23.65 6.52
C CYS B 95 35.38 22.93 7.29
N ILE B 96 36.59 22.85 6.75
CA ILE B 96 37.66 22.19 7.47
C ILE B 96 38.58 23.21 8.15
N VAL B 97 38.51 24.47 7.75
CA VAL B 97 39.34 25.50 8.38
C VAL B 97 38.66 26.09 9.61
N TYR B 98 39.41 26.22 10.71
CA TYR B 98 38.88 26.76 11.95
C TYR B 98 38.83 28.29 11.84
N ILE B 99 37.93 28.93 12.60
CA ILE B 99 37.81 30.38 12.52
C ILE B 99 39.08 31.05 12.97
N GLY B 100 39.61 30.58 14.09
CA GLY B 100 40.84 31.15 14.60
C GLY B 100 41.85 31.34 13.48
N GLU B 101 42.05 30.31 12.66
CA GLU B 101 43.01 30.39 11.58
C GLU B 101 42.79 31.53 10.64
N LEU B 102 41.54 31.90 10.44
CA LEU B 102 41.21 32.99 9.52
C LEU B 102 41.45 34.33 10.17
N GLU B 103 41.06 34.49 11.43
CA GLU B 103 41.27 35.75 12.10
C GLU B 103 42.74 36.04 12.25
N ARG B 104 43.51 35.08 12.75
CA ARG B 104 44.93 35.32 12.93
C ARG B 104 45.63 35.64 11.61
N MET B 105 44.90 35.56 10.50
CA MET B 105 45.49 35.87 9.21
C MET B 105 46.12 37.26 9.19
N THR B 106 47.45 37.31 9.25
CA THR B 106 48.22 38.56 9.23
C THR B 106 47.93 39.35 7.96
N GLN B 107 46.84 40.10 8.00
CA GLN B 107 46.37 40.90 6.90
C GLN B 107 45.01 41.40 7.31
N PHE B 108 44.31 40.58 8.08
CA PHE B 108 42.98 40.92 8.56
C PHE B 108 43.02 42.09 9.55
N LYS B 109 44.15 42.78 9.54
CA LYS B 109 44.32 43.97 10.35
C LYS B 109 43.35 44.96 9.74
N GLU B 110 42.92 44.66 8.51
CA GLU B 110 41.97 45.48 7.79
C GLU B 110 40.62 45.53 8.50
N LYS B 111 40.56 45.02 9.73
CA LYS B 111 39.34 45.07 10.54
C LYS B 111 39.04 46.50 10.94
N SER B 112 39.91 47.42 10.52
CA SER B 112 39.73 48.85 10.74
C SER B 112 39.71 49.36 12.15
N ALA B 113 40.51 48.73 13.01
CA ALA B 113 40.57 49.12 14.40
C ALA B 113 39.19 48.97 15.05
N GLY B 114 38.34 48.16 14.42
CA GLY B 114 36.99 47.93 14.90
C GLY B 114 35.92 48.52 14.02
N LYS B 115 36.14 48.47 12.70
CA LYS B 115 35.20 49.03 11.71
C LYS B 115 33.95 48.16 11.48
N GLU B 116 34.14 46.85 11.55
CA GLU B 116 33.07 45.84 11.38
C GLU B 116 32.17 45.93 10.12
N ALA B 117 32.27 47.03 9.38
CA ALA B 117 31.48 47.25 8.15
C ALA B 117 32.26 46.76 6.92
N VAL B 118 32.97 45.65 7.11
CA VAL B 118 33.77 45.03 6.07
C VAL B 118 33.06 43.79 5.52
N SER B 119 33.10 43.61 4.20
CA SER B 119 32.48 42.44 3.58
C SER B 119 33.03 41.20 4.24
N ALA B 120 32.20 40.16 4.39
CA ALA B 120 32.66 38.90 4.97
C ALA B 120 33.74 38.28 4.06
N GLY B 121 33.68 38.61 2.78
CA GLY B 121 34.67 38.09 1.83
C GLY B 121 36.09 38.43 2.25
N LEU B 122 36.26 39.58 2.88
CA LEU B 122 37.59 40.01 3.33
C LEU B 122 38.15 39.08 4.39
N LEU B 123 37.28 38.32 5.03
CA LEU B 123 37.72 37.40 6.06
C LEU B 123 37.76 35.96 5.59
N THR B 124 36.86 35.64 4.67
CA THR B 124 36.73 34.29 4.17
C THR B 124 37.31 34.06 2.77
N TYR B 125 38.17 34.97 2.29
CA TYR B 125 38.73 34.78 0.96
C TYR B 125 39.86 33.74 0.90
N PRO B 126 40.56 33.44 2.03
CA PRO B 126 41.63 32.44 1.98
C PRO B 126 41.11 31.10 1.46
N PRO B 127 40.12 30.44 2.13
CA PRO B 127 39.56 29.15 1.68
C PRO B 127 39.34 29.07 0.18
N LEU B 128 38.97 30.19 -0.43
CA LEU B 128 38.76 30.20 -1.88
C LEU B 128 40.09 30.22 -2.60
N MET B 129 41.10 30.72 -1.92
CA MET B 129 42.45 30.80 -2.49
C MET B 129 43.06 29.40 -2.43
N ALA B 130 42.95 28.75 -1.26
CA ALA B 130 43.43 27.39 -1.14
C ALA B 130 42.78 26.68 -2.32
N ALA B 131 41.45 26.66 -2.33
CA ALA B 131 40.71 26.03 -3.43
C ALA B 131 41.31 26.27 -4.80
N ASP B 132 41.55 27.53 -5.15
CA ASP B 132 42.08 27.85 -6.47
C ASP B 132 43.33 27.02 -6.72
N ILE B 133 44.25 27.04 -5.76
CA ILE B 133 45.52 26.32 -5.84
C ILE B 133 45.40 24.80 -5.89
N LEU B 134 44.77 24.22 -4.88
CA LEU B 134 44.57 22.79 -4.76
C LEU B 134 43.82 22.09 -5.91
N LEU B 135 42.77 22.71 -6.44
CA LEU B 135 42.00 22.08 -7.51
C LEU B 135 42.82 21.59 -8.68
N TYR B 136 43.97 22.20 -8.93
CA TYR B 136 44.75 21.77 -10.07
C TYR B 136 46.00 20.95 -9.75
N ASN B 137 46.08 20.46 -8.50
CA ASN B 137 47.20 19.66 -8.01
C ASN B 137 48.48 20.36 -8.33
N THR B 138 48.47 21.68 -8.16
CA THR B 138 49.65 22.43 -8.49
C THR B 138 50.68 22.20 -7.42
N ASP B 139 51.93 22.16 -7.89
CA ASP B 139 53.09 21.96 -7.06
C ASP B 139 53.62 23.31 -6.65
N ILE B 140 53.90 24.14 -7.64
CA ILE B 140 54.50 25.45 -7.41
C ILE B 140 53.61 26.67 -7.67
N VAL B 141 53.40 27.47 -6.63
CA VAL B 141 52.60 28.68 -6.72
C VAL B 141 53.56 29.85 -6.49
N PRO B 142 53.88 30.62 -7.54
CA PRO B 142 54.81 31.75 -7.35
C PRO B 142 54.17 32.89 -6.54
N VAL B 143 54.66 33.15 -5.34
CA VAL B 143 54.09 34.23 -4.54
C VAL B 143 55.13 35.19 -4.00
N GLY B 144 54.69 36.42 -3.74
CA GLY B 144 55.58 37.44 -3.20
C GLY B 144 55.90 37.14 -1.74
N GLU B 145 56.83 37.92 -1.18
CA GLU B 145 57.26 37.76 0.21
C GLU B 145 56.04 37.82 1.15
N ASP B 146 55.13 38.73 0.81
CA ASP B 146 53.88 38.99 1.53
C ASP B 146 52.86 37.88 1.44
N GLN B 147 52.86 37.18 0.32
CA GLN B 147 51.92 36.12 0.08
C GLN B 147 52.18 34.80 0.79
N LYS B 148 53.44 34.49 1.07
CA LYS B 148 53.82 33.22 1.72
C LYS B 148 52.87 32.79 2.83
N GLN B 149 52.55 33.73 3.70
CA GLN B 149 51.66 33.44 4.81
C GLN B 149 50.32 32.86 4.36
N HIS B 150 49.92 33.12 3.12
CA HIS B 150 48.66 32.59 2.59
C HIS B 150 48.88 31.14 2.15
N ILE B 151 49.99 30.91 1.47
CA ILE B 151 50.30 29.58 1.00
C ILE B 151 50.45 28.63 2.18
N GLU B 152 50.96 29.16 3.29
CA GLU B 152 51.14 28.37 4.49
C GLU B 152 49.84 27.67 4.80
N LEU B 153 48.77 28.46 4.89
CA LEU B 153 47.46 27.93 5.19
C LEU B 153 46.93 26.95 4.16
N THR B 154 47.13 27.22 2.86
CA THR B 154 46.61 26.31 1.86
C THR B 154 47.31 24.95 1.92
N ARG B 155 48.55 24.93 2.42
CA ARG B 155 49.29 23.68 2.60
C ARG B 155 48.66 22.99 3.80
N ASP B 156 48.54 23.72 4.91
CA ASP B 156 47.95 23.23 6.14
C ASP B 156 46.65 22.52 5.83
N LEU B 157 45.79 23.18 5.06
CA LEU B 157 44.48 22.64 4.70
C LEU B 157 44.56 21.33 3.94
N ALA B 158 45.28 21.34 2.82
CA ALA B 158 45.44 20.12 2.02
C ALA B 158 45.79 19.01 2.97
N GLU B 159 46.88 19.20 3.69
CA GLU B 159 47.31 18.23 4.68
C GLU B 159 46.04 17.80 5.42
N ARG B 160 45.48 18.70 6.22
CA ARG B 160 44.29 18.41 7.00
C ARG B 160 43.22 17.62 6.27
N PHE B 161 42.99 17.92 5.00
CA PHE B 161 41.98 17.18 4.22
C PHE B 161 42.57 15.80 3.92
N ASN B 162 43.77 15.79 3.36
CA ASN B 162 44.48 14.56 3.03
C ASN B 162 44.42 13.54 4.15
N LYS B 163 44.77 13.96 5.36
CA LYS B 163 44.71 13.02 6.48
C LYS B 163 43.29 12.61 6.85
N ARG B 164 42.33 13.55 6.84
CA ARG B 164 40.94 13.21 7.18
C ARG B 164 40.23 12.28 6.19
N TYR B 165 40.44 12.48 4.89
CA TYR B 165 39.75 11.69 3.86
C TYR B 165 40.66 10.87 2.95
N GLY B 166 41.96 11.13 3.02
CA GLY B 166 42.88 10.38 2.20
C GLY B 166 43.56 11.21 1.14
N GLU B 167 44.85 10.95 1.01
CA GLU B 167 45.73 11.61 0.05
C GLU B 167 44.97 11.92 -1.22
N LEU B 168 44.82 13.21 -1.48
CA LEU B 168 44.12 13.69 -2.66
C LEU B 168 44.84 14.95 -3.12
N PHE B 169 45.03 15.89 -2.19
CA PHE B 169 45.69 17.15 -2.51
C PHE B 169 47.22 17.12 -2.47
N THR B 170 47.84 17.80 -3.44
CA THR B 170 49.29 17.91 -3.50
C THR B 170 49.68 19.08 -2.64
N ILE B 171 50.52 18.89 -1.65
CA ILE B 171 50.92 20.02 -0.82
C ILE B 171 51.75 20.94 -1.72
N PRO B 172 51.24 22.15 -2.02
CA PRO B 172 51.92 23.13 -2.87
C PRO B 172 53.04 23.81 -2.15
N GLU B 173 53.95 24.38 -2.93
CA GLU B 173 55.13 25.04 -2.41
C GLU B 173 55.25 26.37 -3.14
N ALA B 174 55.65 27.39 -2.41
CA ALA B 174 55.75 28.70 -2.96
C ALA B 174 57.11 29.12 -3.48
N ARG B 175 57.18 29.52 -4.75
CA ARG B 175 58.44 30.01 -5.31
C ARG B 175 58.33 31.53 -5.35
N ILE B 176 59.37 32.23 -5.75
CA ILE B 176 59.32 33.70 -5.82
C ILE B 176 59.75 34.18 -7.20
N PRO B 177 60.38 35.40 -7.33
CA PRO B 177 60.80 35.85 -8.66
C PRO B 177 62.27 35.58 -9.08
N LYS B 178 63.06 34.96 -8.18
CA LYS B 178 64.50 34.70 -8.38
C LYS B 178 65.21 35.96 -7.87
N VAL B 179 64.53 37.09 -8.02
CA VAL B 179 65.00 38.40 -7.61
C VAL B 179 66.16 38.86 -8.51
N GLY B 180 66.48 40.14 -8.42
CA GLY B 180 67.52 40.69 -9.25
C GLY B 180 66.76 41.44 -10.33
N ALA B 181 65.93 42.36 -9.87
CA ALA B 181 65.10 43.15 -10.75
C ALA B 181 64.59 44.29 -9.89
N ARG B 182 63.69 43.99 -8.96
CA ARG B 182 63.13 45.00 -8.06
C ARG B 182 63.18 46.40 -8.67
N ILE B 183 62.29 46.66 -9.63
CA ILE B 183 62.23 47.97 -10.25
C ILE B 183 61.63 48.90 -9.18
N MET B 184 62.30 50.01 -8.89
CA MET B 184 61.85 50.97 -7.88
C MET B 184 61.00 52.10 -8.48
N SER B 185 60.37 52.91 -7.63
CA SER B 185 59.56 54.02 -8.10
C SER B 185 60.43 55.06 -8.81
N LEU B 186 59.91 55.67 -9.88
CA LEU B 186 60.66 56.67 -10.62
C LEU B 186 60.79 58.00 -9.86
N VAL B 187 60.00 58.18 -8.80
CA VAL B 187 60.04 59.41 -8.02
C VAL B 187 60.50 59.21 -6.59
N ASP B 188 60.81 57.96 -6.27
CA ASP B 188 61.30 57.57 -4.96
C ASP B 188 62.03 56.27 -5.25
N PRO B 189 63.35 56.34 -5.47
CA PRO B 189 64.16 55.16 -5.76
C PRO B 189 64.27 54.13 -4.65
N THR B 190 63.90 54.50 -3.43
CA THR B 190 63.97 53.53 -2.34
C THR B 190 62.66 52.76 -2.25
N LYS B 191 61.61 53.28 -2.88
CA LYS B 191 60.29 52.64 -2.86
C LYS B 191 60.13 51.75 -4.10
N LYS B 192 59.38 50.65 -3.94
CA LYS B 192 59.13 49.71 -5.03
C LYS B 192 58.03 50.19 -6.00
N MET B 193 58.23 49.95 -7.28
CA MET B 193 57.25 50.35 -8.29
C MET B 193 55.92 49.60 -8.11
N SER B 194 54.81 50.32 -7.87
CA SER B 194 53.49 49.72 -7.68
C SER B 194 52.42 50.42 -8.49
N LYS B 195 51.39 49.67 -8.91
CA LYS B 195 50.28 50.25 -9.66
C LYS B 195 49.63 51.26 -8.73
N SER B 196 49.39 50.79 -7.52
CA SER B 196 48.74 51.57 -6.48
C SER B 196 49.50 52.77 -5.91
N ASP B 197 50.56 53.22 -6.58
CA ASP B 197 51.27 54.39 -6.05
C ASP B 197 50.37 55.58 -6.36
N PRO B 198 50.19 56.49 -5.39
CA PRO B 198 49.35 57.70 -5.55
C PRO B 198 49.89 58.60 -6.64
N ASN B 199 51.20 58.60 -6.82
CA ASN B 199 51.80 59.44 -7.84
C ASN B 199 52.08 58.65 -9.12
N PRO B 200 51.21 58.78 -10.13
CA PRO B 200 51.26 58.13 -11.45
C PRO B 200 52.55 58.32 -12.21
N LYS B 201 53.38 59.22 -11.70
CA LYS B 201 54.68 59.52 -12.29
C LYS B 201 55.65 58.45 -11.81
N ALA B 202 55.26 57.76 -10.75
CA ALA B 202 56.10 56.71 -10.18
C ALA B 202 56.29 55.49 -11.07
N TYR B 203 55.31 55.18 -11.92
CA TYR B 203 55.39 53.98 -12.75
C TYR B 203 55.12 54.19 -14.23
N ILE B 204 55.55 53.23 -15.02
CA ILE B 204 55.32 53.24 -16.45
C ILE B 204 54.41 52.05 -16.74
N THR B 205 53.18 52.30 -17.17
CA THR B 205 52.22 51.25 -17.48
C THR B 205 52.48 50.63 -18.84
N LEU B 206 52.35 49.30 -18.93
CA LEU B 206 52.58 48.60 -20.19
C LEU B 206 51.86 49.20 -21.37
N LEU B 207 50.83 49.99 -21.07
CA LEU B 207 50.07 50.60 -22.14
C LEU B 207 50.36 52.07 -22.29
N ASP B 208 51.21 52.64 -21.42
CA ASP B 208 51.53 54.06 -21.50
C ASP B 208 51.95 54.37 -22.92
N ASP B 209 51.56 55.55 -23.39
CA ASP B 209 51.89 55.95 -24.75
C ASP B 209 53.25 56.61 -24.83
N ALA B 210 53.83 56.53 -26.01
CA ALA B 210 55.14 57.10 -26.27
C ALA B 210 55.37 58.43 -25.57
N LYS B 211 54.47 59.38 -25.77
CA LYS B 211 54.61 60.70 -25.15
C LYS B 211 54.70 60.66 -23.61
N THR B 212 53.85 59.86 -22.99
CA THR B 212 53.84 59.76 -21.53
C THR B 212 55.07 59.04 -21.00
N ILE B 213 55.52 58.04 -21.75
CA ILE B 213 56.70 57.29 -21.37
C ILE B 213 57.86 58.27 -21.29
N GLU B 214 58.08 58.95 -22.42
CA GLU B 214 59.13 59.94 -22.59
C GLU B 214 59.08 60.93 -21.44
N LYS B 215 57.92 61.53 -21.27
CA LYS B 215 57.73 62.49 -20.21
C LYS B 215 58.12 61.91 -18.84
N LYS B 216 57.60 60.73 -18.51
CA LYS B 216 57.89 60.13 -17.20
C LYS B 216 59.37 59.78 -17.00
N ILE B 217 60.01 59.29 -18.06
CA ILE B 217 61.42 58.95 -17.98
C ILE B 217 62.26 60.17 -17.63
N LYS B 218 62.06 61.26 -18.37
CA LYS B 218 62.76 62.51 -18.12
C LYS B 218 62.63 62.96 -16.68
N SER B 219 61.44 62.85 -16.11
CA SER B 219 61.23 63.28 -14.74
C SER B 219 61.79 62.31 -13.71
N ALA B 220 62.33 61.18 -14.15
CA ALA B 220 62.87 60.20 -13.23
C ALA B 220 63.96 60.83 -12.37
N VAL B 221 63.81 60.76 -11.05
CA VAL B 221 64.83 61.34 -10.18
C VAL B 221 66.16 60.66 -10.42
N THR B 222 67.20 61.48 -10.39
CA THR B 222 68.56 61.00 -10.56
C THR B 222 69.33 61.48 -9.34
N ASP B 223 70.42 62.21 -9.57
CA ASP B 223 71.25 62.74 -8.49
C ASP B 223 72.04 63.93 -9.01
N SER B 224 72.92 64.48 -8.18
CA SER B 224 73.72 65.64 -8.56
C SER B 224 75.09 65.32 -9.12
N GLU B 225 75.62 64.14 -8.82
CA GLU B 225 76.94 63.77 -9.33
C GLU B 225 77.03 63.90 -10.84
N GLY B 226 76.04 63.44 -11.59
CA GLY B 226 76.11 63.56 -13.04
C GLY B 226 76.92 62.48 -13.77
N THR B 227 77.09 61.30 -13.18
CA THR B 227 77.83 60.23 -13.87
C THR B 227 77.05 58.92 -13.91
N ILE B 228 77.03 58.26 -15.08
CA ILE B 228 76.30 57.00 -15.22
C ILE B 228 77.13 55.89 -14.55
N ARG B 229 76.85 55.62 -13.30
CA ARG B 229 77.61 54.60 -12.59
C ARG B 229 76.64 53.93 -11.61
N TYR B 230 76.66 52.61 -11.54
CA TYR B 230 75.76 51.89 -10.65
C TYR B 230 76.17 51.90 -9.18
N ASP B 231 75.32 52.44 -8.32
CA ASP B 231 75.59 52.51 -6.88
C ASP B 231 74.23 52.38 -6.17
N LYS B 232 73.96 51.21 -5.58
CA LYS B 232 72.69 50.97 -4.88
C LYS B 232 72.32 52.14 -3.97
N GLU B 233 73.11 52.38 -2.94
CA GLU B 233 72.90 53.52 -2.05
C GLU B 233 73.76 54.60 -2.72
N ALA B 234 73.65 55.86 -2.31
CA ALA B 234 74.45 56.94 -2.92
C ALA B 234 73.99 57.34 -4.34
N LYS B 235 73.57 56.40 -5.18
CA LYS B 235 73.04 56.75 -6.51
C LYS B 235 71.83 55.89 -6.84
N PRO B 236 70.85 55.88 -5.92
CA PRO B 236 69.61 55.10 -6.04
C PRO B 236 68.91 55.30 -7.37
N GLY B 237 68.74 56.56 -7.70
CA GLY B 237 68.10 56.91 -8.95
C GLY B 237 68.80 56.31 -10.14
N ILE B 238 70.01 56.79 -10.45
CA ILE B 238 70.74 56.28 -11.63
C ILE B 238 70.90 54.77 -11.69
N SER B 239 70.90 54.16 -10.52
CA SER B 239 71.02 52.74 -10.44
C SER B 239 69.79 52.07 -10.99
N ASN B 240 68.65 52.38 -10.40
CA ASN B 240 67.39 51.82 -10.83
C ASN B 240 67.23 52.00 -12.32
N LEU B 241 67.39 53.24 -12.79
CA LEU B 241 67.26 53.51 -14.20
C LEU B 241 68.07 52.53 -15.03
N LEU B 242 69.35 52.39 -14.72
CA LEU B 242 70.25 51.48 -15.43
C LEU B 242 69.74 50.04 -15.45
N ASN B 243 69.07 49.63 -14.38
CA ASN B 243 68.52 48.28 -14.29
C ASN B 243 67.51 48.07 -15.41
N ILE B 244 66.50 48.92 -15.40
CA ILE B 244 65.45 48.87 -16.40
C ILE B 244 66.11 48.82 -17.76
N TYR B 245 67.10 49.68 -17.95
CA TYR B 245 67.85 49.75 -19.20
C TYR B 245 68.57 48.43 -19.46
N SER B 246 69.20 47.90 -18.40
CA SER B 246 69.91 46.65 -18.48
C SER B 246 69.01 45.47 -18.83
N THR B 247 67.90 45.27 -18.12
CA THR B 247 67.05 44.12 -18.44
C THR B 247 66.25 44.20 -19.74
N LEU B 248 65.88 45.39 -20.14
CA LEU B 248 65.12 45.53 -21.37
C LEU B 248 66.01 45.46 -22.60
N SER B 249 67.21 46.03 -22.54
CA SER B 249 68.11 46.02 -23.70
C SER B 249 69.08 44.85 -23.73
N GLY B 250 69.20 44.17 -22.59
CA GLY B 250 70.10 43.05 -22.51
C GLY B 250 71.57 43.42 -22.39
N GLN B 251 71.89 44.71 -22.38
CA GLN B 251 73.28 45.11 -22.23
C GLN B 251 73.59 45.07 -20.75
N SER B 252 74.76 44.56 -20.36
CA SER B 252 75.09 44.52 -18.94
C SER B 252 75.15 45.95 -18.38
N ILE B 253 75.14 46.07 -17.05
CA ILE B 253 75.23 47.38 -16.42
C ILE B 253 76.61 47.93 -16.71
N GLU B 254 77.59 47.04 -16.65
CA GLU B 254 78.97 47.38 -16.90
C GLU B 254 79.10 48.01 -18.29
N GLU B 255 78.56 47.33 -19.29
CA GLU B 255 78.64 47.81 -20.66
C GLU B 255 77.97 49.17 -20.84
N LEU B 256 76.92 49.42 -20.07
CA LEU B 256 76.22 50.68 -20.15
C LEU B 256 77.02 51.82 -19.54
N GLU B 257 77.71 51.55 -18.42
CA GLU B 257 78.53 52.54 -17.75
C GLU B 257 79.63 53.05 -18.68
N ARG B 258 80.25 52.11 -19.40
CA ARG B 258 81.32 52.41 -20.34
C ARG B 258 80.74 53.18 -21.53
N GLN B 259 79.60 52.70 -22.01
CA GLN B 259 78.90 53.27 -23.14
C GLN B 259 78.52 54.72 -22.90
N TYR B 260 78.42 55.08 -21.63
CA TYR B 260 78.08 56.45 -21.24
C TYR B 260 79.18 57.03 -20.34
N GLU B 261 80.43 56.61 -20.58
CA GLU B 261 81.59 57.06 -19.84
C GLU B 261 81.69 58.58 -19.64
N GLY B 262 81.46 59.36 -20.68
CA GLY B 262 81.57 60.79 -20.49
C GLY B 262 80.27 61.57 -20.57
N LYS B 263 79.18 60.90 -20.92
CA LYS B 263 77.87 61.50 -21.10
C LYS B 263 77.16 61.88 -19.81
N GLY B 264 76.25 62.85 -19.91
CA GLY B 264 75.49 63.28 -18.75
C GLY B 264 74.14 62.62 -18.77
N TYR B 265 73.26 62.99 -17.85
CA TYR B 265 71.94 62.37 -17.79
C TYR B 265 70.95 62.76 -18.90
N GLY B 266 71.22 63.84 -19.62
CA GLY B 266 70.32 64.26 -20.67
C GLY B 266 70.17 63.19 -21.73
N VAL B 267 71.29 62.91 -22.40
CA VAL B 267 71.31 61.90 -23.44
C VAL B 267 70.88 60.56 -22.90
N PHE B 268 71.35 60.24 -21.70
CA PHE B 268 71.05 58.96 -21.08
C PHE B 268 69.59 58.68 -21.02
N LYS B 269 68.85 59.54 -20.32
CA LYS B 269 67.43 59.33 -20.23
C LYS B 269 66.81 59.22 -21.63
N ALA B 270 67.11 60.17 -22.50
CA ALA B 270 66.55 60.16 -23.85
C ALA B 270 66.64 58.76 -24.48
N ASP B 271 67.79 58.11 -24.32
CA ASP B 271 68.01 56.77 -24.85
C ASP B 271 67.18 55.73 -24.11
N LEU B 272 67.14 55.83 -22.79
CA LEU B 272 66.35 54.90 -22.02
C LEU B 272 64.88 55.04 -22.46
N ALA B 273 64.44 56.28 -22.65
CA ALA B 273 63.08 56.57 -23.09
C ALA B 273 62.73 55.91 -24.42
N GLN B 274 63.73 55.65 -25.25
CA GLN B 274 63.48 55.02 -26.52
C GLN B 274 63.40 53.51 -26.41
N VAL B 275 64.33 52.90 -25.67
CA VAL B 275 64.34 51.44 -25.53
C VAL B 275 63.04 50.96 -24.89
N VAL B 276 62.54 51.73 -23.91
CA VAL B 276 61.28 51.36 -23.27
C VAL B 276 60.16 51.37 -24.30
N ILE B 277 60.10 52.45 -25.07
CA ILE B 277 59.09 52.61 -26.10
C ILE B 277 59.19 51.51 -27.14
N GLU B 278 60.42 51.25 -27.59
CA GLU B 278 60.69 50.23 -28.59
C GLU B 278 60.25 48.86 -28.08
N THR B 279 60.31 48.68 -26.78
CA THR B 279 59.90 47.43 -26.13
C THR B 279 58.38 47.28 -26.02
N LEU B 280 57.70 48.35 -25.66
CA LEU B 280 56.26 48.26 -25.49
C LEU B 280 55.46 48.27 -26.78
N ARG B 281 55.80 49.17 -27.70
CA ARG B 281 55.07 49.31 -28.96
C ARG B 281 54.47 47.96 -29.44
N PRO B 282 55.32 46.93 -29.71
CA PRO B 282 54.81 45.63 -30.18
C PRO B 282 53.73 45.05 -29.26
N ILE B 283 54.05 44.99 -27.97
CA ILE B 283 53.11 44.49 -26.96
C ILE B 283 51.85 45.34 -26.93
N GLN B 284 51.93 46.59 -27.41
CA GLN B 284 50.77 47.47 -27.40
C GLN B 284 49.97 47.30 -28.67
N GLU B 285 50.65 46.94 -29.75
CA GLU B 285 49.98 46.70 -31.01
C GLU B 285 49.18 45.44 -30.78
N ARG B 286 49.88 44.37 -30.41
CA ARG B 286 49.25 43.08 -30.15
C ARG B 286 48.10 43.18 -29.15
N TYR B 287 48.31 43.93 -28.08
CA TYR B 287 47.25 44.12 -27.09
C TYR B 287 46.01 44.58 -27.80
N HIS B 288 46.13 45.59 -28.64
CA HIS B 288 44.96 46.09 -29.34
C HIS B 288 44.32 45.07 -30.28
N HIS B 289 45.13 44.34 -31.03
CA HIS B 289 44.60 43.32 -31.94
C HIS B 289 43.75 42.31 -31.17
N TRP B 290 44.17 41.98 -29.95
CA TRP B 290 43.39 41.04 -29.15
C TRP B 290 42.08 41.61 -28.64
N MET B 291 42.14 42.85 -28.17
CA MET B 291 41.00 43.54 -27.61
C MET B 291 39.79 43.66 -28.51
N GLU B 292 40.01 43.91 -29.79
CA GLU B 292 38.89 44.03 -30.72
C GLU B 292 38.64 42.76 -31.52
N SER B 293 39.43 41.71 -31.25
CA SER B 293 39.25 40.46 -31.96
C SER B 293 38.31 39.55 -31.16
N GLU B 294 37.48 38.81 -31.90
CA GLU B 294 36.53 37.88 -31.30
C GLU B 294 37.34 36.69 -30.77
N GLU B 295 38.48 36.44 -31.39
CA GLU B 295 39.38 35.37 -30.99
C GLU B 295 39.66 35.32 -29.48
N LEU B 296 39.74 36.48 -28.84
CA LEU B 296 40.04 36.51 -27.40
C LEU B 296 39.03 35.64 -26.66
N ASP B 297 37.75 35.77 -27.00
CA ASP B 297 36.70 34.99 -26.35
C ASP B 297 36.74 33.50 -26.66
N ARG B 298 37.37 33.15 -27.78
CA ARG B 298 37.55 31.76 -28.17
C ARG B 298 38.54 31.15 -27.17
N VAL B 299 39.72 31.79 -27.10
CA VAL B 299 40.81 31.38 -26.21
C VAL B 299 40.38 31.24 -24.76
N LEU B 300 39.60 32.19 -24.30
CA LEU B 300 39.10 32.18 -22.93
C LEU B 300 38.10 31.07 -22.69
N ASP B 301 37.38 30.68 -23.73
CA ASP B 301 36.40 29.63 -23.54
C ASP B 301 37.10 28.30 -23.46
N GLU B 302 38.07 28.08 -24.33
CA GLU B 302 38.80 26.83 -24.33
C GLU B 302 39.57 26.74 -23.01
N GLY B 303 40.16 27.86 -22.58
CA GLY B 303 40.88 27.89 -21.33
C GLY B 303 39.98 27.39 -20.21
N ALA B 304 38.75 27.90 -20.19
CA ALA B 304 37.76 27.50 -19.19
C ALA B 304 37.47 26.00 -19.31
N GLU B 305 37.23 25.58 -20.54
CA GLU B 305 36.90 24.19 -20.83
C GLU B 305 37.98 23.24 -20.30
N LYS B 306 39.23 23.59 -20.58
CA LYS B 306 40.38 22.81 -20.13
C LYS B 306 40.47 22.84 -18.60
N ALA B 307 40.43 24.03 -18.00
CA ALA B 307 40.52 24.14 -16.55
C ALA B 307 39.43 23.32 -15.89
N ASN B 308 38.20 23.54 -16.35
CA ASN B 308 37.02 22.88 -15.81
C ASN B 308 37.21 21.38 -15.81
N ARG B 309 37.76 20.85 -16.90
CA ARG B 309 38.03 19.42 -17.04
C ARG B 309 38.61 18.90 -15.71
N VAL B 310 39.80 19.40 -15.36
CA VAL B 310 40.49 19.00 -14.15
C VAL B 310 39.75 19.33 -12.86
N ALA B 311 39.40 20.60 -12.72
CA ALA B 311 38.71 21.09 -11.54
C ALA B 311 37.44 20.34 -11.15
N SER B 312 36.59 20.09 -12.13
CA SER B 312 35.34 19.39 -11.89
C SER B 312 35.62 18.05 -11.27
N GLU B 313 36.37 17.25 -12.02
CA GLU B 313 36.76 15.93 -11.58
C GLU B 313 37.21 15.99 -10.13
N MET B 314 38.09 16.95 -9.87
CA MET B 314 38.64 17.14 -8.55
C MET B 314 37.58 17.43 -7.47
N VAL B 315 36.57 18.24 -7.80
CA VAL B 315 35.51 18.54 -6.85
C VAL B 315 34.76 17.24 -6.63
N ARG B 316 34.53 16.53 -7.73
CA ARG B 316 33.82 15.28 -7.71
C ARG B 316 34.38 14.38 -6.61
N LYS B 317 35.70 14.23 -6.60
CA LYS B 317 36.36 13.41 -5.59
C LYS B 317 36.20 13.99 -4.18
N MET B 318 36.35 15.31 -4.07
CA MET B 318 36.21 16.00 -2.77
C MET B 318 34.84 15.72 -2.16
N GLU B 319 33.79 15.76 -2.99
CA GLU B 319 32.45 15.49 -2.50
C GLU B 319 32.42 14.05 -2.05
N GLN B 320 32.85 13.18 -2.97
CA GLN B 320 32.90 11.74 -2.75
C GLN B 320 33.41 11.49 -1.34
N ALA B 321 34.56 12.08 -1.04
CA ALA B 321 35.16 11.93 0.26
C ALA B 321 34.34 12.57 1.38
N MET B 322 33.91 13.82 1.19
CA MET B 322 33.15 14.54 2.24
C MET B 322 31.87 13.83 2.63
N GLY B 323 31.27 13.16 1.64
CA GLY B 323 30.03 12.43 1.85
C GLY B 323 28.83 13.22 1.34
N LEU B 324 29.05 14.04 0.32
CA LEU B 324 27.99 14.86 -0.24
C LEU B 324 27.33 14.19 -1.42
N GLY B 325 26.08 14.55 -1.68
CA GLY B 325 25.38 14.01 -2.83
C GLY B 325 25.02 12.54 -2.91
N ARG B 326 25.25 12.03 -4.12
CA ARG B 326 24.95 10.65 -4.45
C ARG B 326 26.06 10.01 -5.27
N MET C 1 23.50 -16.49 -23.82
CA MET C 1 23.57 -16.67 -25.29
C MET C 1 22.42 -15.86 -25.86
N LYS C 2 22.44 -15.61 -27.17
CA LYS C 2 21.37 -14.87 -27.85
C LYS C 2 20.16 -15.82 -27.96
N THR C 3 18.94 -15.29 -27.96
CA THR C 3 17.76 -16.14 -28.05
C THR C 3 17.21 -16.26 -29.47
N ILE C 4 16.64 -17.40 -29.80
CA ILE C 4 16.05 -17.58 -31.11
C ILE C 4 14.66 -18.15 -30.94
N PHE C 5 13.72 -17.59 -31.68
CA PHE C 5 12.36 -18.07 -31.60
C PHE C 5 11.96 -18.54 -32.98
N SER C 6 11.45 -19.76 -33.09
CA SER C 6 11.04 -20.27 -34.38
C SER C 6 9.59 -20.79 -34.28
N GLY C 7 8.74 -20.23 -35.15
CA GLY C 7 7.34 -20.60 -35.18
C GLY C 7 7.12 -21.65 -36.24
N ILE C 8 6.40 -22.72 -35.87
CA ILE C 8 6.15 -23.79 -36.80
C ILE C 8 4.67 -23.93 -37.03
N GLN C 9 4.28 -23.83 -38.29
CA GLN C 9 2.88 -23.96 -38.67
C GLN C 9 2.55 -25.45 -38.59
N PRO C 10 1.50 -25.81 -37.82
CA PRO C 10 1.16 -27.23 -37.72
C PRO C 10 0.59 -27.73 -39.02
N SER C 11 1.39 -28.53 -39.72
CA SER C 11 1.00 -29.11 -41.00
C SER C 11 1.58 -30.51 -41.29
N GLY C 12 2.14 -31.17 -40.27
CA GLY C 12 2.68 -32.53 -40.40
C GLY C 12 3.43 -33.03 -41.64
N VAL C 13 3.78 -32.14 -42.57
CA VAL C 13 4.49 -32.57 -43.75
C VAL C 13 5.59 -31.58 -44.11
N ILE C 14 6.79 -31.77 -43.57
CA ILE C 14 7.91 -30.88 -43.86
C ILE C 14 8.73 -31.50 -44.98
N THR C 15 9.13 -30.70 -45.96
CA THR C 15 9.88 -31.22 -47.09
C THR C 15 11.38 -31.35 -46.88
N ILE C 16 12.04 -32.08 -47.78
CA ILE C 16 13.48 -32.25 -47.73
C ILE C 16 14.04 -30.82 -47.82
N GLY C 17 13.41 -29.98 -48.66
CA GLY C 17 13.83 -28.60 -48.82
C GLY C 17 13.74 -27.84 -47.51
N ASN C 18 12.68 -28.04 -46.74
CA ASN C 18 12.61 -27.35 -45.48
C ASN C 18 13.76 -27.89 -44.64
N TYR C 19 13.89 -29.21 -44.56
CA TYR C 19 14.94 -29.82 -43.77
C TYR C 19 16.35 -29.31 -44.12
N ILE C 20 16.67 -29.28 -45.41
CA ILE C 20 17.98 -28.82 -45.86
C ILE C 20 18.19 -27.32 -45.67
N GLY C 21 17.17 -26.54 -45.97
CA GLY C 21 17.26 -25.10 -45.87
C GLY C 21 17.27 -24.50 -44.48
N ALA C 22 16.63 -25.17 -43.53
CA ALA C 22 16.60 -24.58 -42.22
C ALA C 22 16.56 -25.56 -41.06
N LEU C 23 15.86 -26.68 -41.23
CA LEU C 23 15.75 -27.61 -40.12
C LEU C 23 17.06 -28.21 -39.65
N ARG C 24 17.82 -28.76 -40.59
CA ARG C 24 19.12 -29.38 -40.31
C ARG C 24 19.93 -28.45 -39.40
N GLN C 25 20.29 -27.33 -39.99
CA GLN C 25 21.02 -26.24 -39.36
C GLN C 25 20.63 -25.92 -37.90
N PHE C 26 19.36 -26.09 -37.53
CA PHE C 26 18.97 -25.80 -36.15
C PHE C 26 19.49 -26.85 -35.20
N VAL C 27 19.45 -28.11 -35.63
CA VAL C 27 19.92 -29.17 -34.75
C VAL C 27 21.30 -28.84 -34.23
N GLU C 28 22.17 -28.40 -35.13
CA GLU C 28 23.54 -28.01 -34.81
C GLU C 28 23.69 -26.59 -34.24
N LEU C 29 22.58 -25.86 -34.09
CA LEU C 29 22.63 -24.49 -33.59
C LEU C 29 22.02 -24.39 -32.19
N GLN C 30 21.28 -25.41 -31.80
CA GLN C 30 20.62 -25.43 -30.51
C GLN C 30 21.53 -25.48 -29.29
N HIS C 31 22.83 -25.55 -29.48
CA HIS C 31 23.74 -25.60 -28.33
C HIS C 31 24.56 -24.35 -28.15
N GLU C 32 24.54 -23.49 -29.16
CA GLU C 32 25.25 -22.22 -29.15
C GLU C 32 24.24 -21.17 -28.75
N TYR C 33 23.06 -21.26 -29.35
CA TYR C 33 22.00 -20.33 -29.06
C TYR C 33 20.98 -20.89 -28.11
N ASN C 34 20.10 -20.03 -27.62
CA ASN C 34 19.03 -20.43 -26.74
C ASN C 34 17.81 -20.52 -27.67
N CYS C 35 17.34 -21.74 -27.94
CA CYS C 35 16.20 -21.91 -28.84
C CYS C 35 14.83 -22.19 -28.26
N TYR C 36 13.84 -21.62 -28.94
CA TYR C 36 12.42 -21.78 -28.61
C TYR C 36 11.78 -22.22 -29.92
N PHE C 37 11.11 -23.37 -29.91
CA PHE C 37 10.44 -23.86 -31.11
C PHE C 37 8.96 -23.89 -30.79
N CYS C 38 8.22 -23.12 -31.57
CA CYS C 38 6.81 -22.92 -31.33
C CYS C 38 5.82 -23.45 -32.34
N ILE C 39 5.04 -24.45 -31.94
CA ILE C 39 4.02 -24.95 -32.85
C ILE C 39 2.88 -23.97 -32.66
N VAL C 40 2.64 -23.22 -33.74
CA VAL C 40 1.63 -22.18 -33.75
C VAL C 40 0.29 -22.67 -34.22
N ASP C 41 -0.46 -23.26 -33.30
CA ASP C 41 -1.76 -23.77 -33.65
C ASP C 41 -2.73 -22.59 -33.75
N GLN C 42 -2.51 -21.57 -32.91
CA GLN C 42 -3.34 -20.38 -32.90
C GLN C 42 -3.22 -19.64 -34.24
N HIS C 43 -2.07 -19.67 -34.90
CA HIS C 43 -2.03 -18.98 -36.18
C HIS C 43 -2.77 -19.80 -37.22
N ALA C 44 -2.70 -21.13 -37.10
CA ALA C 44 -3.32 -22.03 -38.08
C ALA C 44 -4.83 -21.88 -38.13
N ILE C 45 -5.40 -21.59 -36.97
CA ILE C 45 -6.83 -21.41 -36.77
C ILE C 45 -7.36 -20.19 -37.52
N THR C 46 -6.54 -19.53 -38.33
CA THR C 46 -7.01 -18.35 -39.06
C THR C 46 -7.64 -18.72 -40.40
N VAL C 47 -7.67 -20.01 -40.71
CA VAL C 47 -8.24 -20.50 -41.97
C VAL C 47 -9.07 -21.77 -41.66
N TRP C 48 -9.80 -22.29 -42.65
CA TRP C 48 -10.62 -23.48 -42.40
C TRP C 48 -9.74 -24.65 -41.99
N GLN C 49 -9.89 -25.11 -40.73
CA GLN C 49 -9.12 -26.23 -40.23
C GLN C 49 -10.00 -27.31 -39.65
N ASP C 50 -9.80 -28.55 -40.06
CA ASP C 50 -10.57 -29.67 -39.53
C ASP C 50 -9.96 -29.97 -38.17
N PRO C 51 -10.75 -29.90 -37.10
CA PRO C 51 -10.27 -30.16 -35.75
C PRO C 51 -9.35 -31.35 -35.62
N HIS C 52 -9.82 -32.53 -36.03
CA HIS C 52 -9.03 -33.76 -35.93
C HIS C 52 -7.68 -33.69 -36.65
N GLU C 53 -7.73 -33.31 -37.92
CA GLU C 53 -6.53 -33.15 -38.72
C GLU C 53 -5.54 -32.21 -38.05
N LEU C 54 -6.05 -31.11 -37.47
CA LEU C 54 -5.20 -30.13 -36.81
C LEU C 54 -4.55 -30.77 -35.62
N ARG C 55 -5.39 -31.16 -34.66
CA ARG C 55 -4.91 -31.80 -33.46
C ARG C 55 -3.93 -32.96 -33.83
N GLN C 56 -4.15 -33.60 -34.97
CA GLN C 56 -3.30 -34.70 -35.39
C GLN C 56 -1.98 -34.24 -35.99
N ASN C 57 -2.01 -33.05 -36.59
CA ASN C 57 -0.85 -32.44 -37.20
C ASN C 57 0.05 -31.77 -36.19
N ILE C 58 -0.51 -31.44 -35.03
CA ILE C 58 0.28 -30.81 -34.01
C ILE C 58 1.28 -31.89 -33.55
N ARG C 59 0.79 -33.03 -33.07
CA ARG C 59 1.67 -34.11 -32.63
C ARG C 59 2.63 -34.55 -33.73
N ARG C 60 2.14 -34.64 -34.95
CA ARG C 60 2.99 -35.05 -36.05
C ARG C 60 4.21 -34.17 -36.20
N LEU C 61 4.07 -32.88 -35.98
CA LEU C 61 5.20 -31.99 -36.13
C LEU C 61 6.12 -32.08 -34.91
N ALA C 62 5.56 -32.08 -33.71
CA ALA C 62 6.38 -32.20 -32.51
C ALA C 62 7.27 -33.44 -32.66
N ALA C 63 6.64 -34.57 -33.01
CA ALA C 63 7.34 -35.83 -33.19
C ALA C 63 8.37 -35.79 -34.32
N LEU C 64 8.03 -35.16 -35.43
CA LEU C 64 8.95 -35.06 -36.56
C LEU C 64 10.15 -34.17 -36.20
N TYR C 65 9.94 -33.22 -35.29
CA TYR C 65 10.99 -32.29 -34.87
C TYR C 65 11.99 -33.00 -33.98
N LEU C 66 11.49 -33.68 -32.96
CA LEU C 66 12.33 -34.47 -32.06
C LEU C 66 13.12 -35.49 -32.91
N ALA C 67 12.45 -36.16 -33.83
CA ALA C 67 13.13 -37.15 -34.67
C ALA C 67 14.31 -36.55 -35.41
N VAL C 68 14.15 -35.35 -35.98
CA VAL C 68 15.25 -34.76 -36.73
C VAL C 68 16.44 -34.45 -35.83
N GLY C 69 16.21 -34.31 -34.53
CA GLY C 69 17.30 -34.01 -33.63
C GLY C 69 17.17 -32.80 -32.70
N ILE C 70 15.96 -32.34 -32.41
CA ILE C 70 15.85 -31.19 -31.52
C ILE C 70 15.90 -31.73 -30.10
N ASP C 71 16.95 -31.35 -29.38
CA ASP C 71 17.12 -31.84 -28.01
C ASP C 71 16.18 -31.10 -27.05
N PRO C 72 15.19 -31.82 -26.52
CA PRO C 72 14.19 -31.28 -25.58
C PRO C 72 14.75 -30.82 -24.24
N THR C 73 16.04 -31.01 -24.00
CA THR C 73 16.59 -30.54 -22.72
C THR C 73 17.46 -29.32 -22.98
N GLN C 74 17.83 -29.13 -24.25
CA GLN C 74 18.67 -28.02 -24.66
C GLN C 74 17.87 -26.91 -25.38
N ALA C 75 16.73 -27.29 -25.93
CA ALA C 75 15.84 -26.38 -26.62
C ALA C 75 14.48 -26.44 -25.93
N THR C 76 13.55 -25.60 -26.36
CA THR C 76 12.22 -25.66 -25.79
C THR C 76 11.24 -25.85 -26.93
N LEU C 77 10.45 -26.91 -26.83
CA LEU C 77 9.47 -27.23 -27.85
C LEU C 77 8.13 -27.12 -27.14
N PHE C 78 7.26 -26.25 -27.62
CA PHE C 78 5.98 -26.07 -26.97
C PHE C 78 4.92 -25.67 -27.96
N ILE C 79 3.67 -25.92 -27.60
CA ILE C 79 2.53 -25.56 -28.46
C ILE C 79 2.00 -24.21 -28.01
N GLN C 80 1.94 -23.29 -28.96
CA GLN C 80 1.47 -21.93 -28.71
C GLN C 80 0.28 -21.84 -27.78
N SER C 81 -0.85 -22.37 -28.20
CA SER C 81 -2.06 -22.25 -27.40
C SER C 81 -1.95 -22.67 -25.95
N GLU C 82 -0.88 -23.36 -25.59
CA GLU C 82 -0.69 -23.84 -24.21
C GLU C 82 -0.11 -22.76 -23.32
N VAL C 83 0.37 -21.70 -23.95
CA VAL C 83 0.91 -20.59 -23.20
C VAL C 83 -0.04 -19.42 -23.40
N PRO C 84 -1.00 -19.22 -22.47
CA PRO C 84 -2.00 -18.15 -22.49
C PRO C 84 -1.43 -16.78 -22.84
N ALA C 85 -0.38 -16.39 -22.12
CA ALA C 85 0.30 -15.11 -22.36
C ALA C 85 0.38 -14.71 -23.83
N HIS C 86 0.49 -15.64 -24.79
CA HIS C 86 0.56 -15.23 -26.18
C HIS C 86 -0.73 -14.54 -26.56
N ALA C 87 -1.85 -15.07 -26.07
CA ALA C 87 -3.14 -14.47 -26.37
C ALA C 87 -3.18 -13.09 -25.77
N GLN C 88 -2.95 -13.04 -24.46
CA GLN C 88 -2.97 -11.81 -23.71
C GLN C 88 -2.08 -10.75 -24.35
N ALA C 89 -0.81 -11.09 -24.53
CA ALA C 89 0.13 -10.19 -25.14
C ALA C 89 -0.42 -9.69 -26.48
N ALA C 90 -0.96 -10.57 -27.32
CA ALA C 90 -1.45 -10.13 -28.63
C ALA C 90 -2.58 -9.13 -28.55
N TRP C 91 -3.43 -9.24 -27.52
CA TRP C 91 -4.52 -8.29 -27.40
C TRP C 91 -3.90 -6.93 -27.34
N MET C 92 -3.07 -6.74 -26.34
CA MET C 92 -2.37 -5.50 -26.12
C MET C 92 -1.67 -4.90 -27.33
N LEU C 93 -0.98 -5.71 -28.13
CA LEU C 93 -0.31 -5.10 -29.27
C LEU C 93 -1.33 -4.62 -30.30
N GLN C 94 -2.54 -5.16 -30.27
CA GLN C 94 -3.59 -4.75 -31.21
C GLN C 94 -3.97 -3.33 -30.85
N CYS C 95 -3.91 -3.03 -29.56
CA CYS C 95 -4.24 -1.72 -29.08
C CYS C 95 -3.14 -0.68 -29.29
N ILE C 96 -2.10 -1.02 -30.04
CA ILE C 96 -1.04 -0.05 -30.30
C ILE C 96 -0.56 -0.11 -31.75
N VAL C 97 -1.02 -1.10 -32.51
CA VAL C 97 -0.67 -1.21 -33.92
C VAL C 97 -1.84 -0.49 -34.58
N TYR C 98 -1.60 0.28 -35.63
CA TYR C 98 -2.70 1.00 -36.26
C TYR C 98 -3.32 0.17 -37.39
N ILE C 99 -4.59 0.43 -37.67
CA ILE C 99 -5.30 -0.31 -38.70
C ILE C 99 -4.55 -0.39 -40.01
N GLY C 100 -4.26 0.77 -40.60
CA GLY C 100 -3.55 0.80 -41.87
C GLY C 100 -2.24 0.04 -41.93
N GLU C 101 -1.59 -0.17 -40.77
CA GLU C 101 -0.31 -0.90 -40.72
C GLU C 101 -0.60 -2.36 -41.04
N LEU C 102 -1.76 -2.80 -40.54
CA LEU C 102 -2.24 -4.16 -40.75
C LEU C 102 -2.72 -4.40 -42.19
N GLU C 103 -3.33 -3.41 -42.81
CA GLU C 103 -3.82 -3.58 -44.18
C GLU C 103 -2.79 -3.35 -45.26
N ARG C 104 -1.86 -2.41 -45.07
CA ARG C 104 -0.83 -2.19 -46.09
C ARG C 104 0.00 -3.48 -46.16
N MET C 105 -0.10 -4.27 -45.10
CA MET C 105 0.60 -5.56 -44.94
C MET C 105 0.61 -6.38 -46.21
N THR C 106 1.64 -6.20 -47.05
CA THR C 106 1.77 -6.91 -48.33
C THR C 106 1.57 -8.42 -48.20
N GLN C 107 0.32 -8.82 -47.98
CA GLN C 107 -0.06 -10.20 -47.82
C GLN C 107 -1.56 -10.21 -47.66
N PHE C 108 -2.08 -9.05 -47.27
CA PHE C 108 -3.50 -8.85 -47.09
C PHE C 108 -4.14 -8.65 -48.48
N LYS C 109 -3.37 -8.99 -49.51
CA LYS C 109 -3.86 -8.93 -50.87
C LYS C 109 -4.97 -9.96 -50.88
N GLU C 110 -4.99 -10.77 -49.81
CA GLU C 110 -5.99 -11.80 -49.59
C GLU C 110 -7.42 -11.23 -49.50
N LYS C 111 -7.59 -9.92 -49.65
CA LYS C 111 -8.92 -9.29 -49.61
C LYS C 111 -9.74 -9.79 -50.78
N SER C 112 -9.06 -10.49 -51.68
CA SER C 112 -9.65 -11.12 -52.85
C SER C 112 -10.64 -10.36 -53.69
N ALA C 113 -10.18 -9.23 -54.24
CA ALA C 113 -10.98 -8.38 -55.12
C ALA C 113 -12.40 -8.14 -54.64
N GLY C 114 -12.55 -7.89 -53.34
CA GLY C 114 -13.86 -7.62 -52.77
C GLY C 114 -14.66 -8.83 -52.28
N LYS C 115 -13.97 -9.76 -51.61
CA LYS C 115 -14.63 -10.97 -51.09
C LYS C 115 -15.36 -10.77 -49.76
N GLU C 116 -14.79 -9.93 -48.88
CA GLU C 116 -15.35 -9.61 -47.56
C GLU C 116 -15.60 -10.82 -46.63
N ALA C 117 -15.41 -12.03 -47.17
CA ALA C 117 -15.61 -13.26 -46.43
C ALA C 117 -14.31 -13.90 -45.92
N VAL C 118 -13.43 -13.10 -45.31
CA VAL C 118 -12.17 -13.60 -44.76
C VAL C 118 -12.24 -13.42 -43.25
N SER C 119 -11.59 -14.31 -42.50
CA SER C 119 -11.59 -14.25 -41.03
C SER C 119 -10.88 -12.98 -40.61
N ALA C 120 -11.31 -12.40 -39.50
CA ALA C 120 -10.69 -11.17 -39.02
C ALA C 120 -9.23 -11.43 -38.69
N GLY C 121 -8.97 -12.67 -38.26
CA GLY C 121 -7.62 -13.08 -37.92
C GLY C 121 -6.67 -12.96 -39.09
N LEU C 122 -7.16 -13.11 -40.32
CA LEU C 122 -6.27 -13.00 -41.48
C LEU C 122 -5.73 -11.58 -41.61
N LEU C 123 -6.26 -10.70 -40.78
CA LEU C 123 -5.86 -9.31 -40.77
C LEU C 123 -5.10 -9.10 -39.47
N THR C 124 -5.73 -9.46 -38.38
CA THR C 124 -5.13 -9.31 -37.08
C THR C 124 -4.04 -10.30 -36.66
N TYR C 125 -3.58 -11.20 -37.53
CA TYR C 125 -2.56 -12.15 -37.08
C TYR C 125 -1.15 -11.62 -36.75
N PRO C 126 -0.61 -10.63 -37.51
CA PRO C 126 0.72 -10.10 -37.21
C PRO C 126 0.88 -9.76 -35.73
N PRO C 127 -0.03 -9.00 -35.10
CA PRO C 127 0.13 -8.71 -33.67
C PRO C 127 0.31 -9.98 -32.85
N LEU C 128 -0.16 -11.13 -33.36
CA LEU C 128 0.00 -12.38 -32.61
C LEU C 128 1.42 -12.85 -32.88
N MET C 129 1.84 -12.75 -34.14
CA MET C 129 3.18 -13.13 -34.52
C MET C 129 4.18 -12.30 -33.72
N ALA C 130 3.88 -11.04 -33.47
CA ALA C 130 4.80 -10.24 -32.68
C ALA C 130 4.77 -10.71 -31.21
N ALA C 131 3.60 -10.80 -30.60
CA ALA C 131 3.53 -11.23 -29.21
C ALA C 131 4.34 -12.48 -29.02
N ASP C 132 4.43 -13.29 -30.08
CA ASP C 132 5.15 -14.56 -30.06
C ASP C 132 6.60 -14.27 -29.76
N ILE C 133 7.23 -13.63 -30.72
CA ILE C 133 8.61 -13.22 -30.61
C ILE C 133 8.84 -12.39 -29.32
N LEU C 134 8.45 -11.13 -29.34
CA LEU C 134 8.67 -10.26 -28.18
C LEU C 134 8.52 -10.86 -26.77
N LEU C 135 7.64 -11.81 -26.56
CA LEU C 135 7.49 -12.32 -25.19
C LEU C 135 8.71 -13.02 -24.64
N TYR C 136 9.56 -13.53 -25.52
CA TYR C 136 10.75 -14.28 -25.09
C TYR C 136 12.08 -13.56 -25.33
N ASN C 137 12.06 -12.24 -25.23
CA ASN C 137 13.20 -11.36 -25.44
C ASN C 137 14.09 -11.79 -26.58
N THR C 138 13.53 -12.58 -27.50
CA THR C 138 14.27 -13.11 -28.62
C THR C 138 15.02 -12.05 -29.39
N ASP C 139 16.21 -12.46 -29.79
CA ASP C 139 17.14 -11.65 -30.55
C ASP C 139 17.04 -11.96 -32.04
N ILE C 140 17.21 -13.20 -32.45
CA ILE C 140 17.15 -13.51 -33.88
C ILE C 140 15.98 -14.41 -34.19
N VAL C 141 15.33 -14.13 -35.30
CA VAL C 141 14.19 -14.92 -35.74
C VAL C 141 14.56 -15.36 -37.15
N PRO C 142 14.81 -16.67 -37.38
CA PRO C 142 15.15 -17.17 -38.72
C PRO C 142 13.90 -17.27 -39.59
N VAL C 143 13.74 -16.37 -40.54
CA VAL C 143 12.56 -16.40 -41.41
C VAL C 143 12.99 -16.40 -42.86
N GLY C 144 12.04 -16.63 -43.76
CA GLY C 144 12.36 -16.61 -45.18
C GLY C 144 12.31 -15.16 -45.64
N GLU C 145 12.68 -14.88 -46.88
CA GLU C 145 12.66 -13.49 -47.40
C GLU C 145 11.20 -13.03 -47.32
N ASP C 146 10.32 -13.95 -47.72
CA ASP C 146 8.88 -13.75 -47.72
C ASP C 146 8.34 -13.14 -46.40
N GLN C 147 8.93 -13.54 -45.29
CA GLN C 147 8.48 -13.05 -43.99
C GLN C 147 9.13 -11.80 -43.46
N LYS C 148 10.17 -11.30 -44.13
CA LYS C 148 10.89 -10.11 -43.66
C LYS C 148 9.95 -8.99 -43.25
N GLN C 149 8.95 -8.76 -44.06
CA GLN C 149 7.98 -7.70 -43.82
C GLN C 149 7.19 -7.85 -42.51
N HIS C 150 7.19 -9.04 -41.93
CA HIS C 150 6.49 -9.25 -40.67
C HIS C 150 7.41 -8.96 -39.50
N ILE C 151 8.70 -9.05 -39.76
CA ILE C 151 9.69 -8.78 -38.73
C ILE C 151 9.78 -7.28 -38.53
N GLU C 152 9.75 -6.53 -39.63
CA GLU C 152 9.79 -5.07 -39.55
C GLU C 152 8.67 -4.60 -38.62
N LEU C 153 7.45 -5.03 -38.91
CA LEU C 153 6.30 -4.65 -38.09
C LEU C 153 6.43 -4.94 -36.60
N THR C 154 6.95 -6.11 -36.22
CA THR C 154 7.06 -6.39 -34.80
C THR C 154 8.20 -5.54 -34.23
N ARG C 155 9.20 -5.23 -35.06
CA ARG C 155 10.31 -4.39 -34.59
C ARG C 155 9.70 -3.07 -34.21
N ASP C 156 8.88 -2.55 -35.13
CA ASP C 156 8.15 -1.29 -34.97
C ASP C 156 7.31 -1.33 -33.71
N LEU C 157 6.58 -2.42 -33.50
CA LEU C 157 5.73 -2.53 -32.32
C LEU C 157 6.58 -2.55 -31.07
N ALA C 158 7.78 -3.10 -31.20
CA ALA C 158 8.71 -3.19 -30.09
C ALA C 158 9.12 -1.78 -29.61
N GLU C 159 9.64 -1.00 -30.54
CA GLU C 159 10.09 0.35 -30.28
C GLU C 159 8.93 1.28 -29.85
N ARG C 160 7.77 1.08 -30.46
CA ARG C 160 6.61 1.88 -30.10
C ARG C 160 6.24 1.56 -28.67
N PHE C 161 6.07 0.29 -28.37
CA PHE C 161 5.71 -0.04 -26.99
C PHE C 161 6.78 0.44 -26.00
N ASN C 162 8.04 0.37 -26.42
CA ASN C 162 9.20 0.76 -25.61
C ASN C 162 9.28 2.28 -25.31
N LYS C 163 9.10 3.14 -26.31
CA LYS C 163 9.14 4.58 -26.04
C LYS C 163 7.94 4.96 -25.19
N ARG C 164 6.75 4.55 -25.62
CA ARG C 164 5.55 4.87 -24.85
C ARG C 164 5.62 4.43 -23.39
N TYR C 165 5.90 3.15 -23.13
CA TYR C 165 5.92 2.69 -21.75
C TYR C 165 7.29 2.46 -21.13
N GLY C 166 8.33 2.43 -21.96
CA GLY C 166 9.68 2.22 -21.44
C GLY C 166 10.38 0.98 -21.97
N GLU C 167 11.70 1.02 -22.00
CA GLU C 167 12.55 -0.08 -22.46
C GLU C 167 12.02 -1.37 -21.83
N LEU C 168 11.74 -2.36 -22.67
CA LEU C 168 11.21 -3.63 -22.22
C LEU C 168 11.46 -4.71 -23.28
N PHE C 169 10.95 -4.55 -24.49
CA PHE C 169 11.17 -5.58 -25.51
C PHE C 169 12.49 -5.44 -26.25
N THR C 170 13.00 -6.58 -26.70
CA THR C 170 14.24 -6.60 -27.44
C THR C 170 13.89 -6.44 -28.90
N ILE C 171 14.43 -5.43 -29.58
CA ILE C 171 14.11 -5.31 -31.00
C ILE C 171 14.72 -6.54 -31.70
N PRO C 172 13.88 -7.46 -32.17
CA PRO C 172 14.34 -8.66 -32.87
C PRO C 172 15.07 -8.40 -34.17
N GLU C 173 15.84 -9.40 -34.60
CA GLU C 173 16.68 -9.35 -35.80
C GLU C 173 16.29 -10.50 -36.73
N ALA C 174 15.93 -10.18 -37.96
CA ALA C 174 15.51 -11.21 -38.91
C ALA C 174 16.68 -11.86 -39.65
N ARG C 175 17.39 -12.75 -38.98
CA ARG C 175 18.52 -13.41 -39.60
C ARG C 175 18.13 -14.56 -40.52
N ILE C 176 18.24 -14.29 -41.82
CA ILE C 176 17.92 -15.26 -42.86
C ILE C 176 18.88 -16.46 -42.78
N PRO C 177 18.40 -17.67 -43.15
CA PRO C 177 19.17 -18.92 -43.17
C PRO C 177 20.49 -18.84 -43.95
N LYS C 178 21.53 -19.43 -43.39
CA LYS C 178 22.87 -19.41 -43.97
C LYS C 178 23.01 -19.86 -45.40
N VAL C 179 22.22 -20.86 -45.79
CA VAL C 179 22.25 -21.38 -47.16
C VAL C 179 20.98 -22.09 -47.56
N GLY C 180 21.01 -23.40 -47.81
CA GLY C 180 19.78 -24.07 -48.21
C GLY C 180 19.41 -23.65 -49.62
N ALA C 181 20.23 -22.76 -50.17
CA ALA C 181 20.16 -22.22 -51.51
C ALA C 181 19.02 -22.66 -52.41
N ARG C 182 17.80 -22.46 -51.90
CA ARG C 182 16.57 -22.75 -52.61
C ARG C 182 16.46 -24.14 -53.26
N ILE C 183 16.03 -25.14 -52.48
CA ILE C 183 15.84 -26.47 -53.05
C ILE C 183 14.55 -26.32 -53.90
N MET C 184 14.71 -26.33 -55.23
CA MET C 184 13.59 -26.15 -56.15
C MET C 184 12.61 -27.31 -56.24
N SER C 185 11.61 -27.19 -57.11
CA SER C 185 10.58 -28.20 -57.34
C SER C 185 11.26 -29.27 -58.17
N LEU C 186 10.85 -30.52 -58.00
CA LEU C 186 11.48 -31.56 -58.78
C LEU C 186 10.94 -31.58 -60.20
N VAL C 187 9.76 -31.00 -60.39
CA VAL C 187 9.12 -30.97 -61.70
C VAL C 187 9.31 -29.62 -62.35
N ASP C 188 9.54 -28.60 -61.52
CA ASP C 188 9.79 -27.25 -62.03
C ASP C 188 10.97 -26.69 -61.22
N PRO C 189 12.17 -26.72 -61.82
CA PRO C 189 13.42 -26.24 -61.24
C PRO C 189 13.54 -24.76 -61.00
N THR C 190 12.55 -23.99 -61.47
CA THR C 190 12.58 -22.55 -61.31
C THR C 190 11.65 -22.12 -60.20
N LYS C 191 10.78 -23.03 -59.80
CA LYS C 191 9.88 -22.72 -58.72
C LYS C 191 10.42 -23.39 -57.48
N LYS C 192 10.32 -22.70 -56.36
CA LYS C 192 10.81 -23.21 -55.09
C LYS C 192 9.98 -24.40 -54.65
N MET C 193 10.59 -25.32 -53.90
CA MET C 193 9.89 -26.52 -53.43
C MET C 193 8.93 -26.17 -52.29
N SER C 194 7.73 -26.74 -52.30
CA SER C 194 6.77 -26.45 -51.23
C SER C 194 5.75 -27.56 -50.98
N LYS C 195 5.33 -27.73 -49.71
CA LYS C 195 4.37 -28.75 -49.34
C LYS C 195 3.03 -28.47 -50.00
N SER C 196 2.77 -27.19 -50.26
CA SER C 196 1.53 -26.72 -50.86
C SER C 196 1.47 -26.86 -52.39
N ASP C 197 2.51 -27.37 -53.01
CA ASP C 197 2.48 -27.53 -54.46
C ASP C 197 1.47 -28.63 -54.79
N PRO C 198 0.47 -28.33 -55.63
CA PRO C 198 -0.57 -29.25 -56.04
C PRO C 198 -0.02 -30.46 -56.77
N ASN C 199 1.25 -30.41 -57.14
CA ASN C 199 1.81 -31.55 -57.85
C ASN C 199 2.77 -32.38 -56.98
N PRO C 200 2.26 -33.36 -56.23
CA PRO C 200 3.06 -34.21 -55.33
C PRO C 200 4.44 -34.64 -55.79
N LYS C 201 4.63 -34.85 -57.08
CA LYS C 201 5.93 -35.25 -57.62
C LYS C 201 6.94 -34.13 -57.50
N ALA C 202 6.53 -33.01 -56.91
CA ALA C 202 7.41 -31.86 -56.79
C ALA C 202 8.24 -31.85 -55.53
N TYR C 203 7.71 -32.42 -54.46
CA TYR C 203 8.45 -32.40 -53.21
C TYR C 203 8.58 -33.78 -52.61
N ILE C 204 9.60 -33.97 -51.77
CA ILE C 204 9.82 -35.23 -51.07
C ILE C 204 9.58 -34.98 -49.61
N THR C 205 8.51 -35.54 -49.07
CA THR C 205 8.19 -35.38 -47.67
C THR C 205 9.20 -36.10 -46.80
N LEU C 206 9.45 -35.62 -45.60
CA LEU C 206 10.38 -36.32 -44.73
C LEU C 206 9.84 -37.70 -44.48
N LEU C 207 8.54 -37.90 -44.66
CA LEU C 207 7.99 -39.22 -44.42
C LEU C 207 7.77 -40.12 -45.62
N ASP C 208 8.08 -39.66 -46.83
CA ASP C 208 7.87 -40.53 -47.97
C ASP C 208 8.60 -41.86 -47.78
N ASP C 209 8.02 -42.94 -48.30
CA ASP C 209 8.66 -44.25 -48.21
C ASP C 209 9.65 -44.34 -49.37
N ALA C 210 10.64 -45.21 -49.20
CA ALA C 210 11.69 -45.39 -50.20
C ALA C 210 11.20 -45.65 -51.63
N LYS C 211 10.06 -46.31 -51.76
CA LYS C 211 9.53 -46.62 -53.09
C LYS C 211 9.09 -45.32 -53.76
N THR C 212 8.47 -44.44 -52.98
CA THR C 212 7.99 -43.16 -53.49
C THR C 212 9.19 -42.31 -53.88
N ILE C 213 10.08 -42.13 -52.91
CA ILE C 213 11.29 -41.36 -53.09
C ILE C 213 11.93 -41.79 -54.39
N GLU C 214 12.04 -43.10 -54.55
CA GLU C 214 12.64 -43.66 -55.73
C GLU C 214 11.89 -43.19 -56.99
N LYS C 215 10.57 -43.26 -56.93
CA LYS C 215 9.72 -42.88 -58.05
C LYS C 215 9.88 -41.39 -58.40
N LYS C 216 9.81 -40.56 -57.36
CA LYS C 216 9.96 -39.12 -57.50
C LYS C 216 11.31 -38.72 -58.10
N ILE C 217 12.41 -39.24 -57.57
CA ILE C 217 13.73 -38.90 -58.09
C ILE C 217 13.90 -39.28 -59.55
N LYS C 218 13.33 -40.40 -59.97
CA LYS C 218 13.46 -40.79 -61.37
C LYS C 218 12.66 -39.89 -62.27
N SER C 219 11.69 -39.22 -61.67
CA SER C 219 10.80 -38.31 -62.36
C SER C 219 11.45 -36.94 -62.54
N ALA C 220 12.04 -36.39 -61.46
CA ALA C 220 12.69 -35.07 -61.48
C ALA C 220 13.20 -34.70 -62.86
N VAL C 221 12.90 -33.49 -63.33
CA VAL C 221 13.34 -33.11 -64.65
C VAL C 221 14.81 -32.82 -64.68
N THR C 222 15.41 -33.11 -65.82
CA THR C 222 16.82 -32.83 -66.04
C THR C 222 16.92 -31.99 -67.30
N ASP C 223 17.50 -32.56 -68.35
CA ASP C 223 17.62 -31.83 -69.59
C ASP C 223 18.10 -32.74 -70.69
N SER C 224 18.46 -32.16 -71.82
CA SER C 224 18.86 -32.95 -72.97
C SER C 224 20.35 -33.04 -73.18
N GLU C 225 21.14 -32.29 -72.43
CA GLU C 225 22.57 -32.38 -72.65
C GLU C 225 22.98 -33.79 -72.21
N GLY C 226 22.72 -34.11 -70.95
CA GLY C 226 23.10 -35.42 -70.42
C GLY C 226 24.54 -35.44 -69.92
N THR C 227 24.89 -34.56 -68.98
CA THR C 227 26.24 -34.49 -68.42
C THR C 227 26.07 -33.88 -67.04
N ILE C 228 26.69 -34.45 -66.01
CA ILE C 228 26.53 -33.88 -64.69
C ILE C 228 27.39 -32.64 -64.45
N ARG C 229 26.81 -31.45 -64.59
CA ARG C 229 27.58 -30.22 -64.42
C ARG C 229 26.70 -29.15 -63.81
N TYR C 230 27.22 -28.35 -62.88
CA TYR C 230 26.42 -27.29 -62.25
C TYR C 230 26.29 -26.05 -63.13
N ASP C 231 25.06 -25.62 -63.36
CA ASP C 231 24.80 -24.46 -64.20
C ASP C 231 23.38 -24.03 -63.84
N LYS C 232 23.25 -23.12 -62.89
CA LYS C 232 21.94 -22.62 -62.44
C LYS C 232 21.03 -22.43 -63.63
N GLU C 233 21.33 -21.48 -64.52
CA GLU C 233 20.53 -21.28 -65.73
C GLU C 233 21.11 -22.27 -66.71
N ALA C 234 20.34 -22.72 -67.68
CA ALA C 234 20.80 -23.72 -68.68
C ALA C 234 20.67 -25.16 -68.18
N LYS C 235 20.96 -25.42 -66.91
CA LYS C 235 20.79 -26.78 -66.40
C LYS C 235 20.28 -26.72 -64.97
N PRO C 236 19.10 -26.07 -64.77
CA PRO C 236 18.43 -25.88 -63.48
C PRO C 236 18.13 -27.13 -62.68
N GLY C 237 17.65 -28.14 -63.41
CA GLY C 237 17.28 -29.42 -62.82
C GLY C 237 18.47 -30.10 -62.23
N ILE C 238 19.43 -30.47 -63.09
CA ILE C 238 20.66 -31.14 -62.67
C ILE C 238 21.32 -30.39 -61.52
N SER C 239 21.26 -29.06 -61.57
CA SER C 239 21.84 -28.27 -60.51
C SER C 239 21.05 -28.44 -59.24
N ASN C 240 19.73 -28.47 -59.35
CA ASN C 240 18.91 -28.61 -58.16
C ASN C 240 19.18 -29.95 -57.53
N LEU C 241 19.46 -30.93 -58.37
CA LEU C 241 19.74 -32.28 -57.90
C LEU C 241 21.13 -32.29 -57.26
N LEU C 242 22.12 -31.72 -57.96
CA LEU C 242 23.46 -31.62 -57.43
C LEU C 242 23.46 -30.99 -56.04
N ASN C 243 22.66 -29.96 -55.82
CA ASN C 243 22.65 -29.34 -54.50
C ASN C 243 22.10 -30.26 -53.42
N ILE C 244 21.06 -31.02 -53.75
CA ILE C 244 20.46 -31.93 -52.78
C ILE C 244 21.48 -32.99 -52.40
N TYR C 245 22.11 -33.54 -53.44
CA TYR C 245 23.11 -34.59 -53.30
C TYR C 245 24.13 -34.11 -52.30
N SER C 246 24.84 -33.07 -52.70
CA SER C 246 25.87 -32.47 -51.87
C SER C 246 25.47 -32.23 -50.43
N THR C 247 24.42 -31.45 -50.20
CA THR C 247 24.04 -31.13 -48.84
C THR C 247 23.65 -32.29 -47.96
N LEU C 248 23.38 -33.44 -48.56
CA LEU C 248 23.02 -34.57 -47.75
C LEU C 248 24.20 -35.52 -47.67
N SER C 249 24.91 -35.65 -48.78
CA SER C 249 26.05 -36.54 -48.83
C SER C 249 27.35 -35.90 -48.40
N GLY C 250 27.29 -34.65 -47.97
CA GLY C 250 28.48 -33.96 -47.54
C GLY C 250 29.55 -33.71 -48.60
N GLN C 251 29.38 -34.21 -49.82
CA GLN C 251 30.40 -33.98 -50.83
C GLN C 251 30.22 -32.62 -51.48
N SER C 252 31.30 -32.05 -51.98
CA SER C 252 31.21 -30.75 -52.64
C SER C 252 30.69 -30.97 -54.06
N ILE C 253 30.20 -29.91 -54.71
CA ILE C 253 29.71 -30.05 -56.07
C ILE C 253 30.81 -30.44 -57.02
N GLU C 254 31.94 -29.75 -56.93
CA GLU C 254 33.08 -30.03 -57.81
C GLU C 254 33.44 -31.51 -57.75
N GLU C 255 33.33 -32.08 -56.56
CA GLU C 255 33.64 -33.47 -56.33
C GLU C 255 32.69 -34.34 -57.17
N LEU C 256 31.40 -34.27 -56.83
CA LEU C 256 30.38 -35.02 -57.54
C LEU C 256 30.53 -34.90 -59.06
N GLU C 257 30.77 -33.68 -59.55
CA GLU C 257 30.95 -33.44 -60.97
C GLU C 257 32.03 -34.34 -61.56
N ARG C 258 33.19 -34.31 -60.91
CA ARG C 258 34.33 -35.13 -61.32
C ARG C 258 33.87 -36.58 -61.27
N GLN C 259 33.44 -36.99 -60.08
CA GLN C 259 32.97 -38.33 -59.80
C GLN C 259 31.98 -38.91 -60.82
N TYR C 260 31.27 -38.06 -61.55
CA TYR C 260 30.32 -38.51 -62.57
C TYR C 260 30.73 -38.13 -63.98
N GLU C 261 31.96 -37.68 -64.15
CA GLU C 261 32.51 -37.28 -65.45
C GLU C 261 31.91 -37.83 -66.75
N GLY C 262 31.89 -39.15 -66.92
CA GLY C 262 31.35 -39.69 -68.15
C GLY C 262 30.00 -40.37 -67.99
N LYS C 263 29.43 -40.25 -66.80
CA LYS C 263 28.17 -40.88 -66.47
C LYS C 263 26.92 -40.11 -66.93
N GLY C 264 25.84 -40.84 -67.20
CA GLY C 264 24.60 -40.22 -67.62
C GLY C 264 23.69 -39.99 -66.42
N TYR C 265 22.48 -39.52 -66.64
CA TYR C 265 21.61 -39.29 -65.48
C TYR C 265 21.12 -40.59 -64.88
N GLY C 266 21.20 -41.69 -65.65
CA GLY C 266 20.78 -43.00 -65.18
C GLY C 266 21.34 -43.36 -63.81
N VAL C 267 22.66 -43.52 -63.75
CA VAL C 267 23.33 -43.85 -62.49
C VAL C 267 23.24 -42.72 -61.46
N PHE C 268 23.21 -41.48 -61.94
CA PHE C 268 23.15 -40.31 -61.07
C PHE C 268 21.88 -40.30 -60.21
N LYS C 269 20.74 -40.36 -60.87
CA LYS C 269 19.48 -40.35 -60.15
C LYS C 269 19.45 -41.55 -59.21
N ALA C 270 19.90 -42.69 -59.74
CA ALA C 270 19.97 -43.97 -59.01
C ALA C 270 20.71 -43.86 -57.68
N ASP C 271 21.83 -43.13 -57.69
CA ASP C 271 22.66 -42.93 -56.50
C ASP C 271 22.03 -41.88 -55.58
N LEU C 272 21.58 -40.76 -56.16
CA LEU C 272 20.93 -39.70 -55.39
C LEU C 272 19.69 -40.25 -54.65
N ALA C 273 18.92 -41.07 -55.35
CA ALA C 273 17.73 -41.67 -54.77
C ALA C 273 18.12 -42.45 -53.51
N GLN C 274 19.33 -43.01 -53.53
CA GLN C 274 19.84 -43.80 -52.41
C GLN C 274 20.20 -43.02 -51.17
N VAL C 275 21.00 -41.97 -51.33
CA VAL C 275 21.42 -41.13 -50.20
C VAL C 275 20.21 -40.44 -49.56
N VAL C 276 19.20 -40.10 -50.36
CA VAL C 276 18.00 -39.47 -49.83
C VAL C 276 17.30 -40.42 -48.85
N ILE C 277 17.18 -41.68 -49.28
CA ILE C 277 16.53 -42.73 -48.50
C ILE C 277 17.33 -43.06 -47.24
N GLU C 278 18.64 -43.14 -47.41
CA GLU C 278 19.54 -43.45 -46.32
C GLU C 278 19.46 -42.34 -45.27
N THR C 279 19.25 -41.10 -45.72
CA THR C 279 19.17 -39.95 -44.81
C THR C 279 17.91 -39.93 -43.95
N LEU C 280 16.76 -40.11 -44.61
CA LEU C 280 15.49 -40.04 -43.91
C LEU C 280 15.19 -41.24 -43.04
N ARG C 281 15.65 -42.42 -43.46
CA ARG C 281 15.37 -43.64 -42.73
C ARG C 281 15.44 -43.52 -41.18
N PRO C 282 16.55 -43.02 -40.58
CA PRO C 282 16.67 -42.87 -39.12
C PRO C 282 15.68 -41.87 -38.56
N ILE C 283 15.37 -40.86 -39.38
CA ILE C 283 14.41 -39.83 -39.00
C ILE C 283 13.07 -40.52 -38.91
N GLN C 284 12.73 -41.27 -39.96
CA GLN C 284 11.47 -42.00 -40.03
C GLN C 284 11.35 -42.97 -38.88
N GLU C 285 12.44 -43.66 -38.57
CA GLU C 285 12.44 -44.60 -37.46
C GLU C 285 12.08 -43.88 -36.18
N ARG C 286 12.93 -42.95 -35.77
CA ARG C 286 12.72 -42.21 -34.54
C ARG C 286 11.36 -41.53 -34.51
N TYR C 287 10.91 -41.06 -35.68
CA TYR C 287 9.63 -40.40 -35.78
C TYR C 287 8.54 -41.29 -35.22
N HIS C 288 8.53 -42.54 -35.67
CA HIS C 288 7.53 -43.45 -35.17
C HIS C 288 7.67 -43.73 -33.68
N HIS C 289 8.90 -43.92 -33.21
CA HIS C 289 9.12 -44.21 -31.79
C HIS C 289 8.43 -43.10 -31.03
N TRP C 290 8.73 -41.87 -31.43
CA TRP C 290 8.14 -40.71 -30.79
C TRP C 290 6.63 -40.65 -30.83
N MET C 291 6.07 -40.80 -32.01
CA MET C 291 4.64 -40.76 -32.15
C MET C 291 3.92 -41.61 -31.11
N GLU C 292 4.27 -42.89 -31.07
CA GLU C 292 3.64 -43.84 -30.15
C GLU C 292 4.11 -43.75 -28.71
N SER C 293 5.20 -43.04 -28.45
CA SER C 293 5.69 -42.90 -27.08
C SER C 293 4.91 -41.87 -26.27
N GLU C 294 4.70 -42.21 -25.01
CA GLU C 294 4.00 -41.32 -24.08
C GLU C 294 5.00 -40.29 -23.52
N GLU C 295 6.25 -40.34 -23.98
CA GLU C 295 7.25 -39.37 -23.54
C GLU C 295 7.02 -38.10 -24.34
N LEU C 296 6.59 -38.26 -25.59
CA LEU C 296 6.32 -37.13 -26.47
C LEU C 296 5.48 -36.06 -25.75
N ASP C 297 4.44 -36.48 -25.04
CA ASP C 297 3.59 -35.54 -24.34
C ASP C 297 4.35 -34.94 -23.19
N ARG C 298 5.07 -35.80 -22.47
CA ARG C 298 5.85 -35.34 -21.34
C ARG C 298 6.84 -34.26 -21.78
N VAL C 299 7.29 -34.35 -23.04
CA VAL C 299 8.22 -33.38 -23.60
C VAL C 299 7.52 -32.06 -23.88
N LEU C 300 6.34 -32.14 -24.51
CA LEU C 300 5.55 -30.95 -24.86
C LEU C 300 5.01 -30.26 -23.61
N ASP C 301 4.97 -31.00 -22.51
CA ASP C 301 4.51 -30.46 -21.25
C ASP C 301 5.59 -29.61 -20.60
N GLU C 302 6.83 -30.10 -20.62
CA GLU C 302 7.92 -29.34 -20.03
C GLU C 302 8.09 -28.10 -20.88
N GLY C 303 8.04 -28.27 -22.19
CA GLY C 303 8.15 -27.14 -23.09
C GLY C 303 7.26 -26.01 -22.57
N ALA C 304 5.95 -26.23 -22.56
CA ALA C 304 4.97 -25.27 -22.08
C ALA C 304 5.34 -24.64 -20.74
N GLU C 305 5.54 -25.48 -19.74
CA GLU C 305 5.88 -25.04 -18.39
C GLU C 305 7.11 -24.12 -18.39
N LYS C 306 8.14 -24.52 -19.11
CA LYS C 306 9.34 -23.71 -19.20
C LYS C 306 8.97 -22.40 -19.88
N ALA C 307 8.38 -22.46 -21.07
CA ALA C 307 7.98 -21.26 -21.83
C ALA C 307 7.01 -20.36 -21.09
N ASN C 308 6.12 -20.97 -20.30
CA ASN C 308 5.17 -20.16 -19.57
C ASN C 308 5.88 -19.31 -18.55
N ARG C 309 6.87 -19.86 -17.86
CA ARG C 309 7.62 -19.13 -16.83
C ARG C 309 8.13 -17.76 -17.32
N VAL C 310 8.72 -17.77 -18.51
CA VAL C 310 9.24 -16.56 -19.13
C VAL C 310 8.06 -15.68 -19.53
N ALA C 311 7.29 -16.14 -20.52
CA ALA C 311 6.12 -15.42 -21.04
C ALA C 311 5.24 -14.76 -19.97
N SER C 312 5.00 -15.43 -18.86
CA SER C 312 4.18 -14.87 -17.78
C SER C 312 4.81 -13.56 -17.31
N GLU C 313 6.05 -13.65 -16.87
CA GLU C 313 6.79 -12.51 -16.37
C GLU C 313 6.64 -11.32 -17.31
N MET C 314 6.96 -11.57 -18.56
CA MET C 314 6.90 -10.54 -19.57
C MET C 314 5.50 -9.91 -19.64
N VAL C 315 4.46 -10.73 -19.65
CA VAL C 315 3.11 -10.21 -19.67
C VAL C 315 2.82 -9.46 -18.38
N ARG C 316 3.29 -9.97 -17.25
CA ARG C 316 3.05 -9.33 -15.98
C ARG C 316 3.60 -7.91 -16.04
N LYS C 317 4.72 -7.75 -16.76
CA LYS C 317 5.36 -6.48 -16.93
C LYS C 317 4.60 -5.61 -17.92
N MET C 318 4.02 -6.24 -18.95
CA MET C 318 3.27 -5.50 -19.96
C MET C 318 2.02 -4.86 -19.41
N GLU C 319 1.33 -5.56 -18.53
CA GLU C 319 0.13 -5.02 -17.94
C GLU C 319 0.52 -3.90 -17.01
N GLN C 320 1.66 -4.08 -16.37
CA GLN C 320 2.20 -3.11 -15.43
C GLN C 320 2.33 -1.77 -16.11
N ALA C 321 2.94 -1.79 -17.29
CA ALA C 321 3.14 -0.60 -18.08
C ALA C 321 1.79 0.00 -18.52
N MET C 322 1.00 -0.78 -19.28
CA MET C 322 -0.30 -0.34 -19.81
C MET C 322 -1.25 0.11 -18.70
N GLY C 323 -0.99 -0.32 -17.48
CA GLY C 323 -1.85 0.05 -16.38
C GLY C 323 -3.08 -0.82 -16.20
N LEU C 324 -3.06 -2.07 -16.65
CA LEU C 324 -4.21 -2.96 -16.48
C LEU C 324 -4.26 -3.51 -15.07
N GLY C 325 -5.35 -4.20 -14.74
CA GLY C 325 -5.51 -4.81 -13.44
C GLY C 325 -5.24 -4.04 -12.15
N ARG C 326 -4.24 -4.51 -11.40
CA ARG C 326 -3.83 -3.96 -10.11
C ARG C 326 -2.30 -4.02 -9.85
N MET D 1 -47.76 -2.26 41.60
CA MET D 1 -48.73 -3.31 41.17
C MET D 1 -47.94 -4.61 41.05
N LYS D 2 -48.63 -5.72 40.77
CA LYS D 2 -47.94 -7.00 40.57
C LYS D 2 -47.20 -6.92 39.22
N THR D 3 -46.26 -7.82 38.97
CA THR D 3 -45.54 -7.79 37.71
C THR D 3 -45.89 -8.98 36.86
N ILE D 4 -45.83 -8.84 35.55
CA ILE D 4 -46.14 -9.96 34.68
C ILE D 4 -45.08 -10.04 33.62
N PHE D 5 -44.48 -11.21 33.47
CA PHE D 5 -43.43 -11.38 32.48
C PHE D 5 -43.90 -12.27 31.35
N SER D 6 -43.69 -11.82 30.13
CA SER D 6 -44.09 -12.57 28.94
C SER D 6 -42.95 -12.65 27.92
N GLY D 7 -42.44 -13.87 27.71
CA GLY D 7 -41.37 -14.08 26.76
C GLY D 7 -41.99 -14.41 25.41
N ILE D 8 -41.64 -13.66 24.38
CA ILE D 8 -42.21 -13.88 23.07
C ILE D 8 -41.18 -14.43 22.13
N GLN D 9 -41.42 -15.63 21.63
CA GLN D 9 -40.51 -16.19 20.68
C GLN D 9 -40.58 -15.35 19.40
N PRO D 10 -39.43 -14.92 18.84
CA PRO D 10 -39.44 -14.13 17.60
C PRO D 10 -39.82 -14.98 16.39
N SER D 11 -41.07 -14.86 15.95
CA SER D 11 -41.50 -15.63 14.78
C SER D 11 -42.25 -14.83 13.72
N GLY D 12 -42.40 -13.52 13.90
CA GLY D 12 -43.07 -12.67 12.92
C GLY D 12 -44.41 -13.11 12.31
N VAL D 13 -45.18 -13.88 13.08
CA VAL D 13 -46.48 -14.37 12.62
C VAL D 13 -47.31 -14.93 13.75
N ILE D 14 -48.23 -14.15 14.30
CA ILE D 14 -49.05 -14.69 15.37
C ILE D 14 -50.49 -14.91 14.85
N THR D 15 -51.08 -16.05 15.20
CA THR D 15 -52.42 -16.36 14.75
C THR D 15 -53.50 -15.64 15.50
N ILE D 16 -54.69 -15.58 14.89
CA ILE D 16 -55.86 -14.97 15.50
C ILE D 16 -56.13 -15.79 16.76
N GLY D 17 -55.41 -16.89 16.90
CA GLY D 17 -55.56 -17.70 18.08
C GLY D 17 -54.81 -17.09 19.25
N ASN D 18 -53.55 -16.68 19.04
CA ASN D 18 -52.74 -16.08 20.12
C ASN D 18 -53.54 -14.87 20.57
N TYR D 19 -53.81 -13.99 19.59
CA TYR D 19 -54.60 -12.80 19.79
C TYR D 19 -55.83 -13.04 20.67
N ILE D 20 -56.78 -13.85 20.23
CA ILE D 20 -57.97 -14.11 21.05
C ILE D 20 -57.54 -14.68 22.41
N GLY D 21 -56.73 -15.74 22.36
CA GLY D 21 -56.24 -16.44 23.52
C GLY D 21 -55.55 -15.64 24.59
N ALA D 22 -54.61 -14.76 24.23
CA ALA D 22 -53.92 -14.00 25.26
C ALA D 22 -53.67 -12.53 24.92
N LEU D 23 -53.12 -12.31 23.74
CA LEU D 23 -52.75 -10.97 23.28
C LEU D 23 -53.77 -9.95 23.66
N ARG D 24 -54.99 -10.15 23.19
CA ARG D 24 -56.05 -9.21 23.47
C ARG D 24 -56.10 -8.78 24.94
N GLN D 25 -56.26 -9.73 25.86
CA GLN D 25 -56.36 -9.39 27.30
C GLN D 25 -55.28 -8.46 27.83
N PHE D 26 -54.11 -8.51 27.22
CA PHE D 26 -53.02 -7.65 27.67
C PHE D 26 -53.25 -6.18 27.38
N VAL D 27 -53.83 -5.87 26.22
CA VAL D 27 -54.08 -4.46 25.84
C VAL D 27 -54.81 -3.75 26.96
N GLU D 28 -55.60 -4.54 27.68
CA GLU D 28 -56.36 -4.05 28.80
C GLU D 28 -55.50 -4.15 30.06
N LEU D 29 -55.16 -5.38 30.45
CA LEU D 29 -54.36 -5.63 31.65
C LEU D 29 -53.11 -4.78 31.77
N GLN D 30 -52.57 -4.32 30.65
CA GLN D 30 -51.38 -3.52 30.68
C GLN D 30 -51.49 -2.22 31.46
N HIS D 31 -52.68 -1.86 31.90
CA HIS D 31 -52.82 -0.62 32.66
C HIS D 31 -52.94 -0.93 34.11
N GLU D 32 -53.15 -2.20 34.43
CA GLU D 32 -53.30 -2.55 35.83
C GLU D 32 -51.99 -3.13 36.32
N TYR D 33 -51.45 -4.12 35.62
CA TYR D 33 -50.20 -4.75 36.04
C TYR D 33 -48.98 -4.15 35.39
N ASN D 34 -47.83 -4.47 35.98
CA ASN D 34 -46.53 -4.05 35.50
C ASN D 34 -46.12 -5.17 34.52
N CYS D 35 -46.05 -4.87 33.21
CA CYS D 35 -45.75 -5.89 32.21
C CYS D 35 -44.47 -5.72 31.43
N TYR D 36 -43.78 -6.83 31.22
CA TYR D 36 -42.57 -6.83 30.45
C TYR D 36 -42.80 -7.83 29.34
N PHE D 37 -42.60 -7.40 28.10
CA PHE D 37 -42.76 -8.28 26.97
C PHE D 37 -41.36 -8.39 26.42
N CYS D 38 -40.73 -9.53 26.64
CA CYS D 38 -39.38 -9.70 26.17
C CYS D 38 -39.30 -10.54 24.91
N ILE D 39 -38.76 -9.96 23.86
CA ILE D 39 -38.58 -10.66 22.60
C ILE D 39 -37.34 -11.51 22.83
N VAL D 40 -37.52 -12.70 23.41
CA VAL D 40 -36.40 -13.58 23.73
C VAL D 40 -35.65 -14.08 22.50
N ASP D 41 -34.85 -13.21 21.91
CA ASP D 41 -34.09 -13.56 20.73
C ASP D 41 -32.88 -14.47 21.09
N GLN D 42 -32.52 -14.54 22.36
CA GLN D 42 -31.42 -15.43 22.76
C GLN D 42 -31.93 -16.88 22.84
N HIS D 43 -33.19 -17.08 23.21
CA HIS D 43 -33.72 -18.44 23.24
C HIS D 43 -33.93 -18.95 21.81
N ALA D 44 -34.29 -18.07 20.89
CA ALA D 44 -34.55 -18.50 19.52
C ALA D 44 -33.31 -18.93 18.79
N ILE D 45 -32.18 -18.73 19.45
CA ILE D 45 -30.91 -19.04 18.86
C ILE D 45 -30.48 -20.48 19.09
N THR D 46 -31.15 -21.20 19.99
CA THR D 46 -30.82 -22.60 20.27
C THR D 46 -31.02 -23.54 19.08
N VAL D 47 -31.82 -23.12 18.11
CA VAL D 47 -32.06 -23.90 16.91
C VAL D 47 -31.54 -23.06 15.76
N TRP D 48 -31.35 -23.68 14.60
CA TRP D 48 -30.87 -22.95 13.46
C TRP D 48 -31.73 -21.74 13.24
N GLN D 49 -31.11 -20.69 12.73
CA GLN D 49 -31.80 -19.47 12.40
C GLN D 49 -31.06 -18.88 11.22
N ASP D 50 -31.76 -18.11 10.42
CA ASP D 50 -31.08 -17.46 9.32
C ASP D 50 -30.91 -16.08 9.92
N PRO D 51 -29.67 -15.61 10.02
CA PRO D 51 -29.43 -14.29 10.60
C PRO D 51 -30.42 -13.23 10.17
N HIS D 52 -30.51 -12.99 8.86
CA HIS D 52 -31.44 -11.97 8.36
C HIS D 52 -32.87 -12.17 8.84
N GLU D 53 -33.36 -13.39 8.69
CA GLU D 53 -34.71 -13.72 9.11
C GLU D 53 -34.95 -13.39 10.56
N LEU D 54 -34.05 -13.82 11.43
CA LEU D 54 -34.21 -13.55 12.84
C LEU D 54 -34.21 -12.07 13.11
N ARG D 55 -33.22 -11.40 12.55
CA ARG D 55 -33.11 -9.97 12.73
C ARG D 55 -34.44 -9.37 12.29
N GLN D 56 -35.01 -9.91 11.23
CA GLN D 56 -36.28 -9.39 10.74
C GLN D 56 -37.51 -9.71 11.58
N ASN D 57 -37.60 -10.95 12.05
CA ASN D 57 -38.73 -11.38 12.86
C ASN D 57 -38.83 -10.66 14.18
N ILE D 58 -37.71 -10.12 14.65
CA ILE D 58 -37.70 -9.42 15.92
C ILE D 58 -38.34 -8.07 15.74
N ARG D 59 -38.16 -7.46 14.57
CA ARG D 59 -38.81 -6.19 14.30
C ARG D 59 -40.28 -6.52 14.12
N ARG D 60 -40.59 -7.35 13.13
CA ARG D 60 -41.98 -7.73 12.85
C ARG D 60 -42.81 -7.96 14.10
N LEU D 61 -42.24 -8.66 15.08
CA LEU D 61 -42.96 -8.95 16.29
C LEU D 61 -43.15 -7.75 17.19
N ALA D 62 -42.13 -6.91 17.30
CA ALA D 62 -42.24 -5.73 18.16
C ALA D 62 -43.29 -4.83 17.52
N ALA D 63 -43.15 -4.64 16.21
CA ALA D 63 -44.08 -3.82 15.44
C ALA D 63 -45.49 -4.30 15.78
N LEU D 64 -45.74 -5.58 15.50
CA LEU D 64 -47.02 -6.20 15.81
C LEU D 64 -47.52 -5.91 17.22
N TYR D 65 -46.72 -6.20 18.24
CA TYR D 65 -47.16 -5.97 19.59
C TYR D 65 -47.65 -4.57 19.88
N LEU D 66 -46.95 -3.61 19.32
CA LEU D 66 -47.34 -2.22 19.50
C LEU D 66 -48.68 -2.00 18.76
N ALA D 67 -48.79 -2.46 17.50
CA ALA D 67 -50.02 -2.34 16.69
C ALA D 67 -51.25 -2.83 17.45
N VAL D 68 -51.17 -4.06 17.97
CA VAL D 68 -52.26 -4.67 18.73
C VAL D 68 -52.65 -3.77 19.88
N GLY D 69 -51.77 -2.86 20.26
CA GLY D 69 -52.13 -1.96 21.34
C GLY D 69 -51.30 -2.03 22.61
N ILE D 70 -50.05 -2.46 22.52
CA ILE D 70 -49.26 -2.47 23.74
C ILE D 70 -48.73 -1.05 23.95
N ASP D 71 -48.95 -0.49 25.13
CA ASP D 71 -48.49 0.88 25.33
C ASP D 71 -47.10 1.00 25.92
N PRO D 72 -46.13 1.33 25.06
CA PRO D 72 -44.74 1.46 25.51
C PRO D 72 -44.54 2.42 26.67
N THR D 73 -45.51 3.29 26.98
CA THR D 73 -45.31 4.18 28.12
C THR D 73 -45.84 3.42 29.30
N GLN D 74 -46.86 2.64 29.03
CA GLN D 74 -47.47 1.91 30.10
C GLN D 74 -46.73 0.66 30.50
N ALA D 75 -46.03 0.05 29.54
CA ALA D 75 -45.34 -1.21 29.76
C ALA D 75 -43.97 -1.25 29.12
N THR D 76 -43.19 -2.26 29.48
CA THR D 76 -41.86 -2.36 28.92
C THR D 76 -41.78 -3.45 27.86
N LEU D 77 -41.26 -3.09 26.69
CA LEU D 77 -41.15 -4.01 25.58
C LEU D 77 -39.73 -3.97 25.02
N PHE D 78 -38.93 -4.97 25.39
CA PHE D 78 -37.52 -5.04 24.95
C PHE D 78 -37.10 -6.32 24.26
N ILE D 79 -35.95 -6.26 23.60
CA ILE D 79 -35.35 -7.42 22.97
C ILE D 79 -34.53 -8.04 24.11
N GLN D 80 -34.51 -9.36 24.19
CA GLN D 80 -33.78 -10.05 25.25
C GLN D 80 -32.26 -9.78 25.30
N SER D 81 -31.58 -9.93 24.16
CA SER D 81 -30.13 -9.74 24.09
C SER D 81 -29.64 -8.34 24.39
N GLU D 82 -30.51 -7.35 24.44
CA GLU D 82 -30.02 -6.01 24.72
C GLU D 82 -29.95 -5.68 26.21
N VAL D 83 -30.16 -6.68 27.05
CA VAL D 83 -30.06 -6.50 28.49
C VAL D 83 -29.12 -7.63 28.88
N PRO D 84 -27.82 -7.35 28.99
CA PRO D 84 -26.85 -8.38 29.34
C PRO D 84 -27.07 -9.11 30.63
N ALA D 85 -27.72 -8.48 31.58
CA ALA D 85 -27.92 -9.15 32.84
C ALA D 85 -28.61 -10.50 32.64
N HIS D 86 -29.24 -10.70 31.48
CA HIS D 86 -29.92 -11.96 31.21
C HIS D 86 -28.97 -13.15 31.14
N ALA D 87 -28.03 -13.08 30.21
CA ALA D 87 -27.00 -14.09 30.03
C ALA D 87 -26.17 -14.30 31.31
N GLN D 88 -26.01 -13.27 32.14
CA GLN D 88 -25.23 -13.39 33.37
C GLN D 88 -25.97 -14.14 34.47
N ALA D 89 -27.26 -13.89 34.58
CA ALA D 89 -28.08 -14.57 35.57
C ALA D 89 -28.27 -15.99 35.08
N ALA D 90 -28.19 -16.17 33.77
CA ALA D 90 -28.35 -17.52 33.21
C ALA D 90 -27.24 -18.40 33.79
N TRP D 91 -25.98 -17.96 33.65
CA TRP D 91 -24.84 -18.72 34.16
C TRP D 91 -24.92 -18.93 35.66
N MET D 92 -25.05 -17.87 36.43
CA MET D 92 -25.15 -18.05 37.87
C MET D 92 -26.18 -19.14 38.21
N LEU D 93 -27.30 -19.15 37.50
CA LEU D 93 -28.34 -20.13 37.79
C LEU D 93 -27.98 -21.54 37.31
N GLN D 94 -27.29 -21.62 36.16
CA GLN D 94 -26.83 -22.89 35.60
C GLN D 94 -26.03 -23.60 36.68
N CYS D 95 -25.43 -22.81 37.56
CA CYS D 95 -24.63 -23.39 38.60
C CYS D 95 -25.39 -24.00 39.76
N ILE D 96 -26.66 -23.69 39.99
CA ILE D 96 -27.36 -24.28 41.13
C ILE D 96 -28.43 -25.30 40.71
N VAL D 97 -28.62 -25.48 39.42
CA VAL D 97 -29.57 -26.45 38.94
C VAL D 97 -28.77 -27.73 38.71
N TYR D 98 -29.22 -28.87 39.23
CA TYR D 98 -28.49 -30.11 39.03
C TYR D 98 -28.85 -30.66 37.65
N ILE D 99 -27.86 -31.25 36.98
CA ILE D 99 -28.01 -31.80 35.62
C ILE D 99 -29.19 -32.71 35.42
N GLY D 100 -29.57 -33.41 36.49
CA GLY D 100 -30.70 -34.29 36.43
C GLY D 100 -31.93 -33.49 36.06
N GLU D 101 -32.18 -32.40 36.78
CA GLU D 101 -33.34 -31.56 36.53
C GLU D 101 -33.49 -31.22 35.05
N LEU D 102 -32.39 -30.86 34.39
CA LEU D 102 -32.48 -30.51 32.98
C LEU D 102 -32.83 -31.67 32.06
N GLU D 103 -32.30 -32.85 32.37
CA GLU D 103 -32.53 -34.04 31.56
C GLU D 103 -33.93 -34.58 31.78
N ARG D 104 -34.38 -34.52 33.03
CA ARG D 104 -35.72 -34.97 33.35
C ARG D 104 -36.71 -33.87 33.01
N MET D 105 -36.30 -32.97 32.13
CA MET D 105 -37.16 -31.88 31.70
C MET D 105 -38.00 -32.42 30.53
N THR D 106 -39.26 -32.72 30.80
CA THR D 106 -40.21 -33.25 29.81
C THR D 106 -40.30 -32.42 28.54
N GLN D 107 -39.24 -32.45 27.73
CA GLN D 107 -39.18 -31.67 26.51
C GLN D 107 -37.87 -31.99 25.82
N PHE D 108 -36.97 -32.56 26.61
CA PHE D 108 -35.65 -32.94 26.14
C PHE D 108 -35.73 -34.20 25.26
N LYS D 109 -36.95 -34.63 24.95
CA LYS D 109 -37.16 -35.77 24.08
C LYS D 109 -36.56 -35.47 22.73
N GLU D 110 -36.18 -34.21 22.55
CA GLU D 110 -35.53 -33.74 21.33
C GLU D 110 -34.15 -34.40 21.22
N LYS D 111 -33.85 -35.35 22.13
CA LYS D 111 -32.58 -36.06 22.08
C LYS D 111 -32.54 -36.97 20.87
N SER D 112 -33.69 -37.13 20.22
CA SER D 112 -33.81 -37.91 18.99
C SER D 112 -33.36 -39.36 19.02
N ALA D 113 -33.79 -40.11 20.03
CA ALA D 113 -33.46 -41.53 20.17
C ALA D 113 -32.00 -41.84 19.87
N GLY D 114 -31.11 -40.94 20.30
CA GLY D 114 -29.69 -41.13 20.05
C GLY D 114 -29.16 -40.26 18.94
N LYS D 115 -29.76 -39.08 18.75
CA LYS D 115 -29.31 -38.14 17.71
C LYS D 115 -27.98 -37.54 18.17
N GLU D 116 -27.92 -37.17 19.45
CA GLU D 116 -26.73 -36.60 20.09
C GLU D 116 -26.11 -35.37 19.40
N ALA D 117 -26.70 -34.94 18.28
CA ALA D 117 -26.23 -33.78 17.54
C ALA D 117 -27.11 -32.56 17.82
N VAL D 118 -27.46 -32.37 19.09
CA VAL D 118 -28.29 -31.24 19.50
C VAL D 118 -27.40 -30.19 20.12
N SER D 119 -27.81 -28.93 19.98
CA SER D 119 -27.07 -27.82 20.55
C SER D 119 -27.25 -27.83 22.06
N ALA D 120 -26.17 -27.81 22.80
CA ALA D 120 -26.23 -27.77 24.25
C ALA D 120 -27.22 -26.69 24.76
N GLY D 121 -27.47 -25.67 23.95
CA GLY D 121 -28.41 -24.63 24.36
C GLY D 121 -29.78 -25.24 24.59
N LEU D 122 -30.07 -26.31 23.85
CA LEU D 122 -31.34 -27.01 23.96
C LEU D 122 -31.53 -27.69 25.29
N LEU D 123 -30.45 -28.11 25.94
CA LEU D 123 -30.57 -28.77 27.23
C LEU D 123 -30.47 -27.75 28.32
N THR D 124 -29.85 -26.63 27.99
CA THR D 124 -29.59 -25.57 28.95
C THR D 124 -30.47 -24.33 28.91
N TYR D 125 -31.44 -24.24 27.99
CA TYR D 125 -32.25 -23.04 27.95
C TYR D 125 -33.13 -22.80 29.21
N PRO D 126 -33.46 -23.85 30.00
CA PRO D 126 -34.26 -23.58 31.19
C PRO D 126 -33.64 -22.54 32.14
N PRO D 127 -32.36 -22.67 32.55
CA PRO D 127 -31.72 -21.70 33.45
C PRO D 127 -31.88 -20.28 32.90
N LEU D 128 -31.79 -20.13 31.58
CA LEU D 128 -31.94 -18.82 30.95
C LEU D 128 -33.38 -18.30 31.12
N MET D 129 -34.34 -19.19 30.92
CA MET D 129 -35.75 -18.85 31.05
C MET D 129 -36.06 -18.56 32.51
N ALA D 130 -35.31 -19.16 33.40
CA ALA D 130 -35.51 -18.90 34.80
C ALA D 130 -34.99 -17.48 35.04
N ALA D 131 -33.83 -17.16 34.45
CA ALA D 131 -33.21 -15.84 34.56
C ALA D 131 -34.20 -14.78 34.15
N ASP D 132 -34.68 -14.95 32.92
CA ASP D 132 -35.63 -14.05 32.30
C ASP D 132 -36.69 -13.63 33.30
N ILE D 133 -37.30 -14.61 33.96
CA ILE D 133 -38.36 -14.33 34.90
C ILE D 133 -37.94 -13.76 36.24
N LEU D 134 -36.99 -14.41 36.91
CA LEU D 134 -36.55 -13.98 38.24
C LEU D 134 -35.93 -12.61 38.30
N LEU D 135 -35.27 -12.22 37.23
CA LEU D 135 -34.63 -10.91 37.15
C LEU D 135 -35.57 -9.72 37.41
N TYR D 136 -36.83 -9.79 37.00
CA TYR D 136 -37.74 -8.68 37.22
C TYR D 136 -38.75 -8.86 38.34
N ASN D 137 -38.48 -9.79 39.25
CA ASN D 137 -39.36 -10.10 40.36
C ASN D 137 -40.78 -10.40 39.95
N THR D 138 -40.96 -10.85 38.71
CA THR D 138 -42.29 -11.13 38.24
C THR D 138 -43.11 -12.06 39.12
N ASP D 139 -44.34 -11.64 39.39
CA ASP D 139 -45.28 -12.41 40.21
C ASP D 139 -46.01 -13.42 39.36
N ILE D 140 -46.40 -13.03 38.15
CA ILE D 140 -47.18 -13.90 37.29
C ILE D 140 -46.57 -14.05 35.92
N VAL D 141 -46.69 -15.25 35.37
CA VAL D 141 -46.19 -15.54 34.04
C VAL D 141 -47.37 -16.22 33.33
N PRO D 142 -47.95 -15.59 32.28
CA PRO D 142 -49.07 -16.20 31.54
C PRO D 142 -48.61 -17.32 30.61
N VAL D 143 -48.59 -18.54 31.14
CA VAL D 143 -48.16 -19.71 30.37
C VAL D 143 -49.29 -20.67 30.09
N GLY D 144 -49.13 -21.43 28.99
CA GLY D 144 -50.12 -22.41 28.60
C GLY D 144 -49.98 -23.69 29.40
N GLU D 145 -50.79 -24.71 29.11
CA GLU D 145 -50.71 -25.96 29.84
C GLU D 145 -49.39 -26.67 29.52
N ASP D 146 -48.94 -26.48 28.29
CA ASP D 146 -47.71 -27.03 27.75
C ASP D 146 -46.43 -26.54 28.42
N GLN D 147 -46.48 -25.34 28.98
CA GLN D 147 -45.31 -24.79 29.63
C GLN D 147 -45.16 -25.09 31.11
N LYS D 148 -46.26 -24.95 31.85
CA LYS D 148 -46.31 -25.15 33.30
C LYS D 148 -45.05 -25.77 33.89
N GLN D 149 -44.69 -26.92 33.37
CA GLN D 149 -43.52 -27.64 33.81
C GLN D 149 -42.24 -26.79 33.93
N HIS D 150 -42.05 -25.82 33.03
CA HIS D 150 -40.86 -24.99 33.12
C HIS D 150 -40.95 -24.02 34.29
N ILE D 151 -42.15 -23.49 34.49
CA ILE D 151 -42.38 -22.56 35.57
C ILE D 151 -42.15 -23.28 36.90
N GLU D 152 -42.25 -24.61 36.86
CA GLU D 152 -42.03 -25.43 38.03
C GLU D 152 -40.57 -25.31 38.45
N LEU D 153 -39.69 -25.47 37.49
CA LEU D 153 -38.26 -25.38 37.73
C LEU D 153 -37.89 -24.03 38.32
N THR D 154 -38.16 -22.95 37.57
CA THR D 154 -37.79 -21.63 38.03
C THR D 154 -38.36 -21.38 39.43
N ARG D 155 -39.46 -22.03 39.75
CA ARG D 155 -39.98 -21.87 41.08
C ARG D 155 -38.98 -22.52 41.99
N ASP D 156 -38.55 -23.70 41.61
CA ASP D 156 -37.58 -24.43 42.39
C ASP D 156 -36.28 -23.67 42.57
N LEU D 157 -35.57 -23.43 41.47
CA LEU D 157 -34.31 -22.71 41.53
C LEU D 157 -34.41 -21.51 42.46
N ALA D 158 -35.38 -20.65 42.18
CA ALA D 158 -35.58 -19.46 42.99
C ALA D 158 -35.53 -19.79 44.46
N GLU D 159 -36.31 -20.79 44.85
CA GLU D 159 -36.40 -21.20 46.24
C GLU D 159 -35.08 -21.74 46.76
N ARG D 160 -34.32 -22.33 45.86
CA ARG D 160 -33.04 -22.91 46.19
C ARG D 160 -32.04 -21.78 46.47
N PHE D 161 -31.98 -20.80 45.58
CA PHE D 161 -31.10 -19.64 45.73
C PHE D 161 -31.48 -18.88 47.02
N ASN D 162 -32.77 -18.61 47.15
CA ASN D 162 -33.32 -17.89 48.29
C ASN D 162 -32.91 -18.52 49.60
N LYS D 163 -32.92 -19.84 49.65
CA LYS D 163 -32.55 -20.51 50.88
C LYS D 163 -31.06 -20.51 51.12
N ARG D 164 -30.28 -20.74 50.06
CA ARG D 164 -28.83 -20.75 50.20
C ARG D 164 -28.25 -19.38 50.44
N TYR D 165 -28.74 -18.37 49.74
CA TYR D 165 -28.18 -17.05 49.89
C TYR D 165 -29.04 -15.99 50.55
N GLY D 166 -30.33 -16.25 50.70
CA GLY D 166 -31.20 -15.26 51.32
C GLY D 166 -32.34 -14.80 50.43
N GLU D 167 -33.45 -14.35 51.02
CA GLU D 167 -34.59 -13.90 50.24
C GLU D 167 -34.09 -12.85 49.26
N LEU D 168 -34.32 -13.10 47.98
CA LEU D 168 -33.92 -12.20 46.92
C LEU D 168 -34.93 -12.26 45.77
N PHE D 169 -35.33 -13.48 45.41
CA PHE D 169 -36.27 -13.75 44.31
C PHE D 169 -37.72 -13.96 44.76
N THR D 170 -38.65 -13.56 43.92
CA THR D 170 -40.04 -13.77 44.21
C THR D 170 -40.35 -15.08 43.56
N ILE D 171 -41.06 -15.98 44.23
CA ILE D 171 -41.40 -17.24 43.60
C ILE D 171 -42.60 -16.93 42.72
N PRO D 172 -42.45 -17.05 41.39
CA PRO D 172 -43.54 -16.76 40.46
C PRO D 172 -44.69 -17.74 40.52
N GLU D 173 -45.71 -17.46 39.70
CA GLU D 173 -46.93 -18.25 39.61
C GLU D 173 -47.39 -18.26 38.17
N ALA D 174 -47.66 -19.45 37.67
CA ALA D 174 -48.08 -19.61 36.28
C ALA D 174 -49.58 -19.43 36.11
N ARG D 175 -49.98 -18.28 35.58
CA ARG D 175 -51.38 -18.02 35.38
C ARG D 175 -51.76 -18.35 33.97
N ILE D 176 -53.01 -18.75 33.77
CA ILE D 176 -53.51 -19.12 32.43
C ILE D 176 -54.44 -18.05 31.85
N PRO D 177 -54.85 -18.20 30.56
CA PRO D 177 -55.78 -17.28 29.87
C PRO D 177 -57.20 -17.41 30.45
N LYS D 178 -58.07 -16.46 30.11
CA LYS D 178 -59.45 -16.51 30.58
C LYS D 178 -60.10 -17.66 29.82
N VAL D 179 -60.51 -18.68 30.59
CA VAL D 179 -61.09 -19.93 30.06
C VAL D 179 -62.45 -20.01 29.35
N GLY D 180 -62.41 -20.76 28.25
CA GLY D 180 -63.57 -20.98 27.42
C GLY D 180 -63.14 -20.78 25.97
N ALA D 181 -62.41 -19.69 25.74
CA ALA D 181 -61.94 -19.30 24.43
C ALA D 181 -60.69 -20.00 23.93
N ARG D 182 -60.78 -21.31 23.72
CA ARG D 182 -59.69 -22.11 23.19
C ARG D 182 -59.96 -22.27 21.69
N ILE D 183 -59.22 -21.53 20.87
CA ILE D 183 -59.45 -21.57 19.43
C ILE D 183 -58.85 -22.76 18.67
N MET D 184 -59.71 -23.67 18.20
CA MET D 184 -59.26 -24.84 17.45
C MET D 184 -58.89 -24.51 16.03
N SER D 185 -58.33 -25.49 15.33
CA SER D 185 -57.93 -25.32 13.95
C SER D 185 -59.15 -25.09 13.05
N LEU D 186 -58.91 -24.47 11.90
CA LEU D 186 -59.99 -24.25 10.96
C LEU D 186 -60.21 -25.54 10.18
N VAL D 187 -59.14 -26.27 9.88
CA VAL D 187 -59.24 -27.52 9.11
C VAL D 187 -59.42 -28.78 9.95
N ASP D 188 -59.22 -28.66 11.27
CA ASP D 188 -59.37 -29.79 12.20
C ASP D 188 -59.78 -29.23 13.56
N PRO D 189 -61.09 -29.21 13.81
CA PRO D 189 -61.78 -28.72 15.01
C PRO D 189 -61.40 -29.33 16.32
N THR D 190 -60.54 -30.35 16.31
CA THR D 190 -60.13 -30.96 17.58
C THR D 190 -58.75 -30.47 17.93
N LYS D 191 -57.97 -30.20 16.88
CA LYS D 191 -56.60 -29.71 16.98
C LYS D 191 -56.56 -28.23 17.36
N LYS D 192 -55.62 -27.82 18.18
CA LYS D 192 -55.51 -26.41 18.56
C LYS D 192 -54.90 -25.66 17.38
N MET D 193 -55.25 -24.38 17.23
CA MET D 193 -54.72 -23.56 16.14
C MET D 193 -53.33 -23.12 16.55
N SER D 194 -52.34 -23.36 15.67
CA SER D 194 -50.94 -22.99 15.95
C SER D 194 -50.17 -22.62 14.70
N LYS D 195 -49.20 -21.71 14.84
CA LYS D 195 -48.37 -21.27 13.73
C LYS D 195 -47.69 -22.50 13.14
N SER D 196 -47.34 -23.43 14.02
CA SER D 196 -46.66 -24.68 13.68
C SER D 196 -47.48 -25.76 12.96
N ASP D 197 -48.68 -25.44 12.52
CA ASP D 197 -49.48 -26.43 11.81
C ASP D 197 -48.91 -26.48 10.40
N PRO D 198 -48.76 -27.68 9.80
CA PRO D 198 -48.23 -27.75 8.43
C PRO D 198 -49.23 -27.29 7.38
N ASN D 199 -50.52 -27.16 7.73
CA ASN D 199 -51.49 -26.70 6.73
C ASN D 199 -51.79 -25.22 6.99
N PRO D 200 -51.46 -24.36 6.02
CA PRO D 200 -51.69 -22.92 6.11
C PRO D 200 -53.13 -22.53 6.38
N LYS D 201 -54.07 -23.36 5.94
CA LYS D 201 -55.49 -23.10 6.08
C LYS D 201 -56.08 -23.42 7.44
N ALA D 202 -55.25 -23.93 8.34
CA ALA D 202 -55.73 -24.23 9.68
C ALA D 202 -55.68 -23.00 10.57
N TYR D 203 -54.95 -21.96 10.13
CA TYR D 203 -54.85 -20.73 10.92
C TYR D 203 -54.89 -19.48 10.06
N ILE D 204 -55.29 -18.39 10.71
CA ILE D 204 -55.35 -17.08 10.09
C ILE D 204 -54.34 -16.24 10.88
N THR D 205 -53.45 -15.58 10.15
CA THR D 205 -52.41 -14.72 10.71
C THR D 205 -52.91 -13.28 10.78
N LEU D 206 -52.55 -12.58 11.84
CA LEU D 206 -52.94 -11.19 11.97
C LEU D 206 -52.63 -10.40 10.70
N LEU D 207 -51.68 -10.87 9.91
CA LEU D 207 -51.35 -10.14 8.70
C LEU D 207 -51.88 -10.80 7.45
N ASP D 208 -52.84 -11.71 7.59
CA ASP D 208 -53.42 -12.34 6.42
C ASP D 208 -54.26 -11.28 5.73
N ASP D 209 -54.08 -11.16 4.41
CA ASP D 209 -54.84 -10.18 3.66
C ASP D 209 -56.27 -10.63 3.53
N ALA D 210 -57.14 -9.67 3.28
CA ALA D 210 -58.58 -9.91 3.12
C ALA D 210 -58.86 -11.20 2.35
N LYS D 211 -58.42 -11.24 1.10
CA LYS D 211 -58.63 -12.41 0.25
C LYS D 211 -58.29 -13.71 0.97
N THR D 212 -57.15 -13.76 1.64
CA THR D 212 -56.75 -14.97 2.33
C THR D 212 -57.69 -15.33 3.44
N ILE D 213 -58.10 -14.31 4.17
CA ILE D 213 -59.00 -14.54 5.26
C ILE D 213 -60.30 -15.10 4.75
N GLU D 214 -60.77 -14.53 3.65
CA GLU D 214 -62.01 -14.95 3.06
C GLU D 214 -61.91 -16.41 2.65
N LYS D 215 -60.89 -16.73 1.86
CA LYS D 215 -60.67 -18.09 1.38
C LYS D 215 -60.55 -19.13 2.51
N LYS D 216 -59.82 -18.81 3.57
CA LYS D 216 -59.65 -19.75 4.66
C LYS D 216 -60.92 -20.03 5.44
N ILE D 217 -61.67 -18.99 5.78
CA ILE D 217 -62.93 -19.15 6.51
C ILE D 217 -63.89 -19.97 5.64
N LYS D 218 -63.90 -19.69 4.35
CA LYS D 218 -64.76 -20.41 3.43
C LYS D 218 -64.50 -21.89 3.52
N SER D 219 -63.22 -22.25 3.59
CA SER D 219 -62.82 -23.64 3.68
C SER D 219 -63.04 -24.23 5.07
N ALA D 220 -63.16 -23.38 6.11
CA ALA D 220 -63.36 -23.86 7.49
C ALA D 220 -64.22 -25.11 7.49
N VAL D 221 -63.89 -26.07 8.33
CA VAL D 221 -64.68 -27.28 8.32
C VAL D 221 -65.95 -27.11 9.14
N THR D 222 -67.05 -27.63 8.59
CA THR D 222 -68.38 -27.62 9.22
C THR D 222 -68.91 -29.06 9.25
N ASP D 223 -70.18 -29.22 9.64
CA ASP D 223 -70.79 -30.54 9.64
C ASP D 223 -71.81 -30.59 8.49
N SER D 224 -72.71 -31.57 8.50
CA SER D 224 -73.73 -31.70 7.46
C SER D 224 -75.12 -31.53 8.03
N GLU D 225 -75.22 -31.34 9.33
CA GLU D 225 -76.49 -31.11 9.96
C GLU D 225 -77.05 -29.76 9.47
N GLY D 226 -76.18 -28.86 9.04
CA GLY D 226 -76.64 -27.57 8.54
C GLY D 226 -77.27 -26.57 9.50
N THR D 227 -77.23 -26.77 10.81
CA THR D 227 -77.81 -25.78 11.71
C THR D 227 -76.72 -25.09 12.55
N ILE D 228 -76.82 -23.78 12.71
CA ILE D 228 -75.83 -23.03 13.48
C ILE D 228 -76.15 -23.18 14.98
N ARG D 229 -75.69 -24.27 15.60
CA ARG D 229 -75.97 -24.50 17.01
C ARG D 229 -74.71 -24.98 17.71
N TYR D 230 -74.42 -24.51 18.93
CA TYR D 230 -73.20 -24.92 19.63
C TYR D 230 -73.19 -26.35 20.18
N ASP D 231 -72.17 -27.13 19.81
CA ASP D 231 -72.05 -28.52 20.23
C ASP D 231 -70.56 -28.87 20.27
N LYS D 232 -69.95 -28.85 21.46
CA LYS D 232 -68.52 -29.18 21.58
C LYS D 232 -68.20 -30.42 20.75
N GLU D 233 -68.75 -31.57 21.12
CA GLU D 233 -68.57 -32.78 20.29
C GLU D 233 -69.77 -32.69 19.33
N ALA D 234 -69.81 -33.55 18.31
CA ALA D 234 -70.88 -33.56 17.30
C ALA D 234 -70.71 -32.42 16.28
N LYS D 235 -70.75 -31.18 16.77
CA LYS D 235 -70.58 -30.03 15.89
C LYS D 235 -69.37 -29.22 16.32
N PRO D 236 -68.16 -29.77 16.10
CA PRO D 236 -66.97 -29.03 16.51
C PRO D 236 -66.77 -27.78 15.69
N GLY D 237 -66.53 -27.98 14.40
CA GLY D 237 -66.32 -26.87 13.48
C GLY D 237 -67.22 -25.68 13.75
N ILE D 238 -68.52 -25.87 13.64
CA ILE D 238 -69.47 -24.78 13.88
C ILE D 238 -69.27 -24.09 15.22
N SER D 239 -68.91 -24.88 16.21
CA SER D 239 -68.69 -24.33 17.54
C SER D 239 -67.41 -23.51 17.60
N ASN D 240 -66.38 -23.92 16.85
CA ASN D 240 -65.12 -23.19 16.84
C ASN D 240 -65.49 -21.83 16.27
N LEU D 241 -65.99 -21.82 15.04
CA LEU D 241 -66.43 -20.61 14.39
C LEU D 241 -67.20 -19.72 15.35
N LEU D 242 -68.28 -20.24 15.91
CA LEU D 242 -69.10 -19.47 16.86
C LEU D 242 -68.26 -18.78 17.93
N ASN D 243 -67.20 -19.44 18.38
CA ASN D 243 -66.33 -18.85 19.39
C ASN D 243 -65.58 -17.68 18.78
N ILE D 244 -64.95 -17.91 17.65
CA ILE D 244 -64.22 -16.86 16.96
C ILE D 244 -65.12 -15.67 16.75
N TYR D 245 -66.22 -15.91 16.05
CA TYR D 245 -67.23 -14.91 15.75
C TYR D 245 -67.59 -14.15 17.02
N SER D 246 -68.01 -14.85 18.06
CA SER D 246 -68.40 -14.21 19.31
C SER D 246 -67.32 -13.30 19.86
N THR D 247 -66.25 -13.90 20.36
CA THR D 247 -65.14 -13.16 20.95
C THR D 247 -64.74 -11.90 20.21
N LEU D 248 -64.79 -11.97 18.89
CA LEU D 248 -64.46 -10.83 18.07
C LEU D 248 -65.60 -9.80 17.93
N SER D 249 -66.82 -10.25 17.65
CA SER D 249 -67.95 -9.34 17.46
C SER D 249 -68.51 -8.77 18.76
N GLY D 250 -68.34 -9.52 19.82
CA GLY D 250 -68.83 -9.09 21.11
C GLY D 250 -70.24 -9.59 21.37
N GLN D 251 -70.74 -10.51 20.55
CA GLN D 251 -72.10 -11.03 20.74
C GLN D 251 -72.00 -12.36 21.48
N SER D 252 -73.05 -12.73 22.22
CA SER D 252 -73.05 -14.00 22.94
C SER D 252 -73.33 -15.11 21.94
N ILE D 253 -72.97 -16.35 22.28
CA ILE D 253 -73.20 -17.47 21.37
C ILE D 253 -74.69 -17.59 21.10
N GLU D 254 -75.48 -17.58 22.18
CA GLU D 254 -76.94 -17.67 22.08
C GLU D 254 -77.38 -16.62 21.08
N GLU D 255 -76.94 -15.38 21.29
CA GLU D 255 -77.28 -14.28 20.40
C GLU D 255 -77.00 -14.72 18.95
N LEU D 256 -75.76 -15.10 18.67
CA LEU D 256 -75.39 -15.55 17.33
C LEU D 256 -76.24 -16.70 16.80
N GLU D 257 -76.62 -17.63 17.69
CA GLU D 257 -77.41 -18.79 17.29
C GLU D 257 -78.79 -18.37 16.81
N ARG D 258 -79.47 -17.60 17.64
CA ARG D 258 -80.80 -17.12 17.34
C ARG D 258 -80.77 -16.25 16.09
N GLN D 259 -79.77 -15.37 16.01
CA GLN D 259 -79.62 -14.48 14.88
C GLN D 259 -79.49 -15.22 13.54
N TYR D 260 -78.98 -16.44 13.61
CA TYR D 260 -78.82 -17.25 12.42
C TYR D 260 -79.83 -18.39 12.41
N GLU D 261 -80.83 -18.26 13.28
CA GLU D 261 -81.92 -19.21 13.46
C GLU D 261 -82.38 -19.99 12.24
N GLY D 262 -82.66 -19.30 11.16
CA GLY D 262 -83.13 -20.03 9.99
C GLY D 262 -82.17 -20.08 8.83
N LYS D 263 -80.94 -19.64 9.04
CA LYS D 263 -79.95 -19.62 7.97
C LYS D 263 -79.01 -20.81 8.00
N GLY D 264 -78.23 -20.94 6.93
CA GLY D 264 -77.27 -22.02 6.83
C GLY D 264 -75.82 -21.56 6.96
N TYR D 265 -74.89 -22.46 6.73
CA TYR D 265 -73.49 -22.10 6.85
C TYR D 265 -72.96 -21.14 5.78
N GLY D 266 -73.46 -21.23 4.56
CA GLY D 266 -72.98 -20.34 3.51
C GLY D 266 -72.90 -18.86 3.91
N VAL D 267 -74.03 -18.32 4.36
CA VAL D 267 -74.12 -16.92 4.78
C VAL D 267 -73.37 -16.67 6.06
N PHE D 268 -73.43 -17.63 6.99
CA PHE D 268 -72.74 -17.52 8.26
C PHE D 268 -71.25 -17.26 7.99
N LYS D 269 -70.65 -18.14 7.20
CA LYS D 269 -69.24 -18.03 6.86
C LYS D 269 -68.92 -16.65 6.32
N ALA D 270 -69.71 -16.22 5.34
CA ALA D 270 -69.54 -14.91 4.71
C ALA D 270 -69.64 -13.77 5.72
N ASP D 271 -70.48 -13.91 6.74
CA ASP D 271 -70.60 -12.85 7.73
C ASP D 271 -69.37 -12.86 8.64
N LEU D 272 -68.95 -14.07 9.00
CA LEU D 272 -67.80 -14.25 9.87
C LEU D 272 -66.57 -13.72 9.17
N ALA D 273 -66.41 -14.10 7.91
CA ALA D 273 -65.25 -13.63 7.17
C ALA D 273 -65.07 -12.12 7.35
N GLN D 274 -66.17 -11.37 7.24
CA GLN D 274 -66.13 -9.92 7.37
C GLN D 274 -65.79 -9.42 8.75
N VAL D 275 -66.44 -9.92 9.79
CA VAL D 275 -66.11 -9.47 11.13
C VAL D 275 -64.63 -9.70 11.45
N VAL D 276 -64.02 -10.71 10.82
CA VAL D 276 -62.60 -10.97 11.04
C VAL D 276 -61.84 -9.86 10.34
N ILE D 277 -62.13 -9.67 9.06
CA ILE D 277 -61.46 -8.63 8.27
C ILE D 277 -61.60 -7.26 8.90
N GLU D 278 -62.77 -6.99 9.43
CA GLU D 278 -63.02 -5.73 10.07
C GLU D 278 -62.22 -5.57 11.36
N THR D 279 -61.88 -6.68 12.00
CA THR D 279 -61.10 -6.66 13.24
C THR D 279 -59.58 -6.56 13.02
N LEU D 280 -59.09 -7.01 11.87
CA LEU D 280 -57.66 -6.96 11.64
C LEU D 280 -57.20 -5.71 10.93
N ARG D 281 -58.06 -5.18 10.05
CA ARG D 281 -57.72 -4.00 9.28
C ARG D 281 -56.92 -2.92 10.04
N PRO D 282 -57.47 -2.32 11.12
CA PRO D 282 -56.68 -1.30 11.82
C PRO D 282 -55.33 -1.85 12.28
N ILE D 283 -55.28 -3.14 12.63
CA ILE D 283 -54.03 -3.73 13.06
C ILE D 283 -53.02 -3.78 11.92
N GLN D 284 -53.41 -4.26 10.74
CA GLN D 284 -52.47 -4.32 9.62
C GLN D 284 -52.01 -2.93 9.21
N GLU D 285 -52.84 -1.94 9.48
CA GLU D 285 -52.48 -0.56 9.15
C GLU D 285 -51.41 -0.13 10.12
N ARG D 286 -51.81 0.00 11.39
CA ARG D 286 -50.90 0.41 12.44
C ARG D 286 -49.59 -0.34 12.37
N TYR D 287 -49.68 -1.64 12.13
CA TYR D 287 -48.49 -2.45 12.01
C TYR D 287 -47.59 -1.85 10.94
N HIS D 288 -48.10 -1.68 9.72
CA HIS D 288 -47.27 -1.14 8.65
C HIS D 288 -46.63 0.19 8.99
N HIS D 289 -47.35 1.01 9.73
CA HIS D 289 -46.84 2.31 10.15
C HIS D 289 -45.65 2.03 11.06
N TRP D 290 -45.90 1.24 12.10
CA TRP D 290 -44.87 0.90 13.06
C TRP D 290 -43.62 0.31 12.46
N MET D 291 -43.80 -0.51 11.45
CA MET D 291 -42.69 -1.13 10.78
C MET D 291 -41.76 -0.18 10.07
N GLU D 292 -42.31 0.80 9.36
CA GLU D 292 -41.46 1.73 8.62
C GLU D 292 -41.08 2.95 9.45
N SER D 293 -41.77 3.19 10.56
CA SER D 293 -41.45 4.31 11.39
C SER D 293 -40.14 4.10 12.15
N GLU D 294 -39.35 5.15 12.29
CA GLU D 294 -38.10 5.08 13.03
C GLU D 294 -38.42 5.03 14.53
N GLU D 295 -39.65 5.37 14.88
CA GLU D 295 -40.10 5.38 16.27
C GLU D 295 -40.02 4.02 16.95
N LEU D 296 -40.04 2.96 16.15
CA LEU D 296 -39.98 1.61 16.67
C LEU D 296 -38.73 1.44 17.51
N ASP D 297 -37.58 1.64 16.86
CA ASP D 297 -36.27 1.54 17.46
C ASP D 297 -36.21 2.30 18.76
N ARG D 298 -36.69 3.54 18.72
CA ARG D 298 -36.70 4.35 19.92
C ARG D 298 -37.45 3.68 21.07
N VAL D 299 -38.59 3.07 20.75
CA VAL D 299 -39.42 2.38 21.74
C VAL D 299 -38.70 1.16 22.27
N LEU D 300 -37.98 0.48 21.38
CA LEU D 300 -37.21 -0.68 21.77
C LEU D 300 -36.04 -0.25 22.65
N ASP D 301 -35.43 0.89 22.32
CA ASP D 301 -34.32 1.42 23.11
C ASP D 301 -34.76 1.77 24.52
N GLU D 302 -35.79 2.60 24.65
CA GLU D 302 -36.29 2.97 25.97
C GLU D 302 -36.83 1.76 26.75
N GLY D 303 -37.10 0.70 26.01
CA GLY D 303 -37.61 -0.54 26.60
C GLY D 303 -36.47 -1.25 27.29
N ALA D 304 -35.43 -1.56 26.52
CA ALA D 304 -34.22 -2.18 27.04
C ALA D 304 -33.82 -1.34 28.21
N GLU D 305 -33.65 -0.05 27.96
CA GLU D 305 -33.27 0.92 28.97
C GLU D 305 -34.05 0.74 30.28
N LYS D 306 -35.36 0.57 30.17
CA LYS D 306 -36.20 0.38 31.35
C LYS D 306 -35.96 -1.00 31.97
N ALA D 307 -35.76 -2.01 31.13
CA ALA D 307 -35.52 -3.38 31.59
C ALA D 307 -34.19 -3.43 32.35
N ASN D 308 -33.13 -3.16 31.60
CA ASN D 308 -31.78 -3.15 32.09
C ASN D 308 -31.67 -2.54 33.47
N ARG D 309 -32.33 -1.41 33.66
CA ARG D 309 -32.33 -0.75 34.94
C ARG D 309 -32.60 -1.79 36.02
N VAL D 310 -33.72 -2.50 35.92
CA VAL D 310 -34.10 -3.50 36.92
C VAL D 310 -33.16 -4.69 36.99
N ALA D 311 -32.87 -5.28 35.82
CA ALA D 311 -31.98 -6.42 35.73
C ALA D 311 -30.66 -6.11 36.46
N SER D 312 -29.95 -5.11 35.98
CA SER D 312 -28.66 -4.71 36.56
C SER D 312 -28.67 -4.81 38.08
N GLU D 313 -29.66 -4.19 38.69
CA GLU D 313 -29.76 -4.23 40.12
C GLU D 313 -29.89 -5.65 40.64
N MET D 314 -30.68 -6.47 39.95
CA MET D 314 -30.90 -7.85 40.41
C MET D 314 -29.62 -8.67 40.30
N VAL D 315 -28.93 -8.54 39.17
CA VAL D 315 -27.67 -9.22 38.96
C VAL D 315 -26.71 -8.78 40.08
N ARG D 316 -26.57 -7.47 40.24
CA ARG D 316 -25.67 -6.92 41.25
C ARG D 316 -25.85 -7.59 42.60
N LYS D 317 -27.10 -7.77 43.01
CA LYS D 317 -27.42 -8.41 44.28
C LYS D 317 -27.08 -9.89 44.28
N MET D 318 -27.17 -10.53 43.12
CA MET D 318 -26.87 -11.95 43.02
C MET D 318 -25.37 -12.16 43.20
N GLU D 319 -24.58 -11.45 42.40
CA GLU D 319 -23.13 -11.53 42.52
C GLU D 319 -22.73 -11.31 43.98
N GLN D 320 -23.33 -10.32 44.64
CA GLN D 320 -23.07 -10.04 46.05
C GLN D 320 -23.23 -11.33 46.83
N ALA D 321 -24.40 -11.95 46.65
CA ALA D 321 -24.72 -13.18 47.36
C ALA D 321 -23.78 -14.34 47.01
N MET D 322 -23.68 -14.65 45.71
CA MET D 322 -22.84 -15.74 45.23
C MET D 322 -21.43 -15.51 45.78
N GLY D 323 -20.98 -14.27 45.68
CA GLY D 323 -19.66 -13.87 46.13
C GLY D 323 -18.73 -13.63 44.94
N LEU D 324 -19.23 -13.17 43.80
CA LEU D 324 -18.36 -12.93 42.66
C LEU D 324 -17.72 -11.57 42.75
N GLY D 325 -16.94 -11.22 41.72
CA GLY D 325 -16.27 -9.93 41.63
C GLY D 325 -15.73 -9.25 42.87
N ARG D 326 -16.02 -7.95 43.02
CA ARG D 326 -15.56 -7.20 44.17
C ARG D 326 -16.65 -6.51 44.98
N MET E 1 1.83 30.64 -9.58
CA MET E 1 1.55 30.44 -8.14
C MET E 1 2.70 31.03 -7.35
N LYS E 2 2.55 31.12 -6.02
CA LYS E 2 3.58 31.64 -5.13
C LYS E 2 4.61 30.52 -4.94
N THR E 3 5.86 30.87 -4.64
CA THR E 3 6.90 29.86 -4.46
C THR E 3 7.22 29.63 -2.99
N ILE E 4 7.57 28.40 -2.65
CA ILE E 4 7.95 28.07 -1.29
C ILE E 4 9.25 27.30 -1.34
N PHE E 5 10.08 27.49 -0.33
CA PHE E 5 11.36 26.82 -0.28
C PHE E 5 11.49 26.20 1.07
N SER E 6 11.98 24.97 1.10
CA SER E 6 12.12 24.31 2.37
C SER E 6 13.44 23.59 2.37
N GLY E 7 14.27 23.94 3.33
CA GLY E 7 15.55 23.29 3.44
C GLY E 7 15.38 22.12 4.39
N ILE E 8 15.79 20.93 3.95
CA ILE E 8 15.67 19.75 4.79
C ILE E 8 17.06 19.30 5.16
N GLN E 9 17.33 19.26 6.45
CA GLN E 9 18.62 18.84 6.95
C GLN E 9 18.70 17.32 6.88
N PRO E 10 19.66 16.77 6.14
CA PRO E 10 19.78 15.32 6.04
C PRO E 10 20.17 14.66 7.36
N SER E 11 19.23 13.95 7.98
CA SER E 11 19.49 13.23 9.24
C SER E 11 18.59 11.99 9.29
N GLY E 12 18.02 11.65 8.15
CA GLY E 12 17.17 10.48 7.98
C GLY E 12 16.38 9.86 9.14
N VAL E 13 15.71 10.65 9.96
CA VAL E 13 14.93 10.10 11.06
C VAL E 13 13.92 11.14 11.51
N ILE E 14 12.97 11.49 10.65
CA ILE E 14 12.00 12.53 11.02
C ILE E 14 10.91 11.99 11.94
N THR E 15 10.58 12.79 12.96
CA THR E 15 9.59 12.39 13.94
C THR E 15 8.13 12.64 13.57
N ILE E 16 7.24 12.10 14.39
CA ILE E 16 5.81 12.24 14.25
C ILE E 16 5.45 13.73 14.35
N GLY E 17 6.13 14.46 15.23
CA GLY E 17 5.87 15.88 15.42
C GLY E 17 6.25 16.70 14.19
N ASN E 18 7.34 16.32 13.52
CA ASN E 18 7.74 17.06 12.32
C ASN E 18 6.70 16.80 11.26
N TYR E 19 6.12 15.61 11.31
CA TYR E 19 5.08 15.20 10.36
C TYR E 19 3.81 16.00 10.57
N ILE E 20 3.36 15.97 11.83
CA ILE E 20 2.16 16.66 12.25
C ILE E 20 2.27 18.16 12.13
N GLY E 21 3.48 18.70 12.31
CA GLY E 21 3.63 20.14 12.27
C GLY E 21 4.14 20.76 10.99
N ALA E 22 4.36 19.97 9.95
CA ALA E 22 4.88 20.53 8.71
C ALA E 22 4.75 19.64 7.50
N LEU E 23 5.27 18.43 7.59
CA LEU E 23 5.22 17.52 6.46
C LEU E 23 3.81 17.26 5.91
N ARG E 24 2.86 16.98 6.80
CA ARG E 24 1.50 16.67 6.37
C ARG E 24 0.86 17.80 5.59
N GLN E 25 0.96 19.00 6.13
CA GLN E 25 0.38 20.16 5.47
C GLN E 25 0.93 20.41 4.06
N PHE E 26 2.11 19.91 3.75
CA PHE E 26 2.65 20.13 2.42
C PHE E 26 2.11 19.19 1.36
N VAL E 27 1.74 17.99 1.77
CA VAL E 27 1.25 17.00 0.82
C VAL E 27 0.28 17.60 -0.20
N GLU E 28 -0.66 18.42 0.26
CA GLU E 28 -1.64 19.05 -0.65
C GLU E 28 -1.32 20.52 -0.97
N LEU E 29 -0.60 21.16 -0.06
CA LEU E 29 -0.19 22.54 -0.25
C LEU E 29 0.56 22.56 -1.56
N GLN E 30 1.33 21.50 -1.82
CA GLN E 30 2.11 21.42 -3.04
C GLN E 30 1.26 21.58 -4.29
N HIS E 31 -0.06 21.57 -4.16
CA HIS E 31 -0.94 21.68 -5.31
C HIS E 31 -1.30 23.11 -5.64
N GLU E 32 -1.53 23.90 -4.60
CA GLU E 32 -1.86 25.29 -4.83
C GLU E 32 -0.62 26.17 -4.97
N TYR E 33 0.46 25.80 -4.28
CA TYR E 33 1.72 26.54 -4.31
C TYR E 33 2.79 25.89 -5.17
N ASN E 34 3.88 26.62 -5.39
CA ASN E 34 5.00 26.14 -6.17
C ASN E 34 6.08 25.75 -5.17
N CYS E 35 6.16 24.47 -4.81
CA CYS E 35 7.12 24.01 -3.80
C CYS E 35 8.45 23.45 -4.24
N TYR E 36 9.48 23.77 -3.45
CA TYR E 36 10.86 23.31 -3.67
C TYR E 36 11.32 22.66 -2.37
N PHE E 37 11.60 21.36 -2.38
CA PHE E 37 12.08 20.71 -1.17
C PHE E 37 13.53 20.40 -1.42
N CYS E 38 14.39 21.01 -0.60
CA CYS E 38 15.83 20.88 -0.79
C CYS E 38 16.56 20.17 0.31
N ILE E 39 17.27 19.12 -0.05
CA ILE E 39 18.06 18.43 0.95
C ILE E 39 19.39 19.18 0.93
N VAL E 40 19.64 19.88 2.03
CA VAL E 40 20.83 20.73 2.21
C VAL E 40 22.04 20.00 2.77
N ASP E 41 22.74 19.32 1.88
CA ASP E 41 23.88 18.58 2.34
C ASP E 41 25.10 19.48 2.53
N GLN E 42 25.13 20.58 1.78
CA GLN E 42 26.24 21.55 1.92
C GLN E 42 26.14 22.26 3.28
N HIS E 43 25.01 22.14 3.96
CA HIS E 43 24.88 22.75 5.27
C HIS E 43 25.30 21.74 6.32
N ALA E 44 25.01 20.48 6.05
CA ALA E 44 25.30 19.37 6.94
C ALA E 44 26.78 19.25 7.22
N ILE E 45 27.56 19.56 6.19
CA ILE E 45 29.01 19.48 6.21
C ILE E 45 29.68 20.55 7.09
N THR E 46 28.91 21.35 7.82
CA THR E 46 29.57 22.37 8.64
C THR E 46 29.88 21.84 10.03
N VAL E 47 29.62 20.55 10.21
CA VAL E 47 29.87 19.88 11.48
C VAL E 47 30.48 18.51 11.15
N TRP E 48 31.08 17.86 12.13
CA TRP E 48 31.66 16.57 11.83
C TRP E 48 30.54 15.67 11.33
N GLN E 49 30.78 15.05 10.18
CA GLN E 49 29.84 14.13 9.57
C GLN E 49 30.64 12.94 9.04
N ASP E 50 30.14 11.72 9.25
CA ASP E 50 30.77 10.51 8.74
C ASP E 50 30.23 10.35 7.32
N PRO E 51 31.10 10.32 6.30
CA PRO E 51 30.68 10.17 4.91
C PRO E 51 29.63 9.14 4.57
N HIS E 52 29.72 7.97 5.17
CA HIS E 52 28.75 6.93 4.86
C HIS E 52 27.40 7.32 5.40
N GLU E 53 27.38 7.81 6.64
CA GLU E 53 26.15 8.25 7.26
C GLU E 53 25.48 9.37 6.46
N LEU E 54 26.24 10.40 6.13
CA LEU E 54 25.69 11.52 5.39
C LEU E 54 25.08 11.09 4.09
N ARG E 55 25.86 10.42 3.27
CA ARG E 55 25.40 9.94 1.97
C ARG E 55 24.16 9.02 2.12
N GLN E 56 24.10 8.26 3.20
CA GLN E 56 22.98 7.36 3.42
C GLN E 56 21.72 8.04 3.89
N ASN E 57 21.89 9.09 4.69
CA ASN E 57 20.75 9.85 5.21
C ASN E 57 20.11 10.68 4.11
N ILE E 58 20.92 11.10 3.14
CA ILE E 58 20.43 11.89 2.03
C ILE E 58 19.37 11.04 1.35
N ARG E 59 19.71 9.79 1.02
CA ARG E 59 18.77 8.87 0.41
C ARG E 59 17.60 8.62 1.33
N ARG E 60 17.86 8.25 2.58
CA ARG E 60 16.76 8.01 3.47
C ARG E 60 15.73 9.14 3.39
N LEU E 61 16.21 10.37 3.55
CA LEU E 61 15.37 11.57 3.53
C LEU E 61 14.52 11.79 2.26
N ALA E 62 15.10 11.57 1.09
CA ALA E 62 14.35 11.73 -0.16
C ALA E 62 13.25 10.66 -0.15
N ALA E 63 13.65 9.41 0.09
CA ALA E 63 12.72 8.27 0.14
C ALA E 63 11.57 8.57 1.09
N LEU E 64 11.88 9.21 2.21
CA LEU E 64 10.86 9.56 3.19
C LEU E 64 9.88 10.65 2.74
N TYR E 65 10.34 11.62 1.95
CA TYR E 65 9.47 12.70 1.52
C TYR E 65 8.51 12.19 0.46
N LEU E 66 9.03 11.35 -0.42
CA LEU E 66 8.20 10.77 -1.45
C LEU E 66 7.14 9.90 -0.78
N ALA E 67 7.57 9.12 0.21
CA ALA E 67 6.67 8.25 0.95
C ALA E 67 5.48 9.04 1.50
N VAL E 68 5.78 10.02 2.34
CA VAL E 68 4.78 10.87 2.99
C VAL E 68 3.75 11.44 2.03
N GLY E 69 4.15 11.71 0.78
CA GLY E 69 3.22 12.24 -0.18
C GLY E 69 3.72 13.29 -1.16
N ILE E 70 4.96 13.74 -1.05
CA ILE E 70 5.41 14.77 -1.98
C ILE E 70 5.30 14.24 -3.42
N ASP E 71 4.61 15.01 -4.25
CA ASP E 71 4.42 14.62 -5.64
C ASP E 71 5.59 15.20 -6.41
N PRO E 72 6.47 14.31 -6.89
CA PRO E 72 7.65 14.72 -7.65
C PRO E 72 7.34 15.50 -8.93
N THR E 73 6.13 15.40 -9.45
CA THR E 73 5.81 16.15 -10.66
C THR E 73 5.25 17.48 -10.24
N GLN E 74 4.68 17.51 -9.06
CA GLN E 74 4.09 18.73 -8.54
C GLN E 74 5.12 19.66 -7.90
N ALA E 75 5.93 19.10 -7.01
CA ALA E 75 6.96 19.83 -6.31
C ALA E 75 8.31 19.54 -6.94
N THR E 76 9.33 20.21 -6.45
CA THR E 76 10.67 19.96 -6.95
C THR E 76 11.45 19.53 -5.73
N LEU E 77 11.96 18.31 -5.76
CA LEU E 77 12.70 17.74 -4.65
C LEU E 77 14.10 17.50 -5.16
N PHE E 78 15.12 17.99 -4.43
CA PHE E 78 16.50 17.80 -4.87
C PHE E 78 17.54 17.92 -3.77
N ILE E 79 18.77 17.57 -4.14
CA ILE E 79 19.89 17.65 -3.23
C ILE E 79 20.66 18.93 -3.51
N GLN E 80 20.74 19.82 -2.51
CA GLN E 80 21.45 21.10 -2.62
C GLN E 80 22.71 21.02 -3.45
N SER E 81 23.64 20.19 -3.00
CA SER E 81 24.90 20.06 -3.67
C SER E 81 24.91 19.67 -5.14
N GLU E 82 23.77 19.33 -5.71
CA GLU E 82 23.70 18.95 -7.11
C GLU E 82 23.36 20.17 -7.99
N VAL E 83 23.07 21.28 -7.32
CA VAL E 83 22.80 22.55 -8.02
C VAL E 83 23.95 23.47 -7.61
N PRO E 84 24.98 23.57 -8.45
CA PRO E 84 26.16 24.41 -8.17
C PRO E 84 25.77 25.80 -7.79
N ALA E 85 24.95 26.42 -8.62
CA ALA E 85 24.49 27.77 -8.37
C ALA E 85 24.38 28.15 -6.85
N HIS E 86 23.98 27.23 -5.98
CA HIS E 86 23.91 27.60 -4.58
C HIS E 86 25.25 28.10 -4.01
N ALA E 87 26.30 27.33 -4.27
CA ALA E 87 27.64 27.68 -3.81
C ALA E 87 28.13 28.92 -4.52
N GLN E 88 27.86 29.02 -5.82
CA GLN E 88 28.27 30.22 -6.54
C GLN E 88 27.60 31.47 -5.94
N ALA E 89 26.30 31.45 -5.74
CA ALA E 89 25.60 32.60 -5.18
C ALA E 89 26.07 32.90 -3.78
N ALA E 90 26.40 31.84 -3.04
CA ALA E 90 26.83 32.03 -1.67
C ALA E 90 28.10 32.86 -1.57
N TRP E 91 28.97 32.77 -2.57
CA TRP E 91 30.19 33.57 -2.50
C TRP E 91 29.81 35.05 -2.65
N MET E 92 29.13 35.38 -3.75
CA MET E 92 28.70 36.74 -4.00
C MET E 92 27.98 37.35 -2.80
N LEU E 93 27.10 36.59 -2.16
CA LEU E 93 26.42 37.11 -1.00
C LEU E 93 27.34 37.22 0.20
N GLN E 94 28.48 36.54 0.20
CA GLN E 94 29.37 36.68 1.37
C GLN E 94 30.02 38.04 1.23
N CYS E 95 30.23 38.44 -0.02
CA CYS E 95 30.84 39.71 -0.34
C CYS E 95 29.96 40.92 -0.16
N ILE E 96 28.72 40.75 0.31
CA ILE E 96 27.87 41.90 0.53
C ILE E 96 27.30 41.83 1.95
N VAL E 97 27.74 40.84 2.73
CA VAL E 97 27.29 40.73 4.11
C VAL E 97 28.43 41.20 5.01
N TYR E 98 28.12 42.01 6.02
CA TYR E 98 29.17 42.49 6.89
C TYR E 98 29.49 41.46 7.98
N ILE E 99 30.78 41.32 8.29
CA ILE E 99 31.26 40.37 9.29
C ILE E 99 30.51 40.50 10.60
N GLY E 100 30.20 41.72 10.97
CA GLY E 100 29.47 41.96 12.19
C GLY E 100 28.11 41.33 12.14
N GLU E 101 27.46 41.39 10.97
CA GLU E 101 26.13 40.80 10.81
C GLU E 101 26.14 39.33 11.19
N LEU E 102 27.18 38.64 10.70
CA LEU E 102 27.37 37.21 10.94
C LEU E 102 27.70 36.90 12.39
N GLU E 103 28.52 37.74 13.00
CA GLU E 103 28.89 37.52 14.40
C GLU E 103 27.74 37.86 15.35
N ARG E 104 26.99 38.93 15.08
CA ARG E 104 25.89 39.28 15.96
C ARG E 104 24.82 38.20 15.88
N MET E 105 24.94 37.32 14.90
CA MET E 105 23.98 36.26 14.67
C MET E 105 23.70 35.36 15.87
N THR E 106 22.65 35.73 16.63
CA THR E 106 22.17 35.02 17.81
C THR E 106 22.04 33.52 17.46
N GLN E 107 23.11 32.78 17.77
CA GLN E 107 23.22 31.34 17.53
C GLN E 107 24.70 31.04 17.50
N PHE E 108 25.47 32.05 17.13
CA PHE E 108 26.91 31.92 17.03
C PHE E 108 27.56 31.93 18.42
N LYS E 109 26.74 31.85 19.46
CA LYS E 109 27.26 31.79 20.82
C LYS E 109 28.10 30.53 20.89
N GLU E 110 27.88 29.64 19.93
CA GLU E 110 28.59 28.37 19.80
C GLU E 110 30.11 28.57 19.73
N LYS E 111 30.58 29.81 19.87
CA LYS E 111 32.00 30.10 19.90
C LYS E 111 32.55 29.43 21.14
N SER E 112 31.61 29.01 22.00
CA SER E 112 31.90 28.26 23.21
C SER E 112 32.79 28.92 24.22
N ALA E 113 32.50 30.20 24.48
CA ALA E 113 33.25 30.99 25.43
C ALA E 113 34.74 30.99 25.12
N GLY E 114 35.09 30.97 23.84
CA GLY E 114 36.49 30.99 23.44
C GLY E 114 37.07 29.67 22.97
N LYS E 115 36.20 28.75 22.54
CA LYS E 115 36.62 27.43 22.06
C LYS E 115 37.49 27.50 20.79
N GLU E 116 37.15 28.42 19.90
CA GLU E 116 37.89 28.64 18.65
C GLU E 116 37.93 27.48 17.65
N ALA E 117 37.72 26.26 18.13
CA ALA E 117 37.75 25.07 17.27
C ALA E 117 36.50 24.95 16.40
N VAL E 118 35.88 26.08 16.10
CA VAL E 118 34.67 26.05 15.28
C VAL E 118 35.03 26.20 13.80
N SER E 119 34.37 25.42 12.96
CA SER E 119 34.61 25.50 11.51
C SER E 119 34.18 26.87 11.04
N ALA E 120 34.91 27.45 10.10
CA ALA E 120 34.53 28.76 9.58
C ALA E 120 33.12 28.60 9.07
N GLY E 121 32.84 27.42 8.53
CA GLY E 121 31.52 27.11 8.00
C GLY E 121 30.38 27.35 8.97
N LEU E 122 30.69 27.37 10.26
CA LEU E 122 29.70 27.58 11.30
C LEU E 122 29.34 29.06 11.40
N LEU E 123 30.19 29.89 10.82
CA LEU E 123 30.01 31.33 10.84
C LEU E 123 29.57 31.81 9.44
N THR E 124 29.97 31.09 8.41
CA THR E 124 29.63 31.48 7.05
C THR E 124 28.41 30.82 6.41
N TYR E 125 27.70 29.95 7.13
CA TYR E 125 26.54 29.30 6.52
C TYR E 125 25.36 30.23 6.18
N PRO E 126 25.07 31.24 7.03
CA PRO E 126 23.97 32.16 6.72
C PRO E 126 23.95 32.53 5.25
N PRO E 127 24.98 33.20 4.71
CA PRO E 127 24.96 33.54 3.27
C PRO E 127 24.60 32.37 2.36
N LEU E 128 24.69 31.13 2.85
CA LEU E 128 24.35 29.99 1.98
C LEU E 128 22.87 29.79 2.10
N MET E 129 22.36 29.87 3.32
CA MET E 129 20.93 29.74 3.55
C MET E 129 20.25 30.80 2.69
N ALA E 130 20.69 32.05 2.83
CA ALA E 130 20.18 33.15 2.04
C ALA E 130 20.09 32.78 0.56
N ALA E 131 21.23 32.47 -0.06
CA ALA E 131 21.25 32.08 -1.47
C ALA E 131 20.31 30.89 -1.77
N ASP E 132 20.08 30.01 -0.79
CA ASP E 132 19.20 28.84 -1.01
C ASP E 132 17.84 29.41 -1.36
N ILE E 133 17.36 30.29 -0.49
CA ILE E 133 16.08 30.96 -0.65
C ILE E 133 16.05 31.88 -1.88
N LEU E 134 16.75 33.00 -1.79
CA LEU E 134 16.73 33.98 -2.88
C LEU E 134 16.96 33.44 -4.29
N LEU E 135 17.67 32.33 -4.43
CA LEU E 135 17.91 31.83 -5.77
C LEU E 135 16.66 31.42 -6.51
N TYR E 136 15.60 31.05 -5.80
CA TYR E 136 14.39 30.61 -6.48
C TYR E 136 13.23 31.61 -6.50
N ASN E 137 13.54 32.90 -6.39
CA ASN E 137 12.52 33.95 -6.37
C ASN E 137 11.39 33.58 -5.43
N THR E 138 11.73 32.94 -4.33
CA THR E 138 10.73 32.51 -3.39
C THR E 138 10.10 33.60 -2.57
N ASP E 139 8.82 33.35 -2.31
CA ASP E 139 7.95 34.22 -1.55
C ASP E 139 7.88 33.74 -0.12
N ILE E 140 7.53 32.49 0.11
CA ILE E 140 7.37 32.03 1.48
C ILE E 140 8.34 30.95 1.94
N VAL E 141 8.96 31.18 3.08
CA VAL E 141 9.89 30.24 3.65
C VAL E 141 9.22 29.84 4.96
N PRO E 142 8.79 28.58 5.09
CA PRO E 142 8.16 28.10 6.34
C PRO E 142 9.21 27.81 7.39
N VAL E 143 9.21 28.54 8.50
CA VAL E 143 10.21 28.27 9.53
C VAL E 143 9.64 28.38 10.92
N GLY E 144 10.42 27.86 11.86
CA GLY E 144 10.06 27.88 13.26
C GLY E 144 10.41 29.23 13.86
N GLU E 145 10.01 29.48 15.11
CA GLU E 145 10.27 30.77 15.76
C GLU E 145 11.79 31.05 15.80
N ASP E 146 12.53 30.05 16.26
CA ASP E 146 13.98 30.08 16.37
C ASP E 146 14.69 30.50 15.07
N GLN E 147 14.05 30.20 13.95
CA GLN E 147 14.59 30.50 12.63
C GLN E 147 14.30 31.85 12.00
N LYS E 148 13.32 32.60 12.49
CA LYS E 148 12.95 33.90 11.93
C LYS E 148 14.17 34.78 11.67
N GLN E 149 15.06 34.84 12.64
CA GLN E 149 16.28 35.63 12.59
C GLN E 149 17.14 35.40 11.36
N HIS E 150 17.20 34.15 10.91
CA HIS E 150 17.99 33.84 9.74
C HIS E 150 17.27 34.40 8.54
N ILE E 151 15.94 34.43 8.64
CA ILE E 151 15.14 34.97 7.55
C ILE E 151 15.36 36.48 7.50
N GLU E 152 15.35 37.13 8.66
CA GLU E 152 15.57 38.57 8.75
C GLU E 152 16.82 39.01 7.99
N LEU E 153 17.90 38.29 8.20
CA LEU E 153 19.17 38.55 7.54
C LEU E 153 19.11 38.47 6.02
N THR E 154 18.46 37.41 5.53
CA THR E 154 18.37 37.16 4.09
C THR E 154 17.50 38.20 3.39
N ARG E 155 16.57 38.80 4.13
CA ARG E 155 15.72 39.84 3.59
C ARG E 155 16.60 41.07 3.37
N ASP E 156 17.34 41.45 4.42
CA ASP E 156 18.25 42.59 4.39
C ASP E 156 19.28 42.40 3.28
N LEU E 157 19.84 41.20 3.21
CA LEU E 157 20.83 40.87 2.20
C LEU E 157 20.26 41.06 0.79
N ALA E 158 19.05 40.57 0.59
CA ALA E 158 18.39 40.67 -0.70
C ALA E 158 18.10 42.13 -1.11
N GLU E 159 17.53 42.87 -0.19
CA GLU E 159 17.19 44.25 -0.43
C GLU E 159 18.46 45.05 -0.69
N ARG E 160 19.45 44.89 0.18
CA ARG E 160 20.72 45.57 0.03
C ARG E 160 21.34 45.25 -1.34
N PHE E 161 21.22 44.00 -1.80
CA PHE E 161 21.75 43.64 -3.12
C PHE E 161 20.87 44.36 -4.16
N ASN E 162 19.56 44.38 -3.91
CA ASN E 162 18.59 45.00 -4.80
C ASN E 162 18.91 46.50 -5.03
N LYS E 163 19.04 47.28 -3.97
CA LYS E 163 19.35 48.70 -4.14
C LYS E 163 20.68 48.87 -4.86
N ARG E 164 21.71 48.17 -4.40
CA ARG E 164 23.01 48.31 -5.03
C ARG E 164 23.06 47.93 -6.52
N TYR E 165 22.36 46.87 -6.93
CA TYR E 165 22.45 46.45 -8.34
C TYR E 165 21.15 46.52 -9.13
N GLY E 166 20.04 46.70 -8.42
CA GLY E 166 18.75 46.76 -9.07
C GLY E 166 17.84 45.64 -8.58
N GLU E 167 16.56 45.71 -8.95
CA GLU E 167 15.59 44.72 -8.54
C GLU E 167 15.84 43.38 -9.23
N LEU E 168 16.23 42.40 -8.40
CA LEU E 168 16.49 41.05 -8.87
C LEU E 168 15.79 40.08 -7.92
N PHE E 169 15.93 40.29 -6.62
CA PHE E 169 15.32 39.37 -5.66
C PHE E 169 13.97 39.73 -5.07
N THR E 170 13.23 38.69 -4.77
CA THR E 170 11.95 38.77 -4.15
C THR E 170 12.22 38.83 -2.66
N ILE E 171 11.62 39.76 -1.94
CA ILE E 171 11.89 39.75 -0.52
C ILE E 171 11.04 38.65 0.08
N PRO E 172 11.69 37.55 0.52
CA PRO E 172 10.99 36.42 1.11
C PRO E 172 10.34 36.75 2.44
N GLU E 173 9.35 35.95 2.80
CA GLU E 173 8.61 36.12 4.05
C GLU E 173 8.62 34.82 4.84
N ALA E 174 8.80 34.93 6.14
CA ALA E 174 8.86 33.75 6.98
C ALA E 174 7.50 33.44 7.56
N ARG E 175 6.89 32.38 7.06
CA ARG E 175 5.59 31.98 7.54
C ARG E 175 5.64 31.50 8.99
N ILE E 176 4.84 30.48 9.30
CA ILE E 176 4.78 29.87 10.64
C ILE E 176 3.80 28.69 10.52
N PRO E 177 3.81 27.77 11.51
CA PRO E 177 2.90 26.63 11.49
C PRO E 177 1.47 27.00 11.91
N LYS E 178 0.51 26.11 11.65
CA LYS E 178 -0.89 26.32 12.05
C LYS E 178 -0.91 26.19 13.57
N VAL E 179 -0.82 27.31 14.28
CA VAL E 179 -0.78 27.31 15.74
C VAL E 179 -1.91 26.59 16.47
N GLY E 180 -1.46 25.75 17.41
CA GLY E 180 -2.31 24.93 18.24
C GLY E 180 -1.57 23.61 18.42
N ALA E 181 -1.09 23.09 17.29
CA ALA E 181 -0.36 21.82 17.21
C ALA E 181 1.15 21.90 17.31
N ARG E 182 1.59 21.82 18.56
CA ARG E 182 2.99 21.81 18.92
C ARG E 182 3.09 20.48 19.69
N ILE E 183 3.80 19.52 19.10
CA ILE E 183 3.91 18.21 19.74
C ILE E 183 5.08 18.11 20.70
N MET E 184 4.77 17.99 21.98
CA MET E 184 5.78 17.87 23.02
C MET E 184 6.45 16.50 23.08
N SER E 185 7.39 16.37 24.00
CA SER E 185 8.11 15.11 24.22
C SER E 185 7.12 14.19 24.93
N LEU E 186 7.34 12.89 24.82
CA LEU E 186 6.47 11.92 25.47
C LEU E 186 6.98 11.71 26.90
N VAL E 187 8.25 12.05 27.15
CA VAL E 187 8.83 11.88 28.50
C VAL E 187 8.91 13.22 29.24
N ASP E 188 9.00 14.30 28.47
CA ASP E 188 9.00 15.63 29.03
C ASP E 188 7.93 16.41 28.28
N PRO E 189 6.73 16.45 28.86
CA PRO E 189 5.59 17.15 28.29
C PRO E 189 5.72 18.66 28.18
N THR E 190 6.83 19.22 28.65
CA THR E 190 7.05 20.67 28.56
C THR E 190 8.06 20.94 27.45
N LYS E 191 8.97 20.01 27.27
CA LYS E 191 9.99 20.14 26.24
C LYS E 191 9.38 19.82 24.86
N LYS E 192 9.88 20.45 23.80
CA LYS E 192 9.38 20.19 22.45
C LYS E 192 9.90 18.82 22.00
N MET E 193 9.17 18.10 21.15
CA MET E 193 9.65 16.80 20.72
C MET E 193 10.71 16.95 19.63
N SER E 194 11.90 16.36 19.76
CA SER E 194 12.92 16.54 18.72
C SER E 194 13.69 15.25 18.47
N LYS E 195 14.08 15.02 17.22
CA LYS E 195 14.88 13.87 16.80
C LYS E 195 16.17 13.77 17.60
N SER E 196 16.67 14.92 18.03
CA SER E 196 17.92 14.95 18.76
C SER E 196 17.79 14.79 20.26
N ASP E 197 16.67 14.30 20.76
CA ASP E 197 16.53 14.12 22.21
C ASP E 197 17.33 12.87 22.65
N PRO E 198 18.27 13.01 23.62
CA PRO E 198 19.07 11.88 24.10
C PRO E 198 18.23 10.75 24.70
N ASN E 199 16.94 11.01 24.93
CA ASN E 199 16.06 9.96 25.43
C ASN E 199 15.21 9.50 24.26
N PRO E 200 15.52 8.33 23.69
CA PRO E 200 14.82 7.75 22.53
C PRO E 200 13.34 7.53 22.72
N LYS E 201 12.94 7.50 23.98
CA LYS E 201 11.57 7.30 24.37
C LYS E 201 10.76 8.57 24.21
N ALA E 202 11.42 9.71 24.11
CA ALA E 202 10.70 10.98 23.98
C ALA E 202 10.05 11.22 22.64
N TYR E 203 10.46 10.50 21.61
CA TYR E 203 9.88 10.72 20.29
C TYR E 203 9.51 9.45 19.53
N ILE E 204 8.75 9.64 18.46
CA ILE E 204 8.32 8.53 17.62
C ILE E 204 8.68 8.77 16.18
N THR E 205 9.74 8.14 15.73
CA THR E 205 10.19 8.28 14.36
C THR E 205 9.15 7.72 13.39
N LEU E 206 9.15 8.19 12.14
CA LEU E 206 8.22 7.65 11.16
C LEU E 206 8.56 6.18 10.84
N LEU E 207 9.76 5.73 11.16
CA LEU E 207 10.11 4.35 10.86
C LEU E 207 10.00 3.44 12.09
N ASP E 208 9.67 4.00 13.25
CA ASP E 208 9.53 3.19 14.44
C ASP E 208 8.51 2.06 14.18
N ASP E 209 8.97 0.81 14.34
CA ASP E 209 8.08 -0.33 14.13
C ASP E 209 6.97 -0.28 15.17
N ALA E 210 5.89 -1.00 14.87
CA ALA E 210 4.70 -1.07 15.71
C ALA E 210 4.93 -1.48 17.17
N LYS E 211 5.78 -2.47 17.39
CA LYS E 211 6.05 -2.92 18.76
C LYS E 211 6.69 -1.79 19.54
N THR E 212 7.64 -1.11 18.90
CA THR E 212 8.30 0.00 19.53
C THR E 212 7.33 1.15 19.80
N ILE E 213 6.60 1.53 18.75
CA ILE E 213 5.62 2.60 18.82
C ILE E 213 4.73 2.35 20.01
N GLU E 214 4.21 1.14 20.09
CA GLU E 214 3.32 0.77 21.17
C GLU E 214 4.01 0.94 22.52
N LYS E 215 5.25 0.47 22.61
CA LYS E 215 5.98 0.57 23.85
C LYS E 215 6.16 2.03 24.27
N LYS E 216 6.44 2.90 23.31
CA LYS E 216 6.61 4.30 23.63
C LYS E 216 5.30 4.96 24.10
N ILE E 217 4.21 4.76 23.39
CA ILE E 217 2.94 5.33 23.78
C ILE E 217 2.51 4.84 25.17
N LYS E 218 2.86 3.62 25.55
CA LYS E 218 2.45 3.16 26.88
C LYS E 218 3.32 3.83 27.92
N SER E 219 4.53 4.17 27.51
CA SER E 219 5.48 4.81 28.39
C SER E 219 5.22 6.31 28.50
N ALA E 220 4.50 6.89 27.53
CA ALA E 220 4.20 8.33 27.53
C ALA E 220 3.80 8.75 28.94
N VAL E 221 4.21 9.95 29.34
CA VAL E 221 3.89 10.41 30.68
C VAL E 221 2.50 11.04 30.72
N THR E 222 1.78 10.76 31.79
CA THR E 222 0.44 11.30 31.97
C THR E 222 0.38 12.03 33.31
N ASP E 223 -0.62 11.76 34.12
CA ASP E 223 -0.72 12.41 35.41
C ASP E 223 -1.49 11.59 36.44
N SER E 224 -1.87 12.22 37.54
CA SER E 224 -2.57 11.49 38.57
C SER E 224 -4.06 11.74 38.67
N GLU E 225 -4.63 12.65 37.88
CA GLU E 225 -6.06 12.91 37.99
C GLU E 225 -6.84 11.70 37.49
N GLY E 226 -6.37 11.15 36.37
CA GLY E 226 -7.02 9.98 35.81
C GLY E 226 -8.18 10.26 34.87
N THR E 227 -8.28 11.44 34.28
CA THR E 227 -9.39 11.69 33.38
C THR E 227 -8.82 12.30 32.10
N ILE E 228 -9.46 12.05 30.97
CA ILE E 228 -8.97 12.58 29.70
C ILE E 228 -9.55 13.98 29.50
N ARG E 229 -8.80 15.02 29.84
CA ARG E 229 -9.30 16.38 29.72
C ARG E 229 -8.15 17.31 29.35
N TYR E 230 -8.24 18.00 28.21
CA TYR E 230 -7.17 18.93 27.75
C TYR E 230 -6.94 20.14 28.67
N ASP E 231 -5.76 20.26 29.25
CA ASP E 231 -5.48 21.36 30.16
C ASP E 231 -4.00 21.63 29.97
N LYS E 232 -3.63 22.48 29.01
CA LYS E 232 -2.22 22.79 28.76
C LYS E 232 -1.39 22.75 30.03
N GLU E 233 -1.64 23.68 30.95
CA GLU E 233 -0.95 23.67 32.25
C GLU E 233 -1.75 22.63 33.03
N ALA E 234 -1.19 22.07 34.11
CA ALA E 234 -1.85 21.03 34.93
C ALA E 234 -1.74 19.63 34.30
N LYS E 235 -2.23 19.50 33.07
CA LYS E 235 -2.19 18.22 32.39
C LYS E 235 -1.50 18.30 31.02
N PRO E 236 -0.19 18.57 30.99
CA PRO E 236 0.63 18.69 29.78
C PRO E 236 0.71 17.40 29.01
N GLY E 237 0.87 16.31 29.75
CA GLY E 237 0.99 15.01 29.14
C GLY E 237 -0.25 14.55 28.39
N ILE E 238 -1.36 14.41 29.12
CA ILE E 238 -2.62 13.95 28.52
C ILE E 238 -3.02 14.83 27.38
N SER E 239 -2.77 16.12 27.57
CA SER E 239 -3.10 17.07 26.55
C SER E 239 -2.33 16.81 25.28
N ASN E 240 -1.03 16.53 25.41
CA ASN E 240 -0.19 16.32 24.25
C ASN E 240 -0.59 15.06 23.53
N LEU E 241 -1.09 14.11 24.30
CA LEU E 241 -1.54 12.86 23.72
C LEU E 241 -2.77 13.18 22.87
N LEU E 242 -3.73 13.90 23.46
CA LEU E 242 -4.95 14.33 22.77
C LEU E 242 -4.60 14.99 21.46
N ASN E 243 -3.66 15.93 21.48
CA ASN E 243 -3.26 16.60 20.25
C ASN E 243 -2.82 15.61 19.17
N ILE E 244 -2.01 14.63 19.56
CA ILE E 244 -1.52 13.66 18.59
C ILE E 244 -2.68 12.82 18.10
N TYR E 245 -3.50 12.35 19.04
CA TYR E 245 -4.65 11.53 18.72
C TYR E 245 -5.44 12.28 17.67
N SER E 246 -6.03 13.39 18.10
CA SER E 246 -6.82 14.27 17.26
C SER E 246 -6.28 14.50 15.85
N THR E 247 -5.20 15.27 15.70
CA THR E 247 -4.71 15.57 14.35
C THR E 247 -4.61 14.41 13.40
N LEU E 248 -4.44 13.19 13.93
CA LEU E 248 -4.29 12.00 13.09
C LEU E 248 -5.61 11.24 12.89
N SER E 249 -6.49 11.33 13.88
CA SER E 249 -7.76 10.66 13.78
C SER E 249 -8.84 11.61 13.32
N GLY E 250 -8.45 12.74 12.74
CA GLY E 250 -9.44 13.69 12.29
C GLY E 250 -10.51 14.09 13.31
N GLN E 251 -10.43 13.66 14.56
CA GLN E 251 -11.47 14.04 15.51
C GLN E 251 -11.17 15.32 16.28
N SER E 252 -12.20 16.00 16.79
CA SER E 252 -11.98 17.21 17.58
C SER E 252 -11.67 16.75 18.99
N ILE E 253 -10.96 17.57 19.75
CA ILE E 253 -10.61 17.22 21.13
C ILE E 253 -11.85 17.10 22.01
N GLU E 254 -12.84 17.98 21.80
CA GLU E 254 -14.06 17.91 22.61
C GLU E 254 -14.67 16.55 22.36
N GLU E 255 -14.60 16.14 21.11
CA GLU E 255 -15.13 14.86 20.69
C GLU E 255 -14.46 13.73 21.45
N LEU E 256 -13.12 13.75 21.53
CA LEU E 256 -12.36 12.73 22.24
C LEU E 256 -12.62 12.76 23.74
N GLU E 257 -12.74 13.96 24.30
CA GLU E 257 -13.01 14.10 25.74
C GLU E 257 -14.36 13.46 26.04
N ARG E 258 -15.30 13.66 25.11
CA ARG E 258 -16.62 13.09 25.25
C ARG E 258 -16.44 11.58 25.11
N GLN E 259 -15.75 11.19 24.03
CA GLN E 259 -15.51 9.80 23.70
C GLN E 259 -14.88 8.97 24.80
N TYR E 260 -14.10 9.60 25.67
CA TYR E 260 -13.51 8.83 26.75
C TYR E 260 -14.04 9.21 28.10
N GLU E 261 -15.11 9.99 28.10
CA GLU E 261 -15.79 10.42 29.29
C GLU E 261 -15.36 9.84 30.64
N GLY E 262 -15.63 8.56 30.88
CA GLY E 262 -15.28 7.97 32.16
C GLY E 262 -14.15 6.96 32.19
N LYS E 263 -13.57 6.70 31.02
CA LYS E 263 -12.48 5.73 30.89
C LYS E 263 -11.14 6.29 31.40
N GLY E 264 -10.27 5.37 31.83
CA GLY E 264 -8.94 5.70 32.35
C GLY E 264 -7.90 5.82 31.24
N TYR E 265 -6.65 6.08 31.59
CA TYR E 265 -5.65 6.25 30.54
C TYR E 265 -5.35 4.95 29.82
N GLY E 266 -5.65 3.85 30.51
CA GLY E 266 -5.43 2.51 30.00
C GLY E 266 -5.94 2.33 28.59
N VAL E 267 -7.25 2.35 28.45
CA VAL E 267 -7.82 2.22 27.13
C VAL E 267 -7.33 3.35 26.23
N PHE E 268 -7.37 4.57 26.73
CA PHE E 268 -6.96 5.73 25.94
C PHE E 268 -5.66 5.54 25.18
N LYS E 269 -4.61 5.14 25.91
CA LYS E 269 -3.30 4.95 25.29
C LYS E 269 -3.37 3.83 24.26
N ALA E 270 -4.09 2.76 24.61
CA ALA E 270 -4.24 1.60 23.72
C ALA E 270 -4.81 1.99 22.36
N ASP E 271 -5.84 2.85 22.40
CA ASP E 271 -6.50 3.34 21.19
C ASP E 271 -5.56 4.26 20.44
N LEU E 272 -4.91 5.17 21.16
CA LEU E 272 -3.97 6.07 20.54
C LEU E 272 -2.87 5.28 19.82
N ALA E 273 -2.40 4.22 20.47
CA ALA E 273 -1.36 3.35 19.95
C ALA E 273 -1.73 2.82 18.57
N GLN E 274 -3.00 2.52 18.38
CA GLN E 274 -3.44 1.99 17.10
C GLN E 274 -3.51 3.01 15.96
N VAL E 275 -4.12 4.17 16.23
CA VAL E 275 -4.26 5.18 15.19
C VAL E 275 -2.86 5.64 14.73
N VAL E 276 -1.90 5.67 15.65
CA VAL E 276 -0.55 6.06 15.28
C VAL E 276 0.08 5.01 14.33
N ILE E 277 -0.07 3.73 14.68
CA ILE E 277 0.48 2.64 13.87
C ILE E 277 -0.18 2.56 12.51
N GLU E 278 -1.50 2.75 12.49
CA GLU E 278 -2.30 2.72 11.28
C GLU E 278 -1.84 3.84 10.33
N THR E 279 -1.58 5.02 10.90
CA THR E 279 -1.12 6.15 10.12
C THR E 279 0.25 5.94 9.51
N LEU E 280 1.16 5.32 10.25
CA LEU E 280 2.51 5.16 9.76
C LEU E 280 2.73 4.01 8.79
N ARG E 281 2.00 2.93 9.02
CA ARG E 281 2.07 1.72 8.20
C ARG E 281 2.24 1.94 6.66
N PRO E 282 1.32 2.67 5.99
CA PRO E 282 1.45 2.89 4.53
C PRO E 282 2.63 3.77 4.16
N ILE E 283 3.11 4.55 5.13
CA ILE E 283 4.25 5.44 4.89
C ILE E 283 5.49 4.57 4.89
N GLN E 284 5.64 3.77 5.94
CA GLN E 284 6.80 2.88 6.06
C GLN E 284 6.80 1.96 4.85
N GLU E 285 5.61 1.57 4.41
CA GLU E 285 5.45 0.72 3.26
C GLU E 285 6.04 1.38 2.03
N ARG E 286 5.51 2.56 1.71
CA ARG E 286 5.97 3.32 0.56
C ARG E 286 7.45 3.65 0.65
N TYR E 287 7.91 3.89 1.87
CA TYR E 287 9.31 4.22 2.13
C TYR E 287 10.18 3.11 1.54
N HIS E 288 9.89 1.88 1.93
CA HIS E 288 10.67 0.78 1.44
C HIS E 288 10.59 0.57 -0.06
N HIS E 289 9.40 0.75 -0.64
CA HIS E 289 9.25 0.59 -2.09
C HIS E 289 10.24 1.53 -2.70
N TRP E 290 10.26 2.76 -2.19
CA TRP E 290 11.15 3.79 -2.67
C TRP E 290 12.64 3.52 -2.47
N MET E 291 13.05 3.21 -1.25
CA MET E 291 14.46 2.97 -0.96
C MET E 291 15.16 2.03 -1.90
N GLU E 292 14.49 0.94 -2.26
CA GLU E 292 15.08 -0.05 -3.14
C GLU E 292 14.73 0.13 -4.61
N SER E 293 14.09 1.24 -4.94
CA SER E 293 13.72 1.54 -6.32
C SER E 293 14.74 2.47 -6.97
N GLU E 294 15.10 2.15 -8.21
CA GLU E 294 16.03 2.94 -9.01
C GLU E 294 15.28 4.15 -9.59
N GLU E 295 14.01 4.29 -9.26
CA GLU E 295 13.20 5.42 -9.69
C GLU E 295 13.61 6.60 -8.84
N LEU E 296 13.94 6.30 -7.58
CA LEU E 296 14.38 7.30 -6.61
C LEU E 296 15.44 8.21 -7.18
N ASP E 297 16.49 7.63 -7.73
CA ASP E 297 17.55 8.43 -8.31
C ASP E 297 17.04 9.16 -9.51
N ARG E 298 16.14 8.54 -10.24
CA ARG E 298 15.57 9.17 -11.42
C ARG E 298 14.74 10.40 -10.98
N VAL E 299 14.03 10.25 -9.88
CA VAL E 299 13.22 11.33 -9.31
C VAL E 299 14.10 12.50 -8.92
N LEU E 300 15.20 12.20 -8.23
CA LEU E 300 16.13 13.22 -7.79
C LEU E 300 16.91 13.85 -8.94
N ASP E 301 17.08 13.14 -10.05
CA ASP E 301 17.78 13.75 -11.17
C ASP E 301 16.90 14.85 -11.71
N GLU E 302 15.65 14.51 -11.98
CA GLU E 302 14.70 15.48 -12.48
C GLU E 302 14.70 16.66 -11.53
N GLY E 303 14.42 16.42 -10.25
CA GLY E 303 14.42 17.49 -9.28
C GLY E 303 15.57 18.44 -9.53
N ALA E 304 16.78 17.91 -9.48
CA ALA E 304 17.96 18.72 -9.73
C ALA E 304 17.89 19.45 -11.07
N GLU E 305 17.36 18.80 -12.10
CA GLU E 305 17.31 19.42 -13.42
C GLU E 305 16.39 20.63 -13.44
N LYS E 306 15.22 20.48 -12.84
CA LYS E 306 14.26 21.56 -12.75
C LYS E 306 14.85 22.67 -11.87
N ALA E 307 15.36 22.32 -10.69
CA ALA E 307 15.94 23.31 -9.75
C ALA E 307 17.08 24.11 -10.34
N ASN E 308 17.96 23.41 -11.03
CA ASN E 308 19.09 24.07 -11.65
C ASN E 308 18.61 25.04 -12.70
N ARG E 309 17.54 24.68 -13.42
CA ARG E 309 17.00 25.52 -14.47
C ARG E 309 16.85 26.97 -14.02
N VAL E 310 16.18 27.16 -12.89
CA VAL E 310 15.97 28.49 -12.34
C VAL E 310 17.24 29.05 -11.74
N ALA E 311 17.79 28.34 -10.77
CA ALA E 311 19.01 28.75 -10.08
C ALA E 311 20.13 29.19 -11.02
N SER E 312 20.31 28.48 -12.11
CA SER E 312 21.33 28.85 -13.08
C SER E 312 21.14 30.29 -13.46
N GLU E 313 20.02 30.55 -14.14
CA GLU E 313 19.69 31.87 -14.62
C GLU E 313 19.78 32.95 -13.57
N MET E 314 19.23 32.68 -12.40
CA MET E 314 19.26 33.67 -11.35
C MET E 314 20.71 34.07 -11.12
N VAL E 315 21.57 33.08 -10.97
CA VAL E 315 22.98 33.34 -10.78
C VAL E 315 23.55 34.12 -11.95
N ARG E 316 23.21 33.70 -13.16
CA ARG E 316 23.70 34.37 -14.36
C ARG E 316 23.40 35.86 -14.32
N LYS E 317 22.31 36.20 -13.63
CA LYS E 317 21.89 37.58 -13.48
C LYS E 317 22.65 38.26 -12.35
N MET E 318 22.93 37.53 -11.28
CA MET E 318 23.70 38.09 -10.17
C MET E 318 25.09 38.50 -10.66
N GLU E 319 25.74 37.63 -11.44
CA GLU E 319 27.08 37.94 -11.93
C GLU E 319 27.05 39.15 -12.84
N GLN E 320 26.09 39.16 -13.75
CA GLN E 320 25.90 40.26 -14.69
C GLN E 320 25.94 41.56 -13.89
N ALA E 321 25.15 41.62 -12.83
CA ALA E 321 25.08 42.79 -11.98
C ALA E 321 26.43 43.17 -11.41
N MET E 322 27.00 42.27 -10.61
CA MET E 322 28.27 42.48 -9.93
C MET E 322 29.48 42.74 -10.81
N GLY E 323 29.43 42.24 -12.03
CA GLY E 323 30.53 42.43 -12.97
C GLY E 323 31.51 41.28 -13.16
N LEU E 324 31.08 40.06 -12.84
CA LEU E 324 31.96 38.91 -13.01
C LEU E 324 31.99 38.41 -14.44
N GLY E 325 33.07 37.71 -14.80
CA GLY E 325 33.19 37.17 -16.14
C GLY E 325 32.75 38.06 -17.29
N ARG E 326 31.96 37.49 -18.20
CA ARG E 326 31.47 38.21 -19.38
C ARG E 326 29.96 37.99 -19.64
N MET F 1 -31.54 -20.30 -11.92
CA MET F 1 -31.79 -18.88 -12.27
C MET F 1 -31.09 -18.65 -13.59
N LYS F 2 -31.26 -17.47 -14.18
CA LYS F 2 -30.61 -17.13 -15.46
C LYS F 2 -29.33 -16.36 -15.14
N THR F 3 -28.48 -16.10 -16.13
CA THR F 3 -27.24 -15.37 -15.86
C THR F 3 -27.16 -14.03 -16.56
N ILE F 4 -26.90 -12.99 -15.77
CA ILE F 4 -26.78 -11.64 -16.29
C ILE F 4 -25.33 -11.21 -16.31
N PHE F 5 -24.84 -10.75 -17.45
CA PHE F 5 -23.46 -10.29 -17.52
C PHE F 5 -23.37 -8.82 -17.92
N SER F 6 -22.83 -8.01 -17.01
CA SER F 6 -22.72 -6.58 -17.22
C SER F 6 -21.26 -6.08 -17.27
N GLY F 7 -20.85 -5.60 -18.44
CA GLY F 7 -19.51 -5.06 -18.62
C GLY F 7 -19.46 -3.67 -18.01
N ILE F 8 -18.40 -3.32 -17.30
CA ILE F 8 -18.29 -2.02 -16.65
C ILE F 8 -17.05 -1.28 -17.15
N GLN F 9 -17.25 -0.15 -17.82
CA GLN F 9 -16.13 0.62 -18.28
C GLN F 9 -15.43 1.37 -17.15
N PRO F 10 -14.11 1.21 -17.02
CA PRO F 10 -13.41 1.93 -15.95
C PRO F 10 -13.44 3.43 -16.20
N SER F 11 -14.07 4.12 -15.26
CA SER F 11 -14.19 5.58 -15.29
C SER F 11 -14.20 6.22 -13.92
N GLY F 12 -14.57 5.47 -12.88
CA GLY F 12 -14.59 6.05 -11.55
C GLY F 12 -15.63 7.16 -11.37
N VAL F 13 -16.29 7.53 -12.46
CA VAL F 13 -17.32 8.57 -12.43
C VAL F 13 -18.64 8.04 -12.98
N ILE F 14 -19.59 7.78 -12.09
CA ILE F 14 -20.88 7.27 -12.55
C ILE F 14 -22.02 8.23 -12.18
N THR F 15 -22.71 8.70 -13.21
CA THR F 15 -23.79 9.66 -13.03
C THR F 15 -25.05 9.12 -12.37
N ILE F 16 -25.72 9.99 -11.62
CA ILE F 16 -26.97 9.66 -10.93
C ILE F 16 -27.95 9.10 -11.96
N GLY F 17 -27.60 9.24 -13.23
CA GLY F 17 -28.43 8.73 -14.31
C GLY F 17 -28.23 7.24 -14.46
N ASN F 18 -26.99 6.77 -14.32
CA ASN F 18 -26.64 5.35 -14.41
C ASN F 18 -27.32 4.68 -13.22
N TYR F 19 -27.17 5.30 -12.06
CA TYR F 19 -27.75 4.79 -10.83
C TYR F 19 -29.26 4.56 -10.96
N ILE F 20 -29.98 5.63 -11.29
CA ILE F 20 -31.43 5.61 -11.44
C ILE F 20 -31.89 4.73 -12.60
N GLY F 21 -31.12 4.68 -13.68
CA GLY F 21 -31.49 3.90 -14.84
C GLY F 21 -30.95 2.50 -15.01
N ALA F 22 -30.16 2.00 -14.05
CA ALA F 22 -29.61 0.62 -14.13
C ALA F 22 -29.07 0.07 -12.82
N LEU F 23 -28.09 0.76 -12.29
CA LEU F 23 -27.43 0.33 -11.07
C LEU F 23 -28.36 0.10 -9.89
N ARG F 24 -29.18 1.07 -9.54
CA ARG F 24 -30.08 0.88 -8.39
C ARG F 24 -30.94 -0.36 -8.53
N GLN F 25 -31.05 -0.86 -9.74
CA GLN F 25 -31.84 -2.04 -10.03
C GLN F 25 -31.06 -3.34 -9.74
N PHE F 26 -29.79 -3.40 -10.15
CA PHE F 26 -28.98 -4.60 -9.92
C PHE F 26 -28.82 -4.91 -8.45
N VAL F 27 -28.67 -3.89 -7.61
CA VAL F 27 -28.53 -4.12 -6.19
C VAL F 27 -29.63 -5.06 -5.70
N GLU F 28 -30.78 -5.00 -6.36
CA GLU F 28 -31.89 -5.87 -5.99
C GLU F 28 -31.77 -7.18 -6.79
N LEU F 29 -31.80 -7.06 -8.11
CA LEU F 29 -31.72 -8.23 -9.00
C LEU F 29 -30.71 -9.29 -8.63
N GLN F 30 -29.54 -8.87 -8.16
CA GLN F 30 -28.50 -9.82 -7.81
C GLN F 30 -29.00 -10.97 -6.94
N HIS F 31 -30.09 -10.77 -6.21
CA HIS F 31 -30.63 -11.82 -5.36
C HIS F 31 -31.64 -12.69 -6.09
N GLU F 32 -31.74 -12.50 -7.40
CA GLU F 32 -32.69 -13.28 -8.19
C GLU F 32 -32.01 -14.03 -9.32
N TYR F 33 -31.12 -13.36 -10.03
CA TYR F 33 -30.40 -13.98 -11.13
C TYR F 33 -28.99 -14.21 -10.67
N ASN F 34 -28.15 -14.71 -11.57
CA ASN F 34 -26.76 -14.95 -11.24
C ASN F 34 -26.03 -13.86 -12.03
N CYS F 35 -25.57 -12.81 -11.35
CA CYS F 35 -24.93 -11.68 -12.01
C CYS F 35 -23.40 -11.70 -12.14
N TYR F 36 -22.90 -11.18 -13.26
CA TYR F 36 -21.46 -11.08 -13.51
C TYR F 36 -21.14 -9.61 -13.87
N PHE F 37 -20.46 -8.91 -12.97
CA PHE F 37 -20.09 -7.52 -13.18
C PHE F 37 -18.60 -7.51 -13.44
N CYS F 38 -18.23 -7.22 -14.67
CA CYS F 38 -16.85 -7.26 -15.04
C CYS F 38 -16.29 -5.89 -15.45
N ILE F 39 -15.25 -5.42 -14.75
CA ILE F 39 -14.60 -4.14 -15.07
C ILE F 39 -13.71 -4.32 -16.31
N VAL F 40 -14.23 -4.09 -17.51
CA VAL F 40 -13.45 -4.33 -18.74
C VAL F 40 -12.27 -3.42 -19.09
N ASP F 41 -11.22 -3.54 -18.29
CA ASP F 41 -10.01 -2.75 -18.48
C ASP F 41 -9.33 -3.05 -19.81
N GLN F 42 -9.42 -4.29 -20.25
CA GLN F 42 -8.83 -4.67 -21.53
C GLN F 42 -9.53 -4.00 -22.71
N HIS F 43 -10.75 -3.50 -22.48
CA HIS F 43 -11.49 -2.80 -23.51
C HIS F 43 -11.05 -1.36 -23.47
N ALA F 44 -10.84 -0.85 -22.26
CA ALA F 44 -10.42 0.53 -22.09
C ALA F 44 -9.15 0.83 -22.88
N ILE F 45 -8.24 -0.14 -22.91
CA ILE F 45 -6.96 -0.02 -23.60
C ILE F 45 -7.05 0.18 -25.11
N THR F 46 -8.26 0.35 -25.64
CA THR F 46 -8.41 0.58 -27.07
C THR F 46 -8.24 2.06 -27.43
N VAL F 47 -8.22 2.91 -26.41
CA VAL F 47 -8.03 4.35 -26.56
C VAL F 47 -6.92 4.76 -25.59
N TRP F 48 -6.28 5.91 -25.80
CA TRP F 48 -5.22 6.33 -24.89
C TRP F 48 -5.70 6.21 -23.45
N GLN F 49 -4.76 6.13 -22.51
CA GLN F 49 -5.09 6.00 -21.11
C GLN F 49 -3.84 6.28 -20.32
N ASP F 50 -3.94 7.01 -19.23
CA ASP F 50 -2.74 7.23 -18.44
C ASP F 50 -2.72 6.08 -17.47
N PRO F 51 -1.75 5.16 -17.63
CA PRO F 51 -1.63 4.01 -16.75
C PRO F 51 -1.98 4.23 -15.30
N HIS F 52 -1.54 5.34 -14.70
CA HIS F 52 -1.88 5.57 -13.28
C HIS F 52 -3.35 5.88 -13.10
N GLU F 53 -3.94 6.49 -14.12
CA GLU F 53 -5.35 6.83 -14.10
C GLU F 53 -6.19 5.57 -14.25
N LEU F 54 -5.99 4.83 -15.34
CA LEU F 54 -6.74 3.60 -15.59
C LEU F 54 -6.67 2.73 -14.36
N ARG F 55 -5.46 2.53 -13.87
CA ARG F 55 -5.26 1.74 -12.67
C ARG F 55 -6.22 2.26 -11.60
N GLN F 56 -6.12 3.53 -11.30
CA GLN F 56 -6.96 4.15 -10.26
C GLN F 56 -8.48 4.06 -10.48
N ASN F 57 -8.90 4.26 -11.72
CA ASN F 57 -10.31 4.22 -12.07
C ASN F 57 -10.93 2.85 -11.91
N ILE F 58 -10.11 1.81 -12.05
CA ILE F 58 -10.57 0.44 -11.89
C ILE F 58 -10.93 0.22 -10.41
N ARG F 59 -10.06 0.66 -9.50
CA ARG F 59 -10.34 0.50 -8.08
C ARG F 59 -11.48 1.41 -7.67
N ARG F 60 -11.56 2.57 -8.32
CA ARG F 60 -12.62 3.52 -8.02
C ARG F 60 -13.97 2.90 -8.36
N LEU F 61 -14.05 2.30 -9.54
CA LEU F 61 -15.28 1.67 -10.00
C LEU F 61 -15.77 0.56 -9.09
N ALA F 62 -14.93 -0.45 -8.86
CA ALA F 62 -15.28 -1.59 -8.01
C ALA F 62 -15.75 -1.18 -6.62
N ALA F 63 -15.14 -0.14 -6.07
CA ALA F 63 -15.50 0.38 -4.75
C ALA F 63 -16.84 1.09 -4.91
N LEU F 64 -16.99 1.90 -5.95
CA LEU F 64 -18.26 2.58 -6.14
C LEU F 64 -19.36 1.54 -6.12
N TYR F 65 -19.20 0.47 -6.91
CA TYR F 65 -20.18 -0.62 -7.00
C TYR F 65 -20.50 -1.33 -5.69
N LEU F 66 -19.48 -1.62 -4.89
CA LEU F 66 -19.67 -2.29 -3.61
C LEU F 66 -20.38 -1.30 -2.69
N ALA F 67 -20.02 -0.04 -2.84
CA ALA F 67 -20.58 1.07 -2.08
C ALA F 67 -22.07 1.19 -2.35
N VAL F 68 -22.44 1.04 -3.63
CA VAL F 68 -23.83 1.12 -4.07
C VAL F 68 -24.63 -0.04 -3.52
N GLY F 69 -23.96 -1.16 -3.26
CA GLY F 69 -24.66 -2.30 -2.70
C GLY F 69 -24.39 -3.64 -3.33
N ILE F 70 -23.45 -3.73 -4.26
CA ILE F 70 -23.20 -5.04 -4.86
C ILE F 70 -22.71 -6.03 -3.80
N ASP F 71 -23.48 -7.10 -3.63
CA ASP F 71 -23.16 -8.17 -2.68
C ASP F 71 -22.12 -9.06 -3.34
N PRO F 72 -20.85 -8.98 -2.91
CA PRO F 72 -19.79 -9.78 -3.51
C PRO F 72 -19.93 -11.28 -3.34
N THR F 73 -20.70 -11.72 -2.36
CA THR F 73 -20.91 -13.14 -2.15
C THR F 73 -22.00 -13.59 -3.10
N GLN F 74 -22.98 -12.71 -3.28
CA GLN F 74 -24.12 -12.94 -4.14
C GLN F 74 -23.80 -12.78 -5.63
N ALA F 75 -22.86 -11.90 -5.93
CA ALA F 75 -22.47 -11.64 -7.30
C ALA F 75 -20.97 -11.80 -7.47
N THR F 76 -20.54 -11.98 -8.71
CA THR F 76 -19.13 -12.14 -8.98
C THR F 76 -18.59 -10.89 -9.68
N LEU F 77 -17.94 -10.05 -8.89
CA LEU F 77 -17.37 -8.82 -9.40
C LEU F 77 -15.86 -9.04 -9.61
N PHE F 78 -15.35 -8.74 -10.81
CA PHE F 78 -13.92 -8.94 -11.12
C PHE F 78 -13.38 -8.07 -12.25
N ILE F 79 -12.05 -8.00 -12.35
CA ILE F 79 -11.37 -7.24 -13.42
C ILE F 79 -11.16 -8.19 -14.59
N GLN F 80 -11.61 -7.78 -15.75
CA GLN F 80 -11.48 -8.60 -16.94
C GLN F 80 -10.12 -9.27 -17.21
N SER F 81 -9.05 -8.46 -17.19
CA SER F 81 -7.67 -8.92 -17.48
C SER F 81 -7.12 -9.97 -16.55
N GLU F 82 -7.64 -10.01 -15.33
CA GLU F 82 -7.18 -10.96 -14.35
C GLU F 82 -7.74 -12.36 -14.61
N VAL F 83 -8.41 -12.52 -15.75
CA VAL F 83 -9.00 -13.80 -16.19
C VAL F 83 -8.58 -13.96 -17.65
N PRO F 84 -7.39 -14.52 -17.90
CA PRO F 84 -6.81 -14.76 -19.23
C PRO F 84 -7.73 -15.39 -20.24
N ALA F 85 -8.66 -16.19 -19.76
CA ALA F 85 -9.63 -16.86 -20.62
C ALA F 85 -10.19 -15.90 -21.69
N HIS F 86 -10.63 -14.72 -21.25
CA HIS F 86 -11.19 -13.71 -22.14
C HIS F 86 -10.39 -13.37 -23.38
N ALA F 87 -9.08 -13.23 -23.24
CA ALA F 87 -8.27 -12.91 -24.39
C ALA F 87 -8.03 -14.12 -25.28
N GLN F 88 -8.17 -15.31 -24.69
CA GLN F 88 -7.98 -16.55 -25.45
C GLN F 88 -9.22 -16.79 -26.30
N ALA F 89 -10.37 -16.67 -25.62
CA ALA F 89 -11.67 -16.85 -26.24
C ALA F 89 -11.80 -15.85 -27.37
N ALA F 90 -11.32 -14.65 -27.12
CA ALA F 90 -11.35 -13.55 -28.08
C ALA F 90 -10.63 -13.86 -29.37
N TRP F 91 -9.53 -14.62 -29.30
CA TRP F 91 -8.80 -14.96 -30.50
C TRP F 91 -9.51 -16.02 -31.34
N MET F 92 -10.18 -16.93 -30.66
CA MET F 92 -10.93 -17.97 -31.33
C MET F 92 -12.06 -17.29 -32.10
N LEU F 93 -12.90 -16.54 -31.38
CA LEU F 93 -14.01 -15.84 -32.03
C LEU F 93 -13.54 -14.97 -33.19
N GLN F 94 -12.41 -14.29 -33.01
CA GLN F 94 -11.83 -13.45 -34.05
C GLN F 94 -11.56 -14.21 -35.33
N CYS F 95 -11.47 -15.52 -35.23
CA CYS F 95 -11.19 -16.30 -36.41
C CYS F 95 -12.44 -16.80 -37.11
N ILE F 96 -13.59 -16.72 -36.45
CA ILE F 96 -14.84 -17.15 -37.05
C ILE F 96 -15.74 -15.92 -37.32
N VAL F 97 -15.19 -14.70 -37.30
CA VAL F 97 -15.97 -13.50 -37.60
C VAL F 97 -15.38 -12.94 -38.89
N TYR F 98 -16.24 -12.54 -39.82
CA TYR F 98 -15.74 -12.03 -41.08
C TYR F 98 -15.32 -10.59 -40.92
N ILE F 99 -14.25 -10.20 -41.61
CA ILE F 99 -13.75 -8.83 -41.52
C ILE F 99 -14.89 -7.86 -41.76
N GLY F 100 -15.60 -8.08 -42.85
CA GLY F 100 -16.73 -7.23 -43.19
C GLY F 100 -17.60 -6.91 -41.99
N GLU F 101 -18.02 -7.94 -41.24
CA GLU F 101 -18.89 -7.71 -40.09
C GLU F 101 -18.35 -6.69 -39.10
N LEU F 102 -17.03 -6.64 -38.98
CA LEU F 102 -16.39 -5.71 -38.05
C LEU F 102 -16.48 -4.29 -38.59
N GLU F 103 -16.27 -4.15 -39.89
CA GLU F 103 -16.34 -2.84 -40.53
C GLU F 103 -17.76 -2.31 -40.52
N ARG F 104 -18.70 -3.07 -41.07
CA ARG F 104 -20.09 -2.60 -41.11
C ARG F 104 -20.64 -2.32 -39.71
N MET F 105 -19.80 -2.41 -38.69
CA MET F 105 -20.27 -2.15 -37.33
C MET F 105 -20.57 -0.65 -37.23
N THR F 106 -21.85 -0.30 -37.19
CA THR F 106 -22.32 1.09 -37.08
C THR F 106 -21.79 1.70 -35.78
N GLN F 107 -20.56 2.19 -35.88
CA GLN F 107 -19.84 2.79 -34.77
C GLN F 107 -18.40 2.96 -35.26
N PHE F 108 -18.05 2.13 -36.24
CA PHE F 108 -16.73 2.14 -36.84
C PHE F 108 -16.58 3.40 -37.71
N LYS F 109 -17.51 4.33 -37.54
CA LYS F 109 -17.45 5.60 -38.22
C LYS F 109 -16.26 6.34 -37.63
N GLU F 110 -15.81 5.89 -36.45
CA GLU F 110 -14.65 6.47 -35.76
C GLU F 110 -13.38 6.36 -36.61
N LYS F 111 -13.51 5.80 -37.82
CA LYS F 111 -12.38 5.68 -38.73
C LYS F 111 -11.91 7.03 -39.20
N SER F 112 -12.59 8.07 -38.68
CA SER F 112 -12.23 9.45 -38.93
C SER F 112 -12.11 9.94 -40.36
N ALA F 113 -13.12 9.63 -41.16
CA ALA F 113 -13.20 10.06 -42.55
C ALA F 113 -11.86 9.96 -43.26
N GLY F 114 -11.10 8.93 -42.91
CA GLY F 114 -9.79 8.74 -43.51
C GLY F 114 -8.67 9.11 -42.55
N LYS F 115 -8.86 8.78 -41.26
CA LYS F 115 -7.86 9.06 -40.24
C LYS F 115 -6.78 7.98 -40.19
N GLU F 116 -7.19 6.72 -40.36
CA GLU F 116 -6.31 5.54 -40.35
C GLU F 116 -5.50 5.37 -39.05
N ALA F 117 -5.19 6.48 -38.38
CA ALA F 117 -4.43 6.49 -37.13
C ALA F 117 -5.26 6.02 -35.94
N VAL F 118 -5.95 4.91 -36.11
CA VAL F 118 -6.77 4.34 -35.05
C VAL F 118 -6.16 3.00 -34.65
N SER F 119 -6.33 2.64 -33.37
CA SER F 119 -5.82 1.36 -32.86
C SER F 119 -6.67 0.25 -33.46
N ALA F 120 -6.04 -0.83 -33.92
CA ALA F 120 -6.78 -1.97 -34.47
C ALA F 120 -7.76 -2.47 -33.41
N GLY F 121 -7.45 -2.17 -32.15
CA GLY F 121 -8.30 -2.57 -31.06
C GLY F 121 -9.70 -1.99 -31.21
N LEU F 122 -9.79 -0.87 -31.92
CA LEU F 122 -11.06 -0.23 -32.16
C LEU F 122 -11.85 -1.09 -33.12
N LEU F 123 -11.23 -1.51 -34.22
CA LEU F 123 -11.90 -2.36 -35.21
C LEU F 123 -12.24 -3.77 -34.74
N THR F 124 -11.49 -4.26 -33.75
CA THR F 124 -11.65 -5.64 -33.29
C THR F 124 -12.14 -5.88 -31.86
N TYR F 125 -12.63 -4.86 -31.18
CA TYR F 125 -13.09 -5.09 -29.81
C TYR F 125 -14.37 -5.94 -29.70
N PRO F 126 -15.21 -6.06 -30.78
CA PRO F 126 -16.43 -6.85 -30.77
C PRO F 126 -16.17 -8.32 -30.37
N PRO F 127 -15.26 -9.06 -31.07
CA PRO F 127 -14.92 -10.45 -30.77
C PRO F 127 -14.56 -10.67 -29.30
N LEU F 128 -14.02 -9.63 -28.67
CA LEU F 128 -13.67 -9.69 -27.25
C LEU F 128 -14.89 -9.36 -26.41
N MET F 129 -15.89 -8.72 -27.01
CA MET F 129 -17.11 -8.40 -26.28
C MET F 129 -17.90 -9.69 -26.27
N ALA F 130 -17.92 -10.30 -27.44
CA ALA F 130 -18.57 -11.58 -27.68
C ALA F 130 -17.96 -12.57 -26.67
N ALA F 131 -16.64 -12.63 -26.63
CA ALA F 131 -15.94 -13.49 -25.69
C ALA F 131 -16.41 -13.26 -24.25
N ASP F 132 -16.38 -12.02 -23.79
CA ASP F 132 -16.78 -11.73 -22.42
C ASP F 132 -18.13 -12.32 -22.04
N ILE F 133 -19.09 -12.30 -22.98
CA ILE F 133 -20.43 -12.80 -22.67
C ILE F 133 -20.61 -14.31 -22.73
N LEU F 134 -20.31 -14.89 -23.89
CA LEU F 134 -20.43 -16.33 -24.12
C LEU F 134 -19.70 -17.20 -23.10
N LEU F 135 -18.53 -16.75 -22.65
CA LEU F 135 -17.73 -17.51 -21.69
C LEU F 135 -18.49 -17.87 -20.42
N TYR F 136 -19.57 -17.16 -20.13
CA TYR F 136 -20.30 -17.48 -18.90
C TYR F 136 -21.69 -18.05 -19.11
N ASN F 137 -22.03 -18.41 -20.36
CA ASN F 137 -23.35 -18.94 -20.69
C ASN F 137 -24.35 -17.98 -20.07
N THR F 138 -24.24 -16.72 -20.45
CA THR F 138 -25.13 -15.70 -19.93
C THR F 138 -26.37 -15.75 -20.77
N ASP F 139 -27.49 -15.45 -20.13
CA ASP F 139 -28.77 -15.45 -20.82
C ASP F 139 -29.12 -14.02 -21.18
N ILE F 140 -28.91 -13.12 -20.21
CA ILE F 140 -29.25 -11.72 -20.36
C ILE F 140 -28.04 -10.80 -20.24
N VAL F 141 -27.98 -9.83 -21.14
CA VAL F 141 -26.92 -8.84 -21.14
C VAL F 141 -27.64 -7.50 -21.13
N PRO F 142 -27.75 -6.81 -19.97
CA PRO F 142 -28.41 -5.51 -19.94
C PRO F 142 -27.62 -4.45 -20.73
N VAL F 143 -28.11 -4.09 -21.91
CA VAL F 143 -27.45 -3.10 -22.75
C VAL F 143 -28.36 -1.97 -23.21
N GLY F 144 -27.76 -0.79 -23.32
CA GLY F 144 -28.43 0.42 -23.75
C GLY F 144 -28.89 0.31 -25.20
N GLU F 145 -29.76 1.23 -25.61
CA GLU F 145 -30.33 1.22 -26.96
C GLU F 145 -29.26 1.16 -28.06
N ASP F 146 -28.17 1.89 -27.81
CA ASP F 146 -27.03 1.99 -28.71
C ASP F 146 -26.24 0.68 -28.79
N GLN F 147 -26.20 -0.04 -27.68
CA GLN F 147 -25.47 -1.29 -27.60
C GLN F 147 -26.10 -2.48 -28.34
N LYS F 148 -27.41 -2.44 -28.53
CA LYS F 148 -28.12 -3.53 -29.19
C LYS F 148 -27.38 -4.14 -30.37
N GLN F 149 -26.82 -3.32 -31.22
CA GLN F 149 -26.13 -3.81 -32.40
C GLN F 149 -24.92 -4.68 -32.12
N HIS F 150 -24.32 -4.51 -30.94
CA HIS F 150 -23.18 -5.32 -30.59
C HIS F 150 -23.62 -6.69 -30.11
N ILE F 151 -24.66 -6.72 -29.29
CA ILE F 151 -25.20 -7.98 -28.82
C ILE F 151 -25.61 -8.84 -30.02
N GLU F 152 -26.24 -8.22 -31.02
CA GLU F 152 -26.70 -8.94 -32.21
C GLU F 152 -25.55 -9.71 -32.81
N LEU F 153 -24.41 -9.05 -32.96
CA LEU F 153 -23.24 -9.69 -33.51
C LEU F 153 -22.76 -10.85 -32.64
N THR F 154 -22.71 -10.63 -31.32
CA THR F 154 -22.21 -11.70 -30.47
C THR F 154 -23.13 -12.91 -30.55
N ARG F 155 -24.39 -12.63 -30.82
CA ARG F 155 -25.37 -13.69 -30.97
C ARG F 155 -25.00 -14.51 -32.20
N ASP F 156 -24.85 -13.84 -33.32
CA ASP F 156 -24.49 -14.47 -34.58
C ASP F 156 -23.26 -15.33 -34.45
N LEU F 157 -22.24 -14.83 -33.75
CA LEU F 157 -21.01 -15.60 -33.56
C LEU F 157 -21.31 -16.85 -32.76
N ALA F 158 -22.04 -16.71 -31.65
CA ALA F 158 -22.37 -17.85 -30.78
C ALA F 158 -23.02 -19.00 -31.56
N GLU F 159 -23.96 -18.64 -32.43
CA GLU F 159 -24.64 -19.61 -33.23
C GLU F 159 -23.73 -20.14 -34.31
N ARG F 160 -23.06 -19.25 -35.05
CA ARG F 160 -22.14 -19.69 -36.10
C ARG F 160 -21.16 -20.72 -35.54
N PHE F 161 -20.70 -20.48 -34.32
CA PHE F 161 -19.78 -21.40 -33.65
C PHE F 161 -20.59 -22.67 -33.38
N ASN F 162 -21.68 -22.51 -32.62
CA ASN F 162 -22.58 -23.61 -32.28
C ASN F 162 -22.85 -24.49 -33.50
N LYS F 163 -23.12 -23.89 -34.66
CA LYS F 163 -23.39 -24.71 -35.83
C LYS F 163 -22.17 -25.42 -36.37
N ARG F 164 -21.01 -24.77 -36.36
CA ARG F 164 -19.81 -25.41 -36.87
C ARG F 164 -19.30 -26.55 -35.99
N TYR F 165 -19.24 -26.31 -34.69
CA TYR F 165 -18.71 -27.28 -33.75
C TYR F 165 -19.68 -27.81 -32.73
N GLY F 166 -20.97 -27.71 -33.00
CA GLY F 166 -21.94 -28.21 -32.04
C GLY F 166 -22.36 -27.29 -30.91
N GLU F 167 -23.58 -27.52 -30.44
CA GLU F 167 -24.20 -26.76 -29.38
C GLU F 167 -23.23 -26.62 -28.21
N LEU F 168 -22.70 -25.41 -28.01
CA LEU F 168 -21.80 -25.11 -26.91
C LEU F 168 -22.22 -23.85 -26.20
N PHE F 169 -22.31 -22.76 -26.96
CA PHE F 169 -22.68 -21.46 -26.39
C PHE F 169 -24.17 -21.30 -26.27
N THR F 170 -24.59 -20.46 -25.33
CA THR F 170 -26.00 -20.16 -25.14
C THR F 170 -26.25 -18.86 -25.89
N ILE F 171 -27.29 -18.75 -26.70
CA ILE F 171 -27.53 -17.47 -27.37
C ILE F 171 -28.14 -16.50 -26.34
N PRO F 172 -27.51 -15.32 -26.15
CA PRO F 172 -27.96 -14.31 -25.18
C PRO F 172 -28.98 -13.34 -25.72
N GLU F 173 -29.63 -12.65 -24.79
CA GLU F 173 -30.70 -11.70 -25.09
C GLU F 173 -30.40 -10.34 -24.44
N ALA F 174 -30.67 -9.27 -25.18
CA ALA F 174 -30.43 -7.91 -24.68
C ALA F 174 -31.65 -7.36 -23.97
N ARG F 175 -31.56 -7.19 -22.66
CA ARG F 175 -32.69 -6.69 -21.90
C ARG F 175 -32.54 -5.25 -21.43
N ILE F 176 -33.19 -4.36 -22.18
CA ILE F 176 -33.17 -2.91 -21.99
C ILE F 176 -33.82 -2.32 -20.74
N PRO F 177 -33.27 -1.20 -20.22
CA PRO F 177 -33.78 -0.46 -19.06
C PRO F 177 -35.12 0.25 -19.36
N LYS F 178 -35.63 0.96 -18.37
CA LYS F 178 -36.93 1.60 -18.48
C LYS F 178 -36.94 3.12 -18.82
N VAL F 179 -37.44 3.47 -20.02
CA VAL F 179 -37.46 4.86 -20.51
C VAL F 179 -38.61 5.79 -20.02
N GLY F 180 -38.98 5.61 -18.77
CA GLY F 180 -39.96 6.48 -18.16
C GLY F 180 -39.14 6.98 -16.98
N ALA F 181 -37.91 6.44 -16.97
CA ALA F 181 -36.89 6.67 -15.97
C ALA F 181 -35.60 7.19 -16.62
N ARG F 182 -35.60 7.35 -17.94
CA ARG F 182 -34.44 7.90 -18.64
C ARG F 182 -34.29 9.34 -18.18
N ILE F 183 -33.17 9.63 -17.53
CA ILE F 183 -32.90 10.96 -17.03
C ILE F 183 -32.17 11.80 -18.07
N MET F 184 -32.65 13.04 -18.22
CA MET F 184 -32.11 14.00 -19.16
C MET F 184 -31.08 14.90 -18.48
N SER F 185 -30.36 15.68 -19.27
CA SER F 185 -29.35 16.58 -18.74
C SER F 185 -29.95 17.81 -18.10
N LEU F 186 -29.30 18.29 -17.05
CA LEU F 186 -29.77 19.46 -16.36
C LEU F 186 -29.64 20.77 -17.14
N VAL F 187 -28.77 20.83 -18.15
CA VAL F 187 -28.64 22.07 -18.88
C VAL F 187 -29.50 22.07 -20.13
N ASP F 188 -29.66 20.88 -20.69
CA ASP F 188 -30.46 20.68 -21.87
C ASP F 188 -31.31 19.41 -21.67
N PRO F 189 -32.56 19.58 -21.26
CA PRO F 189 -33.48 18.46 -21.04
C PRO F 189 -33.92 17.69 -22.28
N THR F 190 -33.40 18.06 -23.45
CA THR F 190 -33.76 17.33 -24.67
C THR F 190 -32.67 16.28 -24.86
N LYS F 191 -31.53 16.53 -24.24
CA LYS F 191 -30.37 15.66 -24.31
C LYS F 191 -30.30 14.72 -23.11
N LYS F 192 -29.82 13.51 -23.35
CA LYS F 192 -29.67 12.50 -22.31
C LYS F 192 -28.51 12.80 -21.36
N MET F 193 -28.70 12.67 -20.04
CA MET F 193 -27.60 12.93 -19.11
C MET F 193 -26.47 11.90 -19.34
N SER F 194 -25.19 12.30 -19.37
CA SER F 194 -24.09 11.30 -19.50
C SER F 194 -22.79 11.87 -18.97
N LYS F 195 -21.81 11.00 -18.66
CA LYS F 195 -20.51 11.45 -18.17
C LYS F 195 -19.84 12.25 -19.27
N SER F 196 -19.98 11.80 -20.51
CA SER F 196 -19.34 12.47 -21.65
C SER F 196 -19.89 13.83 -22.04
N ASP F 197 -20.70 14.46 -21.21
CA ASP F 197 -21.23 15.78 -21.55
C ASP F 197 -20.15 16.80 -21.19
N PRO F 198 -19.68 17.56 -22.18
CA PRO F 198 -18.64 18.59 -21.97
C PRO F 198 -19.01 19.60 -20.89
N ASN F 199 -20.29 19.86 -20.67
CA ASN F 199 -20.64 20.80 -19.63
C ASN F 199 -20.86 20.05 -18.33
N PRO F 200 -19.92 20.14 -17.38
CA PRO F 200 -19.98 19.47 -16.08
C PRO F 200 -21.22 19.72 -15.28
N LYS F 201 -21.97 20.73 -15.66
CA LYS F 201 -23.19 21.12 -14.96
C LYS F 201 -24.40 20.30 -15.41
N ALA F 202 -24.21 19.54 -16.49
CA ALA F 202 -25.28 18.71 -17.03
C ALA F 202 -25.57 17.46 -16.21
N TYR F 203 -24.58 16.99 -15.44
CA TYR F 203 -24.78 15.77 -14.66
C TYR F 203 -24.31 15.82 -13.21
N ILE F 204 -24.99 15.07 -12.35
CA ILE F 204 -24.62 14.98 -10.94
C ILE F 204 -23.95 13.62 -10.77
N THR F 205 -22.67 13.61 -10.38
CA THR F 205 -21.94 12.37 -10.17
C THR F 205 -22.25 11.80 -8.81
N LEU F 206 -22.25 10.48 -8.68
CA LEU F 206 -22.52 9.88 -7.39
C LEU F 206 -21.52 10.46 -6.37
N LEU F 207 -20.36 10.87 -6.84
CA LEU F 207 -19.38 11.41 -5.93
C LEU F 207 -19.33 12.94 -5.87
N ASP F 208 -20.43 13.59 -6.25
CA ASP F 208 -20.49 15.04 -6.16
C ASP F 208 -20.77 15.35 -4.70
N ASP F 209 -20.09 16.38 -4.21
CA ASP F 209 -20.23 16.85 -2.84
C ASP F 209 -21.51 17.67 -2.74
N ALA F 210 -22.09 17.69 -1.54
CA ALA F 210 -23.32 18.41 -1.28
C ALA F 210 -23.30 19.79 -1.92
N LYS F 211 -22.26 20.56 -1.64
CA LYS F 211 -22.21 21.90 -2.22
C LYS F 211 -22.31 21.91 -3.75
N THR F 212 -21.72 20.92 -4.40
CA THR F 212 -21.77 20.86 -5.85
C THR F 212 -23.09 20.35 -6.39
N ILE F 213 -23.74 19.48 -5.62
CA ILE F 213 -25.03 18.92 -6.02
C ILE F 213 -26.01 20.07 -6.05
N GLU F 214 -26.08 20.76 -4.91
CA GLU F 214 -26.97 21.89 -4.75
C GLU F 214 -26.76 22.94 -5.84
N LYS F 215 -25.51 23.34 -6.07
CA LYS F 215 -25.22 24.35 -7.08
C LYS F 215 -25.62 23.87 -8.49
N LYS F 216 -25.60 22.56 -8.69
CA LYS F 216 -25.98 21.96 -9.97
C LYS F 216 -27.51 21.92 -10.11
N ILE F 217 -28.21 21.68 -9.00
CA ILE F 217 -29.69 21.62 -9.01
C ILE F 217 -30.27 23.03 -9.22
N LYS F 218 -29.50 24.05 -8.81
CA LYS F 218 -29.88 25.46 -8.99
C LYS F 218 -29.85 25.75 -10.47
N SER F 219 -28.70 25.47 -11.08
CA SER F 219 -28.51 25.68 -12.51
C SER F 219 -29.53 24.90 -13.36
N ALA F 220 -30.12 23.83 -12.80
CA ALA F 220 -31.09 22.98 -13.50
C ALA F 220 -32.13 23.82 -14.26
N VAL F 221 -31.94 24.00 -15.56
CA VAL F 221 -32.89 24.82 -16.32
C VAL F 221 -34.34 24.41 -16.12
N THR F 222 -35.20 25.40 -16.02
CA THR F 222 -36.62 25.19 -15.82
C THR F 222 -37.32 26.02 -16.89
N ASP F 223 -38.52 26.50 -16.59
CA ASP F 223 -39.24 27.32 -17.54
C ASP F 223 -39.79 28.58 -16.87
N SER F 224 -40.66 29.28 -17.58
CA SER F 224 -41.26 30.51 -17.10
C SER F 224 -42.70 30.35 -16.66
N GLU F 225 -43.34 29.21 -16.96
CA GLU F 225 -44.72 29.04 -16.53
C GLU F 225 -44.72 29.14 -15.01
N GLY F 226 -43.63 28.70 -14.39
CA GLY F 226 -43.52 28.75 -12.94
C GLY F 226 -44.37 27.73 -12.19
N THR F 227 -44.91 26.72 -12.86
CA THR F 227 -45.74 25.73 -12.17
C THR F 227 -45.18 24.31 -12.22
N ILE F 228 -45.24 23.61 -11.09
CA ILE F 228 -44.74 22.23 -10.99
C ILE F 228 -45.82 21.31 -11.57
N ARG F 229 -45.59 20.88 -12.81
CA ARG F 229 -46.53 20.05 -13.51
C ARG F 229 -45.77 19.33 -14.60
N TYR F 230 -46.04 18.05 -14.79
CA TYR F 230 -45.35 17.29 -15.83
C TYR F 230 -45.75 17.70 -17.25
N ASP F 231 -44.78 17.60 -18.16
CA ASP F 231 -45.01 17.92 -19.56
C ASP F 231 -43.76 17.60 -20.34
N LYS F 232 -43.70 16.42 -20.95
CA LYS F 232 -42.53 16.04 -21.74
C LYS F 232 -42.16 17.19 -22.70
N GLU F 233 -43.02 17.48 -23.67
CA GLU F 233 -42.80 18.60 -24.60
C GLU F 233 -43.40 19.78 -23.84
N ALA F 234 -42.97 21.00 -24.18
CA ALA F 234 -43.44 22.22 -23.52
C ALA F 234 -42.69 22.50 -22.21
N LYS F 235 -42.75 21.57 -21.26
CA LYS F 235 -42.07 21.76 -19.97
C LYS F 235 -41.06 20.66 -19.66
N PRO F 236 -39.97 20.57 -20.46
CA PRO F 236 -38.94 19.54 -20.27
C PRO F 236 -38.35 19.53 -18.90
N GLY F 237 -37.53 20.55 -18.69
CA GLY F 237 -36.82 20.72 -17.43
C GLY F 237 -37.54 20.29 -16.17
N ILE F 238 -38.70 20.89 -15.88
CA ILE F 238 -39.40 20.53 -14.66
C ILE F 238 -39.79 19.07 -14.62
N SER F 239 -40.09 18.53 -15.79
CA SER F 239 -40.45 17.14 -15.89
C SER F 239 -39.28 16.31 -15.40
N ASN F 240 -38.12 16.53 -16.02
CA ASN F 240 -36.90 15.81 -15.70
C ASN F 240 -36.58 15.89 -14.21
N LEU F 241 -36.64 17.10 -13.65
CA LEU F 241 -36.36 17.28 -12.24
C LEU F 241 -37.29 16.40 -11.39
N LEU F 242 -38.55 16.31 -11.84
CA LEU F 242 -39.57 15.51 -11.16
C LEU F 242 -39.26 14.03 -11.24
N ASN F 243 -38.76 13.59 -12.40
CA ASN F 243 -38.42 12.19 -12.54
C ASN F 243 -37.37 11.89 -11.49
N ILE F 244 -36.31 12.70 -11.49
CA ILE F 244 -35.22 12.57 -10.54
C ILE F 244 -35.81 12.48 -9.13
N TYR F 245 -36.64 13.46 -8.76
CA TYR F 245 -37.25 13.51 -7.44
C TYR F 245 -38.12 12.29 -7.17
N SER F 246 -38.94 11.93 -8.16
CA SER F 246 -39.87 10.82 -8.06
C SER F 246 -39.19 9.48 -7.81
N THR F 247 -38.17 9.18 -8.60
CA THR F 247 -37.47 7.92 -8.46
C THR F 247 -36.62 7.82 -7.19
N LEU F 248 -36.01 8.91 -6.74
CA LEU F 248 -35.18 8.85 -5.54
C LEU F 248 -35.97 8.86 -4.24
N SER F 249 -37.16 9.44 -4.27
CA SER F 249 -37.99 9.49 -3.08
C SER F 249 -39.09 8.45 -3.13
N GLY F 250 -39.33 7.87 -4.29
CA GLY F 250 -40.36 6.86 -4.38
C GLY F 250 -41.76 7.44 -4.24
N GLN F 251 -41.91 8.75 -4.43
CA GLN F 251 -43.23 9.36 -4.37
C GLN F 251 -43.65 9.46 -5.82
N SER F 252 -44.93 9.25 -6.15
CA SER F 252 -45.35 9.36 -7.56
C SER F 252 -45.24 10.79 -8.02
N ILE F 253 -45.25 10.97 -9.34
CA ILE F 253 -45.18 12.32 -9.87
C ILE F 253 -46.47 13.05 -9.48
N GLU F 254 -47.60 12.36 -9.57
CA GLU F 254 -48.90 12.95 -9.24
C GLU F 254 -48.91 13.52 -7.83
N GLU F 255 -48.26 12.81 -6.91
CA GLU F 255 -48.20 13.25 -5.53
C GLU F 255 -47.32 14.48 -5.40
N LEU F 256 -46.20 14.49 -6.11
CA LEU F 256 -45.31 15.64 -6.06
C LEU F 256 -45.99 16.90 -6.56
N GLU F 257 -46.62 16.84 -7.74
CA GLU F 257 -47.31 17.98 -8.32
C GLU F 257 -48.28 18.59 -7.33
N ARG F 258 -49.05 17.73 -6.67
CA ARG F 258 -50.02 18.17 -5.69
C ARG F 258 -49.30 18.80 -4.50
N GLN F 259 -48.20 18.18 -4.11
CA GLN F 259 -47.40 18.62 -2.98
C GLN F 259 -46.74 19.97 -3.21
N TYR F 260 -46.48 20.27 -4.46
CA TYR F 260 -45.86 21.54 -4.80
C TYR F 260 -46.84 22.49 -5.48
N GLU F 261 -48.14 22.19 -5.36
CA GLU F 261 -49.20 22.98 -5.98
C GLU F 261 -48.80 24.39 -6.41
N GLY F 262 -48.75 25.30 -5.45
CA GLY F 262 -48.37 26.68 -5.73
C GLY F 262 -46.95 27.06 -5.29
N LYS F 263 -46.16 26.08 -4.86
CA LYS F 263 -44.79 26.32 -4.44
C LYS F 263 -44.00 26.69 -5.69
N GLY F 264 -43.04 27.59 -5.56
CA GLY F 264 -42.29 28.00 -6.74
C GLY F 264 -41.02 27.22 -6.95
N TYR F 265 -40.52 27.28 -8.18
CA TYR F 265 -39.29 26.60 -8.54
C TYR F 265 -38.17 26.71 -7.50
N GLY F 266 -38.25 27.71 -6.63
CA GLY F 266 -37.23 27.89 -5.61
C GLY F 266 -37.22 26.78 -4.58
N VAL F 267 -38.35 26.55 -3.92
CA VAL F 267 -38.42 25.53 -2.88
C VAL F 267 -38.47 24.13 -3.49
N PHE F 268 -38.91 24.04 -4.73
CA PHE F 268 -38.95 22.73 -5.37
C PHE F 268 -37.51 22.30 -5.61
N LYS F 269 -36.68 23.26 -6.03
CA LYS F 269 -35.29 22.94 -6.26
C LYS F 269 -34.54 22.68 -4.93
N ALA F 270 -34.82 23.46 -3.89
CA ALA F 270 -34.13 23.24 -2.62
C ALA F 270 -34.41 21.82 -2.10
N ASP F 271 -35.70 21.46 -2.05
CA ASP F 271 -36.15 20.14 -1.57
C ASP F 271 -35.61 18.99 -2.41
N LEU F 272 -35.57 19.18 -3.73
CA LEU F 272 -35.01 18.16 -4.59
C LEU F 272 -33.51 18.07 -4.26
N ALA F 273 -32.88 19.22 -4.05
CA ALA F 273 -31.47 19.30 -3.72
C ALA F 273 -31.13 18.46 -2.51
N GLN F 274 -32.00 18.45 -1.50
CA GLN F 274 -31.71 17.64 -0.32
C GLN F 274 -31.91 16.16 -0.59
N VAL F 275 -33.03 15.78 -1.18
CA VAL F 275 -33.30 14.37 -1.43
C VAL F 275 -32.17 13.75 -2.26
N VAL F 276 -31.56 14.55 -3.14
CA VAL F 276 -30.47 14.02 -3.95
C VAL F 276 -29.21 13.90 -3.09
N ILE F 277 -29.00 14.83 -2.16
CA ILE F 277 -27.82 14.78 -1.30
C ILE F 277 -27.97 13.60 -0.35
N GLU F 278 -29.08 13.61 0.36
CA GLU F 278 -29.40 12.55 1.29
C GLU F 278 -29.15 11.18 0.66
N THR F 279 -29.70 10.93 -0.53
CA THR F 279 -29.53 9.64 -1.19
C THR F 279 -28.09 9.22 -1.44
N LEU F 280 -27.21 10.20 -1.65
CA LEU F 280 -25.82 9.89 -1.94
C LEU F 280 -24.89 9.87 -0.76
N ARG F 281 -25.30 10.49 0.34
CA ARG F 281 -24.43 10.55 1.50
C ARG F 281 -23.92 9.14 1.91
N PRO F 282 -24.80 8.19 2.31
CA PRO F 282 -24.36 6.83 2.69
C PRO F 282 -23.51 6.12 1.64
N ILE F 283 -23.81 6.29 0.36
CA ILE F 283 -23.00 5.63 -0.66
C ILE F 283 -21.61 6.24 -0.65
N GLN F 284 -21.53 7.58 -0.53
CA GLN F 284 -20.24 8.26 -0.52
C GLN F 284 -19.38 7.85 0.66
N GLU F 285 -20.02 7.52 1.79
CA GLU F 285 -19.28 7.08 2.96
C GLU F 285 -18.69 5.71 2.63
N ARG F 286 -19.55 4.70 2.54
CA ARG F 286 -19.14 3.32 2.22
C ARG F 286 -18.13 3.27 1.08
N TYR F 287 -18.23 4.24 0.17
CA TYR F 287 -17.30 4.30 -0.94
C TYR F 287 -15.91 4.53 -0.39
N HIS F 288 -15.76 5.58 0.42
CA HIS F 288 -14.45 5.87 0.99
C HIS F 288 -13.93 4.70 1.81
N HIS F 289 -14.80 4.12 2.62
CA HIS F 289 -14.42 2.95 3.42
C HIS F 289 -13.84 1.87 2.53
N TRP F 290 -14.53 1.49 1.46
CA TRP F 290 -14.00 0.44 0.59
C TRP F 290 -12.71 0.86 -0.11
N MET F 291 -12.50 2.16 -0.25
CA MET F 291 -11.30 2.66 -0.91
C MET F 291 -10.04 2.39 -0.13
N GLU F 292 -10.10 2.55 1.19
CA GLU F 292 -8.95 2.35 2.06
C GLU F 292 -8.85 0.96 2.70
N SER F 293 -9.91 0.16 2.59
CA SER F 293 -9.89 -1.16 3.19
C SER F 293 -9.19 -2.19 2.29
N GLU F 294 -8.37 -3.05 2.88
CA GLU F 294 -7.67 -4.08 2.11
C GLU F 294 -8.65 -5.17 1.70
N GLU F 295 -9.87 -5.07 2.22
CA GLU F 295 -10.91 -6.03 1.85
C GLU F 295 -11.30 -5.82 0.40
N LEU F 296 -10.94 -4.67 -0.16
CA LEU F 296 -11.28 -4.39 -1.54
C LEU F 296 -10.53 -5.35 -2.45
N ASP F 297 -9.23 -5.52 -2.22
CA ASP F 297 -8.46 -6.42 -3.05
C ASP F 297 -8.86 -7.85 -2.83
N ARG F 298 -9.26 -8.19 -1.61
CA ARG F 298 -9.70 -9.53 -1.32
C ARG F 298 -10.88 -9.88 -2.23
N VAL F 299 -11.98 -9.15 -2.06
CA VAL F 299 -13.18 -9.37 -2.85
C VAL F 299 -12.94 -9.45 -4.35
N LEU F 300 -12.03 -8.60 -4.83
CA LEU F 300 -11.71 -8.59 -6.25
C LEU F 300 -10.90 -9.82 -6.63
N ASP F 301 -10.21 -10.41 -5.66
CA ASP F 301 -9.44 -11.62 -5.91
C ASP F 301 -10.43 -12.77 -5.99
N GLU F 302 -11.23 -12.91 -4.93
CA GLU F 302 -12.22 -13.96 -4.87
C GLU F 302 -13.04 -13.94 -6.16
N GLY F 303 -13.41 -12.75 -6.59
CA GLY F 303 -14.16 -12.59 -7.82
C GLY F 303 -13.39 -13.13 -9.01
N ALA F 304 -12.12 -12.77 -9.12
CA ALA F 304 -11.27 -13.24 -10.21
C ALA F 304 -11.29 -14.76 -10.34
N GLU F 305 -11.26 -15.46 -9.20
CA GLU F 305 -11.28 -16.94 -9.20
C GLU F 305 -12.63 -17.49 -9.67
N LYS F 306 -13.70 -17.05 -9.01
CA LYS F 306 -15.03 -17.47 -9.39
C LYS F 306 -15.19 -17.26 -10.90
N ALA F 307 -14.62 -16.20 -11.43
CA ALA F 307 -14.77 -15.99 -12.86
C ALA F 307 -13.85 -16.86 -13.68
N ASN F 308 -12.67 -17.13 -13.13
CA ASN F 308 -11.70 -17.91 -13.86
C ASN F 308 -12.04 -19.38 -13.87
N ARG F 309 -12.59 -19.86 -12.77
CA ARG F 309 -12.95 -21.27 -12.68
C ARG F 309 -14.05 -21.64 -13.67
N VAL F 310 -14.92 -20.70 -14.02
CA VAL F 310 -15.99 -20.96 -14.98
C VAL F 310 -15.43 -20.78 -16.39
N ALA F 311 -14.86 -19.59 -16.59
CA ALA F 311 -14.28 -19.20 -17.86
C ALA F 311 -13.25 -20.14 -18.47
N SER F 312 -12.40 -20.75 -17.64
CA SER F 312 -11.38 -21.65 -18.15
C SER F 312 -11.99 -22.96 -18.65
N GLU F 313 -12.98 -23.42 -17.91
CA GLU F 313 -13.65 -24.65 -18.27
C GLU F 313 -14.19 -24.48 -19.68
N MET F 314 -14.85 -23.35 -19.86
CA MET F 314 -15.42 -23.00 -21.14
C MET F 314 -14.38 -22.83 -22.24
N VAL F 315 -13.27 -22.18 -21.96
CA VAL F 315 -12.24 -22.00 -23.00
C VAL F 315 -11.79 -23.38 -23.46
N ARG F 316 -11.53 -24.24 -22.47
CA ARG F 316 -11.07 -25.60 -22.69
C ARG F 316 -11.92 -26.28 -23.74
N LYS F 317 -13.24 -26.30 -23.50
CA LYS F 317 -14.18 -26.90 -24.43
C LYS F 317 -14.10 -26.23 -25.80
N MET F 318 -13.86 -24.92 -25.80
CA MET F 318 -13.76 -24.19 -27.05
C MET F 318 -12.57 -24.67 -27.85
N GLU F 319 -11.47 -24.96 -27.16
CA GLU F 319 -10.28 -25.43 -27.84
C GLU F 319 -10.52 -26.81 -28.38
N GLN F 320 -11.14 -27.65 -27.54
CA GLN F 320 -11.46 -29.04 -27.91
C GLN F 320 -12.12 -29.03 -29.28
N ALA F 321 -13.15 -28.20 -29.39
CA ALA F 321 -13.90 -28.06 -30.63
C ALA F 321 -13.01 -27.71 -31.84
N MET F 322 -12.34 -26.57 -31.79
CA MET F 322 -11.49 -26.13 -32.88
C MET F 322 -10.40 -27.15 -33.18
N GLY F 323 -9.96 -27.85 -32.13
CA GLY F 323 -8.91 -28.85 -32.25
C GLY F 323 -7.52 -28.25 -32.05
N LEU F 324 -7.40 -27.42 -31.02
CA LEU F 324 -6.17 -26.76 -30.69
C LEU F 324 -5.46 -27.52 -29.57
N GLY F 325 -4.14 -27.65 -29.72
CA GLY F 325 -3.33 -28.32 -28.72
C GLY F 325 -3.50 -29.82 -28.57
N ARG F 326 -3.69 -30.21 -27.31
CA ARG F 326 -3.89 -31.59 -26.88
C ARG F 326 -5.01 -31.64 -25.84
PG ATP G . -4.31 -27.88 41.59
O1G ATP G . -5.18 -27.56 40.38
O2G ATP G . -5.08 -27.90 42.89
O3G ATP G . -3.57 -29.16 41.37
PB ATP G . -1.51 -26.73 41.67
O1B ATP G . -0.81 -25.54 42.10
O2B ATP G . -0.82 -27.95 41.30
O3B ATP G . -3.13 -26.73 41.80
PA ATP G . -2.49 -25.03 39.39
O1A ATP G . -3.57 -25.55 38.57
O2A ATP G . -2.29 -23.60 39.70
O3A ATP G . -1.57 -26.11 40.08
O5' ATP G . -1.85 -25.11 38.06
C5' ATP G . -0.95 -25.02 37.18
C4' ATP G . 0.04 -24.17 36.50
O4' ATP G . 0.96 -23.95 37.62
C3' ATP G . 0.50 -25.25 35.57
O3' ATP G . 0.10 -25.11 34.18
C2' ATP G . 2.04 -25.27 35.87
O2' ATP G . 2.75 -24.58 34.86
C1' ATP G . 2.23 -24.61 37.29
N9 ATP G . 2.52 -25.60 38.40
C8 ATP G . 1.77 -25.91 39.55
N7 ATP G . 2.32 -26.79 40.32
C5 ATP G . 3.51 -27.08 39.65
C6 ATP G . 4.61 -27.97 39.95
N6 ATP G . 4.62 -28.74 41.03
N1 ATP G . 5.69 -28.03 39.05
C2 ATP G . 5.68 -27.27 37.93
N3 ATP G . 4.71 -26.42 37.55
C4 ATP G . 3.63 -26.36 38.50
PG ATP H . 49.99 46.59 -6.27
O1G ATP H . 49.68 47.97 -6.80
O2G ATP H . 49.39 45.31 -6.74
O3G ATP H . 51.33 46.47 -5.62
PB ATP H . 52.23 46.28 -8.18
O1B ATP H . 52.44 46.14 -9.59
O2B ATP H . 53.34 46.56 -7.27
O3B ATP H . 50.75 46.30 -7.67
PA ATP H . 51.33 43.46 -8.50
O1A ATP H . 50.44 42.86 -7.52
O2A ATP H . 51.28 43.16 -9.95
O3A ATP H . 52.32 44.59 -8.04
O5' ATP H . 52.15 42.32 -8.03
C5' ATP H . 53.14 41.53 -7.93
C4' ATP H . 53.97 40.46 -8.56
O4' ATP H . 54.52 41.21 -9.65
C3' ATP H . 54.90 40.35 -7.41
O3' ATP H . 54.73 39.24 -6.54
C2' ATP H . 56.27 40.47 -8.14
O2' ATP H . 56.80 39.19 -8.43
C1' ATP H . 55.98 41.29 -9.47
N9 ATP H . 56.32 42.75 -9.34
C8 ATP H . 55.52 43.85 -8.97
N7 ATP H . 56.15 44.98 -8.96
C5 ATP H . 57.44 44.63 -9.34
C6 ATP H . 58.65 45.38 -9.51
N6 ATP H . 58.69 46.69 -9.33
N1 ATP H . 59.82 44.71 -9.91
C2 ATP H . 59.79 43.37 -10.10
N3 ATP H . 58.71 42.57 -9.97
C4 ATP H . 57.55 43.27 -9.57
PG ATP I . 4.26 -24.32 -47.33
O1G ATP I . 4.75 -24.38 -45.92
O2G ATP I . 4.07 -23.05 -48.10
O3G ATP I . 4.47 -25.56 -48.12
PB ATP I . 7.18 -24.76 -47.77
O1B ATP I . 8.22 -24.15 -48.54
O2B ATP I . 7.30 -26.09 -47.22
O3B ATP I . 5.78 -23.98 -47.79
PA ATP I . 7.33 -23.85 -44.98
O1A ATP I . 6.52 -22.73 -44.52
O2A ATP I . 7.67 -24.99 -44.12
O3A ATP I . 7.76 -23.89 -46.46
O5' ATP I . 8.38 -22.88 -44.61
C5' ATP I . 9.57 -22.42 -44.45
C4' ATP I . 10.90 -22.50 -43.78
O4' ATP I . 11.38 -23.76 -44.29
C3' ATP I . 11.44 -21.33 -44.52
O3' ATP I . 11.67 -20.15 -43.77
C2' ATP I . 12.68 -21.94 -45.26
O2' ATP I . 13.88 -21.51 -44.63
C1' ATP I . 12.50 -23.52 -45.22
N9 ATP I . 12.11 -24.10 -46.54
C8 ATP I . 10.88 -24.68 -46.98
N7 ATP I . 10.87 -25.07 -48.22
C5 ATP I . 12.17 -24.76 -48.65
C6 ATP I . 12.86 -24.91 -49.89
N6 ATP I . 12.27 -25.47 -50.97
N1 ATP I . 14.18 -24.48 -50.01
C2 ATP I . 14.79 -23.92 -48.93
N3 ATP I . 14.27 -23.72 -47.71
C4 ATP I . 12.91 -24.17 -47.63
PG ATP J . -47.95 -21.00 18.05
O1G ATP J . -46.76 -20.58 17.27
O2G ATP J . -49.05 -20.01 18.14
O3G ATP J . -48.41 -22.31 17.55
PB ATP J . -48.34 -21.72 20.83
O1B ATP J . -47.60 -22.04 22.02
O2B ATP J . -49.77 -21.99 20.69
O3B ATP J . -47.53 -21.25 19.56
PA ATP J . -47.54 -18.90 21.32
O1A ATP J . -47.89 -17.81 20.41
O2A ATP J . -46.33 -18.86 22.15
O3A ATP J . -48.44 -20.16 21.39
O5' ATP J . -48.55 -18.22 22.16
C5' ATP J . -49.25 -18.11 23.19
C4' ATP J . -50.23 -17.45 24.06
O4' ATP J . -51.48 -17.48 23.27
C3' ATP J . -50.19 -18.47 25.12
O3' ATP J . -50.13 -17.96 26.45
C2' ATP J . -51.41 -19.40 24.78
O2' ATP J . -52.17 -19.70 25.94
C1' ATP J . -52.27 -18.62 23.70
N9 ATP J . -52.69 -19.36 22.47
C8 ATP J . -51.99 -19.68 21.30
N7 ATP J . -52.70 -20.32 20.42
C5 ATP J . -53.94 -20.43 21.04
C6 ATP J . -55.15 -21.02 20.65
N6 ATP J . -55.24 -21.62 19.48
N1 ATP J . -56.26 -20.97 21.51
C2 ATP J . -56.14 -20.35 22.71
N3 ATP J . -55.03 -19.76 23.21
C4 ATP J . -53.93 -19.84 22.29
PG ATP K . 15.25 17.81 14.97
O1G ATP K . 16.07 18.98 15.46
O2G ATP K . 14.49 16.89 15.83
O3G ATP K . 14.80 17.91 13.56
PB ATP K . 12.46 18.49 15.27
O1B ATP K . 11.66 19.47 15.93
O2B ATP K . 11.90 17.21 14.79
O3B ATP K . 14.00 18.73 15.31
PA ATP K . 13.29 19.89 12.68
O1A ATP K . 13.41 19.13 11.46
O2A ATP K . 14.15 21.04 12.99
O3A ATP K . 12.29 19.39 13.80
O5' ATP K . 12.26 20.56 11.87
C5' ATP K . 11.33 21.39 11.59
C4' ATP K . 10.09 21.76 10.87
O4' ATP K . 9.12 20.82 11.40
C3' ATP K . 10.03 23.10 11.47
O3' ATP K . 9.99 24.19 10.53
C2' ATP K . 8.81 23.01 12.47
O2' ATP K . 7.81 23.94 12.14
C1' ATP K . 8.26 21.50 12.36
N9 ATP K . 8.33 20.69 13.64
C8 ATP K . 9.36 19.90 14.16
N7 ATP K . 9.09 19.34 15.29
C5 ATP K . 7.81 19.78 15.57
C6 ATP K . 6.93 19.53 16.66
N6 ATP K . 7.29 18.74 17.68
N1 ATP K . 5.67 20.12 16.67
C2 ATP K . 5.29 20.94 15.64
N3 ATP K . 6.04 21.25 14.54
C4 ATP K . 7.32 20.61 14.58
PG ATP L . -21.19 7.69 -20.73
O1G ATP L . -20.58 6.33 -20.83
O2G ATP L . -20.85 8.44 -19.51
O3G ATP L . -20.89 8.51 -21.95
PB ATP L . -23.74 7.70 -19.46
O1B ATP L . -25.12 7.82 -19.79
O2B ATP L . -23.25 7.86 -18.10
O3B ATP L . -22.77 7.60 -20.66
PA ATP L . -23.07 4.78 -19.73
O1A ATP L . -22.36 4.13 -18.62
O2A ATP L . -22.88 4.40 -21.14
O3A ATP L . -23.98 6.00 -19.38
O5' ATP L . -24.03 3.73 -19.35
C5' ATP L . -25.10 3.05 -19.40
C4' ATP L . -26.09 2.19 -18.75
O4' ATP L . -26.68 3.05 -17.74
C3' ATP L . -26.94 2.03 -19.95
O3' ATP L . -27.19 0.68 -20.35
C2' ATP L . -28.20 2.87 -19.62
O2' ATP L . -29.38 2.11 -19.71
C1' ATP L . -27.99 3.50 -18.19
N9 ATP L . -27.98 4.98 -18.20
C8 ATP L . -26.97 5.87 -18.60
N7 ATP L . -27.30 7.11 -18.48
C5 ATP L . -28.58 7.07 -18.02
C6 ATP L . -29.49 8.12 -17.67
N6 ATP L . -29.16 9.37 -17.85
N1 ATP L . -30.77 7.75 -17.19
C2 ATP L . -31.08 6.45 -17.02
N3 ATP L . -30.29 5.37 -17.32
C4 ATP L . -29.02 5.77 -17.80
#